data_6QV4
#
_entry.id   6QV4
#
_cell.length_a   124.818
_cell.length_b   124.818
_cell.length_c   127.087
_cell.angle_alpha   90.00
_cell.angle_beta   90.00
_cell.angle_gamma   120.00
#
_symmetry.space_group_name_H-M   'P 31'
#
loop_
_entity.id
_entity.type
_entity.pdbx_description
1 polymer 'Pre-mRNA splicing helicase-like protein'
2 non-polymer 'MANGANESE (II) ION'
3 non-polymer 'PHOSPHOTHIOPHOSPHORIC ACID-ADENYLATE ESTER'
4 non-polymer 'ACETATE ION'
5 water water
#
_entity_poly.entity_id   1
_entity_poly.type   'polypeptide(L)'
_entity_poly.pdbx_seq_one_letter_code
;GAEFTNPRVRMPEGTTKRVFKGYEEIHVPPPKKRSDPTDQNIPVTELPEWARIPFNTTKTLNKIQSKCFPTAFLDDGNML
VCAPTGSGKTNVAMLTMLREIGKNRNEKGEIDLDAFKIVYIAPLKALVQEQVGNFGKRLEPYGIKVSELTGDRQLTKQQI
SETQVIVTTPEKWDVITRKATDISYTNLVRLIIIDEIHLLHDDRGPVLESIVSRTIRRTEQTGEPVRIIGLSATLPNYRD
VASFLRVDFEKGLFYFDGSYRPCPLRQEFIGVTDKKAIKQLKTMNDITYQKVLEHVGQNRNQMLIFVHSRKETAKTAKYI
RDKALEMDTINQILKHDAGTREVLQEAASSVNNTDLKDLLPYGFGIHHAGMSRADRTDVEDLFASGHIQVLVCTATLAWG
VNLPAHTVIIKGTQVYSPEKGSWVELSPQDVLQMLGRAGRPQYDTYGEGIIITTQGEIPYYLSLLNQQLPIESQLVSKLV
DSLNAEIVLGNVRNRDEGVEWLGYTYLFVRMLRSPGLYSVGAEYEDDVALEQKRVDLIHSAAMVLKKSNLIKYDEKTGKM
QATELGRIASHYYISHESMDTYNKLIHPAMNDVELFRVFAQSGEFKYIPVRQEEKLELAKLLARVPIPVKESIEEPTAKI
NVLLQAYISRLKLEGLALMADMVYVTQSAGRILRAIFEICLKKGWASVAKLALNMCKMAEKRMWPTMSPLRQYPTCPAEI
IKKAERMDVPWSSYFDLDPPRMGELLGMPKAGKTVCALVSKFPRVEIQGNVQPMTRSMLRIELTITPNFQWDVELHGVTE
SFWILVEDCDGEEILFHDVFILRKDLAEAEENEHTVEFTVPISEPMPPNYFISVISDRWMHSETRMPVSFQKLILPERFP
PHTELLDLQPLPVSALKAKDYAALYPNWQQFNKIQTQTFNSLYNTDNNVLVAAPTGSGKTVCAEFALLRHWAKKDAGRAV
YIAPFQELVDLRFQDWQKRLSHLRGGKEIVKLTGETTTDLKLLEQGDLILATPLQWDVLSRQWKRRKNVQTVELFIADDL
HMLGGQMGYIYEIVVSRMHFIRTQTELPMRIVGLSVSLANARDIGEWIDAKKHDIYNFSPHVRPVPLELHIQSYTIPHFP
SLMLAMAKPTYLAITQLSPDQPAIVFVPSRKQTRATARDLLTACLADDDEDRFLHVEVDQIRKLLDHVQEEALAEALSHG
VGYYHEALSQSDKRIVKHLYNNGAIQVLIASRDVCWELDFTAHLVVVMGTQFFEGKEHRYIDYPLSEVLQMFGKALQPSK
DGRSRGVLMLPAVKREYYKKFLNEALPVESHLHNFLPDAFVTEISTKMIESGEDAINWATFTYFYRRLLANPSYYGLQDP
THDGLSQYLSDLVETTLKQLSDARIIEMDEDEGTVAPLNAAMIAAYYNISYMTMEMFLLSLSHKSKLRTILEIVTAATEF
ESIQTRRHEEGILKRIYDHVPVKMNNPVWDSAHFKAFVLVQAHFSRMNLPIDLAKDQEVILQKILSLLSAIVDILSSEGH
LNALNAMEMSQMVVQAMWDRDSPLKQIPNFTPEVVKVANKYGINDIFDFMEQMNPEENPNYASLVKDLGLTQAQLAQAAN
FTNNKYPDITLEFEVDDPDNIRAGEPAYLKIHIERELEEDEEFDPTVHAPFYPGKKSENWWLVVGEESTKTLLAIKRVTV
GKELNVKLEFVVPSPGKHDLKLFLMSDSYVGVDQDPSFSVNVAEG
;
_entity_poly.pdbx_strand_id   A
#
# COMPACT_ATOMS: atom_id res chain seq x y z
N ARG A 10 28.46 -20.08 -45.35
CA ARG A 10 27.06 -19.69 -45.22
C ARG A 10 26.45 -19.33 -46.58
N MET A 11 25.98 -20.34 -47.31
CA MET A 11 25.29 -20.12 -48.59
C MET A 11 24.09 -21.04 -48.72
N PRO A 12 23.08 -20.88 -47.86
CA PRO A 12 21.79 -21.53 -48.13
C PRO A 12 20.85 -20.57 -48.85
N GLU A 13 20.10 -21.11 -49.80
CA GLU A 13 19.22 -20.28 -50.62
C GLU A 13 18.18 -21.17 -51.29
N GLY A 14 17.43 -20.57 -52.21
CA GLY A 14 16.35 -21.27 -52.90
C GLY A 14 16.81 -21.90 -54.20
N THR A 15 16.27 -21.43 -55.33
CA THR A 15 16.53 -22.06 -56.61
C THR A 15 17.21 -21.15 -57.62
N THR A 16 16.63 -19.98 -57.90
CA THR A 16 16.95 -19.24 -59.12
C THR A 16 17.54 -17.87 -58.82
N LYS A 17 18.52 -17.48 -59.64
CA LYS A 17 19.06 -16.13 -59.68
C LYS A 17 18.89 -15.57 -61.08
N ARG A 18 18.72 -14.25 -61.18
CA ARG A 18 18.57 -13.58 -62.46
C ARG A 18 19.33 -12.26 -62.41
N VAL A 19 20.45 -12.19 -63.14
CA VAL A 19 21.27 -10.98 -63.17
C VAL A 19 20.66 -9.98 -64.15
N PHE A 20 20.66 -8.71 -63.76
CA PHE A 20 20.14 -7.65 -64.60
C PHE A 20 21.18 -6.54 -64.77
N LYS A 21 20.76 -5.41 -65.35
CA LYS A 21 21.70 -4.33 -65.63
C LYS A 21 22.36 -3.81 -64.36
N GLY A 22 21.58 -3.57 -63.32
CA GLY A 22 22.11 -3.01 -62.09
C GLY A 22 21.67 -3.73 -60.84
N TYR A 23 20.71 -4.66 -60.97
CA TYR A 23 20.18 -5.40 -59.84
C TYR A 23 20.23 -6.89 -60.14
N GLU A 24 20.00 -7.70 -59.11
CA GLU A 24 20.07 -9.16 -59.20
C GLU A 24 18.84 -9.74 -58.51
N GLU A 25 17.89 -10.24 -59.29
CA GLU A 25 16.67 -10.83 -58.75
C GLU A 25 16.97 -12.27 -58.33
N ILE A 26 16.88 -12.53 -57.02
CA ILE A 26 16.96 -13.88 -56.48
C ILE A 26 15.54 -14.32 -56.13
N HIS A 27 15.07 -15.37 -56.79
CA HIS A 27 13.71 -15.87 -56.61
C HIS A 27 13.76 -17.21 -55.88
N VAL A 28 13.17 -17.24 -54.69
CA VAL A 28 13.01 -18.47 -53.92
C VAL A 28 11.56 -18.92 -54.05
N PRO A 29 11.29 -20.14 -54.52
CA PRO A 29 9.91 -20.55 -54.76
C PRO A 29 9.16 -20.68 -53.45
N PRO A 30 7.85 -20.49 -53.46
CA PRO A 30 7.05 -20.71 -52.25
C PRO A 30 6.87 -22.19 -51.99
N PRO A 31 7.16 -22.66 -50.79
CA PRO A 31 7.06 -24.10 -50.51
C PRO A 31 5.61 -24.57 -50.56
N LYS A 32 5.41 -25.77 -51.08
CA LYS A 32 4.08 -26.37 -51.09
C LYS A 32 3.61 -26.61 -49.67
N LYS A 33 2.29 -26.59 -49.48
CA LYS A 33 1.71 -26.75 -48.15
C LYS A 33 2.15 -28.06 -47.50
N ARG A 34 2.36 -29.10 -48.31
CA ARG A 34 2.82 -30.41 -47.82
C ARG A 34 1.95 -30.91 -46.67
N SER A 35 0.64 -30.89 -46.88
CA SER A 35 -0.32 -31.39 -45.90
C SER A 35 -0.58 -32.89 -46.07
N ASP A 36 0.34 -33.60 -46.71
CA ASP A 36 0.19 -35.05 -46.85
C ASP A 36 0.04 -35.78 -45.52
N PRO A 37 0.80 -35.45 -44.44
CA PRO A 37 0.52 -36.09 -43.15
C PRO A 37 -0.89 -35.79 -42.66
N THR A 38 -1.73 -36.81 -42.60
CA THR A 38 -3.12 -36.64 -42.19
C THR A 38 -3.28 -36.53 -40.68
N ASP A 39 -2.19 -36.61 -39.91
CA ASP A 39 -2.27 -36.48 -38.47
C ASP A 39 -2.63 -35.07 -38.01
N GLN A 40 -2.69 -34.11 -38.93
CA GLN A 40 -3.11 -32.76 -38.59
C GLN A 40 -4.60 -32.76 -38.28
N ASN A 41 -4.96 -32.30 -37.08
CA ASN A 41 -6.31 -32.47 -36.57
C ASN A 41 -7.26 -31.39 -37.05
N ILE A 42 -6.83 -30.12 -37.04
CA ILE A 42 -7.71 -28.98 -37.34
C ILE A 42 -8.94 -29.08 -36.45
N PRO A 43 -8.83 -28.77 -35.15
CA PRO A 43 -9.89 -29.11 -34.22
C PRO A 43 -11.11 -28.20 -34.40
N VAL A 44 -12.27 -28.82 -34.50
CA VAL A 44 -13.52 -28.07 -34.57
C VAL A 44 -13.77 -27.39 -33.25
N THR A 45 -14.30 -26.17 -33.29
CA THR A 45 -14.56 -25.41 -32.07
C THR A 45 -15.77 -25.98 -31.35
N GLU A 46 -15.61 -27.17 -30.76
CA GLU A 46 -16.63 -27.78 -29.90
C GLU A 46 -16.17 -27.80 -28.45
N LEU A 47 -15.40 -26.78 -28.04
CA LEU A 47 -14.88 -26.68 -26.70
C LEU A 47 -16.02 -26.44 -25.72
N PRO A 48 -15.74 -26.41 -24.39
CA PRO A 48 -16.77 -26.02 -23.42
C PRO A 48 -17.39 -24.67 -23.73
N GLU A 49 -18.47 -24.33 -23.02
CA GLU A 49 -19.18 -23.08 -23.29
C GLU A 49 -18.23 -21.89 -23.19
N TRP A 50 -17.46 -21.80 -22.12
CA TRP A 50 -16.40 -20.81 -22.06
C TRP A 50 -15.23 -21.23 -22.97
N ALA A 51 -14.40 -20.26 -23.31
CA ALA A 51 -13.30 -20.35 -24.27
C ALA A 51 -13.78 -20.43 -25.71
N ARG A 52 -15.10 -20.41 -25.94
CA ARG A 52 -15.65 -20.39 -27.30
C ARG A 52 -16.10 -19.00 -27.73
N ILE A 53 -16.32 -18.10 -26.80
CA ILE A 53 -16.79 -16.74 -27.09
C ILE A 53 -15.69 -15.91 -27.76
N PRO A 54 -14.41 -16.01 -27.35
CA PRO A 54 -13.38 -15.29 -28.12
C PRO A 54 -13.27 -15.76 -29.56
N PHE A 55 -13.45 -17.06 -29.81
CA PHE A 55 -13.34 -17.61 -31.17
C PHE A 55 -14.73 -17.56 -31.83
N ASN A 56 -15.07 -16.37 -32.33
CA ASN A 56 -16.34 -16.16 -33.02
C ASN A 56 -16.21 -15.88 -34.50
N THR A 57 -15.14 -15.20 -34.93
CA THR A 57 -14.98 -14.87 -36.33
C THR A 57 -14.72 -16.10 -37.19
N THR A 58 -14.25 -17.20 -36.60
CA THR A 58 -14.02 -18.43 -37.32
C THR A 58 -14.29 -19.61 -36.39
N LYS A 59 -14.91 -20.66 -36.94
CA LYS A 59 -15.32 -21.82 -36.17
C LYS A 59 -14.31 -22.97 -36.25
N THR A 60 -13.15 -22.74 -36.84
CA THR A 60 -12.12 -23.76 -36.96
C THR A 60 -10.75 -23.18 -36.63
N LEU A 61 -9.91 -23.99 -36.02
CA LEU A 61 -8.53 -23.62 -35.71
C LEU A 61 -7.59 -24.26 -36.73
N ASN A 62 -6.52 -23.54 -37.07
CA ASN A 62 -5.60 -24.01 -38.10
C ASN A 62 -4.74 -25.14 -37.54
N LYS A 63 -3.78 -25.59 -38.34
CA LYS A 63 -2.97 -26.75 -37.97
C LYS A 63 -1.99 -26.44 -36.85
N ILE A 64 -1.50 -25.20 -36.79
CA ILE A 64 -0.54 -24.83 -35.74
C ILE A 64 -1.25 -24.74 -34.39
N GLN A 65 -2.36 -24.00 -34.34
CA GLN A 65 -3.17 -24.00 -33.12
C GLN A 65 -3.69 -25.39 -32.79
N SER A 66 -3.88 -26.22 -33.81
CA SER A 66 -4.24 -27.63 -33.58
C SER A 66 -3.15 -28.34 -32.79
N LYS A 67 -1.92 -28.29 -33.30
CA LYS A 67 -0.81 -28.98 -32.65
C LYS A 67 -0.52 -28.38 -31.27
N CYS A 68 -0.87 -27.11 -31.06
CA CYS A 68 -0.57 -26.45 -29.79
C CYS A 68 -1.69 -26.56 -28.77
N PHE A 69 -2.92 -26.89 -29.19
CA PHE A 69 -4.05 -26.89 -28.27
C PHE A 69 -3.89 -27.82 -27.07
N PRO A 70 -3.45 -29.08 -27.23
CA PRO A 70 -3.41 -29.97 -26.04
C PRO A 70 -2.60 -29.42 -24.89
N THR A 71 -1.39 -28.95 -25.14
CA THR A 71 -0.54 -28.43 -24.06
C THR A 71 -0.89 -27.00 -23.67
N ALA A 72 -1.59 -26.26 -24.53
CA ALA A 72 -1.96 -24.89 -24.21
C ALA A 72 -3.26 -24.79 -23.43
N PHE A 73 -4.14 -25.78 -23.56
CA PHE A 73 -5.44 -25.73 -22.91
C PHE A 73 -5.57 -26.66 -21.72
N LEU A 74 -4.69 -27.66 -21.58
CA LEU A 74 -4.70 -28.56 -20.43
C LEU A 74 -3.45 -28.42 -19.58
N ASP A 75 -2.27 -28.54 -20.18
CA ASP A 75 -1.03 -28.49 -19.41
C ASP A 75 -0.80 -27.07 -18.89
N ASP A 76 0.11 -26.97 -17.92
CA ASP A 76 0.50 -25.69 -17.35
C ASP A 76 1.95 -25.32 -17.62
N GLY A 77 2.74 -26.23 -18.18
CA GLY A 77 4.16 -25.97 -18.37
C GLY A 77 4.43 -24.86 -19.36
N ASN A 78 5.66 -24.35 -19.29
CA ASN A 78 6.09 -23.30 -20.20
C ASN A 78 6.05 -23.79 -21.65
N MET A 79 6.04 -22.84 -22.58
CA MET A 79 5.83 -23.20 -23.97
C MET A 79 6.55 -22.21 -24.88
N LEU A 80 7.04 -22.74 -26.00
CA LEU A 80 7.65 -21.92 -27.05
C LEU A 80 7.13 -22.39 -28.39
N VAL A 81 6.59 -21.47 -29.18
CA VAL A 81 6.14 -21.77 -30.53
C VAL A 81 6.93 -20.93 -31.51
N CYS A 82 7.32 -21.55 -32.63
CA CYS A 82 8.12 -20.90 -33.67
C CYS A 82 7.42 -21.16 -35.00
N ALA A 83 6.65 -20.19 -35.46
CA ALA A 83 5.88 -20.28 -36.68
C ALA A 83 6.37 -19.24 -37.68
N PRO A 84 6.03 -19.39 -38.98
CA PRO A 84 6.39 -18.35 -39.94
C PRO A 84 5.65 -17.04 -39.68
N THR A 85 5.96 -16.02 -40.47
CA THR A 85 5.36 -14.71 -40.26
C THR A 85 3.93 -14.69 -40.82
N GLY A 86 3.01 -14.13 -40.04
CA GLY A 86 1.61 -14.12 -40.40
C GLY A 86 0.98 -15.49 -40.32
N SER A 87 1.21 -16.20 -39.22
CA SER A 87 0.82 -17.60 -39.09
C SER A 87 -0.43 -17.81 -38.25
N GLY A 88 -0.68 -16.98 -37.25
CA GLY A 88 -1.81 -17.18 -36.37
C GLY A 88 -1.40 -17.61 -34.98
N LYS A 89 -0.26 -17.11 -34.51
CA LYS A 89 0.26 -17.51 -33.20
C LYS A 89 -0.50 -16.84 -32.05
N THR A 90 -1.21 -15.75 -32.30
CA THR A 90 -1.90 -15.04 -31.24
C THR A 90 -2.97 -15.92 -30.58
N ASN A 91 -3.60 -16.81 -31.35
CA ASN A 91 -4.64 -17.65 -30.79
C ASN A 91 -4.08 -18.76 -29.91
N VAL A 92 -2.80 -19.14 -30.09
CA VAL A 92 -2.15 -20.04 -29.14
C VAL A 92 -2.08 -19.39 -27.77
N ALA A 93 -1.58 -18.15 -27.73
CA ALA A 93 -1.57 -17.38 -26.50
C ALA A 93 -2.99 -17.20 -25.96
N MET A 94 -3.97 -17.03 -26.85
CA MET A 94 -5.36 -16.92 -26.41
C MET A 94 -5.81 -18.19 -25.70
N LEU A 95 -5.41 -19.36 -26.23
CA LEU A 95 -5.75 -20.61 -25.57
C LEU A 95 -5.15 -20.68 -24.17
N THR A 96 -3.88 -20.27 -24.03
CA THR A 96 -3.29 -20.29 -22.70
C THR A 96 -4.00 -19.31 -21.76
N MET A 97 -4.40 -18.14 -22.28
CA MET A 97 -5.17 -17.19 -21.49
C MET A 97 -6.48 -17.81 -21.02
N LEU A 98 -7.17 -18.52 -21.91
CA LEU A 98 -8.44 -19.14 -21.54
C LEU A 98 -8.24 -20.23 -20.50
N ARG A 99 -7.14 -20.97 -20.58
CA ARG A 99 -6.86 -21.97 -19.54
C ARG A 99 -6.65 -21.30 -18.19
N GLU A 100 -5.87 -20.22 -18.16
CA GLU A 100 -5.67 -19.51 -16.90
C GLU A 100 -6.98 -18.93 -16.38
N ILE A 101 -7.87 -18.49 -17.27
CA ILE A 101 -9.18 -18.00 -16.85
C ILE A 101 -9.99 -19.12 -16.21
N GLY A 102 -10.04 -20.27 -16.88
CA GLY A 102 -10.79 -21.40 -16.35
C GLY A 102 -10.23 -21.90 -15.03
N LYS A 103 -8.94 -21.68 -14.79
CA LYS A 103 -8.36 -22.06 -13.50
C LYS A 103 -9.07 -21.36 -12.34
N ASN A 104 -9.32 -20.06 -12.49
CA ASN A 104 -9.91 -19.29 -11.38
C ASN A 104 -11.43 -19.48 -11.31
N ARG A 105 -12.15 -19.08 -12.36
CA ARG A 105 -13.60 -19.21 -12.39
C ARG A 105 -13.97 -20.68 -12.54
N ASN A 106 -14.69 -21.23 -11.55
CA ASN A 106 -15.01 -22.64 -11.55
C ASN A 106 -16.35 -22.86 -10.87
N GLU A 107 -16.83 -24.10 -10.95
CA GLU A 107 -18.05 -24.56 -10.27
C GLU A 107 -19.29 -23.81 -10.77
N LYS A 108 -19.49 -23.86 -12.09
CA LYS A 108 -20.68 -23.30 -12.73
C LYS A 108 -20.89 -21.82 -12.37
N GLY A 109 -19.82 -21.13 -11.98
CA GLY A 109 -19.96 -19.76 -11.55
C GLY A 109 -18.72 -18.92 -11.80
N GLU A 110 -18.92 -17.78 -12.47
CA GLU A 110 -17.83 -16.85 -12.72
C GLU A 110 -17.47 -16.15 -11.41
N ILE A 111 -16.21 -16.25 -11.01
CA ILE A 111 -15.80 -15.80 -9.68
C ILE A 111 -14.90 -14.57 -9.83
N ASP A 112 -14.45 -14.03 -8.70
CA ASP A 112 -13.70 -12.79 -8.67
C ASP A 112 -12.52 -12.82 -9.65
N LEU A 113 -12.21 -11.65 -10.19
CA LEU A 113 -11.09 -11.47 -11.11
C LEU A 113 -9.85 -10.93 -10.41
N ASP A 114 -9.93 -10.65 -9.10
CA ASP A 114 -8.78 -10.20 -8.34
C ASP A 114 -7.83 -11.33 -7.98
N ALA A 115 -8.16 -12.57 -8.33
CA ALA A 115 -7.35 -13.72 -7.98
C ALA A 115 -6.23 -14.00 -8.97
N PHE A 116 -6.24 -13.35 -10.13
CA PHE A 116 -5.27 -13.65 -11.17
C PHE A 116 -5.07 -12.45 -12.08
N LYS A 117 -3.89 -12.37 -12.66
CA LYS A 117 -3.58 -11.38 -13.69
C LYS A 117 -2.70 -12.04 -14.74
N ILE A 118 -2.63 -11.41 -15.91
CA ILE A 118 -1.87 -11.94 -17.03
C ILE A 118 -1.29 -10.78 -17.83
N VAL A 119 -0.05 -10.96 -18.30
CA VAL A 119 0.69 -9.93 -19.00
C VAL A 119 1.00 -10.39 -20.41
N TYR A 120 0.83 -9.49 -21.37
CA TYR A 120 1.18 -9.71 -22.77
C TYR A 120 2.25 -8.69 -23.14
N ILE A 121 3.45 -9.16 -23.42
CA ILE A 121 4.59 -8.31 -23.71
C ILE A 121 4.79 -8.27 -25.23
N ALA A 122 4.68 -7.08 -25.81
CA ALA A 122 4.80 -6.86 -27.25
C ALA A 122 5.94 -5.88 -27.53
N PRO A 123 6.63 -6.05 -28.66
CA PRO A 123 7.85 -5.24 -28.88
C PRO A 123 7.61 -3.76 -29.03
N LEU A 124 6.57 -3.35 -29.77
CA LEU A 124 6.34 -1.93 -30.04
C LEU A 124 4.94 -1.52 -29.58
N LYS A 125 4.76 -0.21 -29.41
CA LYS A 125 3.51 0.32 -28.88
C LYS A 125 2.33 0.02 -29.79
N ALA A 126 2.55 0.03 -31.11
CA ALA A 126 1.45 -0.17 -32.05
C ALA A 126 0.81 -1.54 -31.86
N LEU A 127 1.63 -2.59 -31.79
CA LEU A 127 1.10 -3.92 -31.53
C LEU A 127 0.46 -4.01 -30.15
N VAL A 128 1.00 -3.29 -29.17
CA VAL A 128 0.41 -3.26 -27.84
C VAL A 128 -1.03 -2.75 -27.90
N GLN A 129 -1.23 -1.62 -28.59
CA GLN A 129 -2.57 -1.03 -28.67
C GLN A 129 -3.51 -1.89 -29.50
N GLU A 130 -3.01 -2.47 -30.60
CA GLU A 130 -3.85 -3.33 -31.41
C GLU A 130 -4.29 -4.56 -30.63
N GLN A 131 -3.38 -5.17 -29.86
CA GLN A 131 -3.74 -6.32 -29.04
C GLN A 131 -4.66 -5.93 -27.90
N VAL A 132 -4.48 -4.74 -27.33
CA VAL A 132 -5.44 -4.24 -26.35
C VAL A 132 -6.83 -4.24 -26.95
N GLY A 133 -6.97 -3.64 -28.14
CA GLY A 133 -8.27 -3.63 -28.80
C GLY A 133 -8.82 -5.02 -29.04
N ASN A 134 -8.01 -5.91 -29.64
CA ASN A 134 -8.47 -7.24 -30.00
C ASN A 134 -8.90 -8.03 -28.78
N PHE A 135 -8.00 -8.15 -27.78
CA PHE A 135 -8.31 -8.94 -26.59
C PHE A 135 -9.42 -8.32 -25.77
N GLY A 136 -9.52 -6.99 -25.72
CA GLY A 136 -10.64 -6.37 -25.04
C GLY A 136 -11.96 -6.72 -25.69
N LYS A 137 -12.04 -6.57 -27.02
CA LYS A 137 -13.27 -6.93 -27.73
C LYS A 137 -13.62 -8.39 -27.52
N ARG A 138 -12.63 -9.28 -27.56
CA ARG A 138 -12.93 -10.70 -27.52
C ARG A 138 -13.14 -11.25 -26.10
N LEU A 139 -12.68 -10.53 -25.08
CA LEU A 139 -12.82 -10.98 -23.70
C LEU A 139 -13.80 -10.12 -22.91
N GLU A 140 -14.41 -9.11 -23.53
CA GLU A 140 -15.40 -8.30 -22.84
C GLU A 140 -16.58 -9.10 -22.28
N PRO A 141 -17.15 -10.09 -22.98
CA PRO A 141 -18.23 -10.88 -22.36
C PRO A 141 -17.87 -11.51 -21.03
N TYR A 142 -16.60 -11.85 -20.82
CA TYR A 142 -16.16 -12.39 -19.53
C TYR A 142 -16.13 -11.33 -18.43
N GLY A 143 -16.29 -10.06 -18.78
CA GLY A 143 -16.23 -8.99 -17.81
C GLY A 143 -14.83 -8.53 -17.46
N ILE A 144 -13.80 -9.16 -17.98
CA ILE A 144 -12.42 -8.80 -17.64
C ILE A 144 -11.98 -7.62 -18.48
N LYS A 145 -11.03 -6.85 -17.94
CA LYS A 145 -10.57 -5.61 -18.56
C LYS A 145 -9.17 -5.79 -19.12
N VAL A 146 -8.98 -5.35 -20.37
CA VAL A 146 -7.68 -5.35 -21.02
C VAL A 146 -7.19 -3.91 -21.05
N SER A 147 -5.96 -3.68 -20.59
CA SER A 147 -5.43 -2.33 -20.51
C SER A 147 -3.96 -2.30 -20.91
N GLU A 148 -3.58 -1.19 -21.55
CA GLU A 148 -2.20 -0.94 -21.93
C GLU A 148 -1.46 -0.28 -20.77
N LEU A 149 -0.28 -0.80 -20.46
CA LEU A 149 0.57 -0.20 -19.44
C LEU A 149 1.37 0.93 -20.08
N THR A 150 0.99 2.18 -19.80
CA THR A 150 1.63 3.33 -20.40
C THR A 150 1.35 4.55 -19.53
N GLY A 151 1.85 5.70 -19.97
CA GLY A 151 1.65 6.98 -19.31
C GLY A 151 2.92 7.57 -18.74
N ASP A 152 3.91 6.75 -18.43
CA ASP A 152 5.17 7.16 -17.81
C ASP A 152 4.98 7.86 -16.48
N ARG A 153 3.76 7.85 -15.94
CA ARG A 153 3.42 8.46 -14.66
C ARG A 153 2.98 7.35 -13.72
N GLN A 154 3.55 7.32 -12.52
CA GLN A 154 3.29 6.22 -11.61
C GLN A 154 1.83 6.16 -11.19
N LEU A 155 1.15 7.31 -11.14
CA LEU A 155 -0.23 7.35 -10.68
C LEU A 155 -1.21 6.80 -11.71
N THR A 156 -0.88 6.84 -13.00
CA THR A 156 -1.73 6.19 -13.99
C THR A 156 -1.36 4.72 -14.18
N LYS A 157 -0.07 4.37 -14.03
CA LYS A 157 0.33 2.97 -14.14
C LYS A 157 -0.20 2.16 -12.97
N GLN A 158 -0.23 2.75 -11.77
CA GLN A 158 -0.81 2.07 -10.62
C GLN A 158 -2.28 1.74 -10.85
N GLN A 159 -3.03 2.68 -11.44
CA GLN A 159 -4.43 2.42 -11.74
C GLN A 159 -4.58 1.41 -12.87
N ILE A 160 -3.67 1.45 -13.86
CA ILE A 160 -3.71 0.49 -14.95
C ILE A 160 -3.50 -0.93 -14.42
N SER A 161 -2.58 -1.08 -13.45
CA SER A 161 -2.30 -2.38 -12.87
C SER A 161 -3.43 -2.94 -12.02
N GLU A 162 -4.57 -2.25 -11.96
CA GLU A 162 -5.77 -2.77 -11.29
C GLU A 162 -6.66 -3.57 -12.24
N THR A 163 -6.12 -4.00 -13.38
CA THR A 163 -6.82 -4.82 -14.35
C THR A 163 -6.10 -6.14 -14.53
N GLN A 164 -6.78 -7.10 -15.16
CA GLN A 164 -6.25 -8.46 -15.25
C GLN A 164 -5.34 -8.67 -16.46
N VAL A 165 -5.80 -8.31 -17.65
CA VAL A 165 -5.01 -8.44 -18.86
C VAL A 165 -4.25 -7.13 -19.08
N ILE A 166 -2.93 -7.18 -18.96
CA ILE A 166 -2.07 -6.02 -19.06
C ILE A 166 -1.16 -6.21 -20.26
N VAL A 167 -1.36 -5.41 -21.29
CA VAL A 167 -0.50 -5.42 -22.47
C VAL A 167 0.53 -4.32 -22.32
N THR A 168 1.78 -4.62 -22.65
CA THR A 168 2.87 -3.69 -22.35
C THR A 168 4.08 -4.00 -23.20
N THR A 169 4.97 -3.01 -23.29
CA THR A 169 6.28 -3.19 -23.88
C THR A 169 7.23 -3.81 -22.86
N PRO A 170 8.33 -4.41 -23.32
CA PRO A 170 9.25 -5.03 -22.34
C PRO A 170 9.92 -4.01 -21.44
N GLU A 171 10.33 -2.85 -21.98
CA GLU A 171 10.99 -1.84 -21.15
C GLU A 171 10.05 -1.33 -20.06
N LYS A 172 8.77 -1.15 -20.39
CA LYS A 172 7.83 -0.64 -19.41
C LYS A 172 7.61 -1.64 -18.27
N TRP A 173 7.44 -2.92 -18.60
CA TRP A 173 7.28 -3.92 -17.57
C TRP A 173 8.54 -4.04 -16.72
N ASP A 174 9.71 -3.98 -17.36
CA ASP A 174 10.96 -4.06 -16.61
C ASP A 174 11.08 -2.89 -15.62
N VAL A 175 10.75 -1.67 -16.05
CA VAL A 175 10.89 -0.54 -15.14
C VAL A 175 9.82 -0.59 -14.04
N ILE A 176 8.62 -1.09 -14.35
CA ILE A 176 7.60 -1.25 -13.33
C ILE A 176 8.07 -2.21 -12.25
N THR A 177 8.63 -3.35 -12.66
CA THR A 177 9.15 -4.30 -11.68
C THR A 177 10.38 -3.76 -10.96
N ARG A 178 11.19 -2.93 -11.64
CA ARG A 178 12.37 -2.36 -11.00
C ARG A 178 11.99 -1.40 -9.89
N LYS A 179 10.89 -0.65 -10.07
CA LYS A 179 10.46 0.26 -9.02
C LYS A 179 9.91 -0.46 -7.80
N ALA A 180 9.44 -1.71 -7.98
CA ALA A 180 9.02 -2.58 -6.88
C ALA A 180 7.91 -1.98 -6.02
N THR A 181 7.19 -0.99 -6.54
CA THR A 181 6.08 -0.37 -5.82
C THR A 181 4.72 -0.90 -6.27
N ASP A 182 4.71 -2.06 -6.94
CA ASP A 182 3.47 -2.71 -7.36
C ASP A 182 3.50 -4.21 -7.10
N ILE A 183 4.37 -4.68 -6.21
CA ILE A 183 4.58 -6.11 -6.03
C ILE A 183 3.32 -6.80 -5.53
N SER A 184 2.49 -6.08 -4.77
CA SER A 184 1.23 -6.63 -4.30
C SER A 184 0.39 -7.18 -5.44
N TYR A 185 0.43 -6.52 -6.59
CA TYR A 185 -0.28 -6.96 -7.77
C TYR A 185 0.60 -7.72 -8.75
N THR A 186 1.91 -7.46 -8.75
CA THR A 186 2.84 -8.28 -9.53
C THR A 186 2.76 -9.73 -9.13
N ASN A 187 2.54 -10.02 -7.85
CA ASN A 187 2.42 -11.41 -7.41
C ASN A 187 1.14 -12.06 -7.90
N LEU A 188 0.12 -11.27 -8.28
CA LEU A 188 -1.12 -11.83 -8.79
C LEU A 188 -1.01 -12.35 -10.22
N VAL A 189 0.06 -12.04 -10.94
CA VAL A 189 0.18 -12.51 -12.31
C VAL A 189 0.45 -14.01 -12.30
N ARG A 190 -0.12 -14.72 -13.28
CA ARG A 190 0.02 -16.16 -13.39
C ARG A 190 0.45 -16.62 -14.77
N LEU A 191 0.41 -15.75 -15.77
CA LEU A 191 0.77 -16.13 -17.14
C LEU A 191 1.38 -14.91 -17.81
N ILE A 192 2.50 -15.13 -18.52
CA ILE A 192 3.19 -14.09 -19.24
C ILE A 192 3.38 -14.55 -20.69
N ILE A 193 2.86 -13.76 -21.62
CA ILE A 193 3.01 -14.01 -23.05
C ILE A 193 4.07 -13.06 -23.59
N ILE A 194 5.09 -13.63 -24.24
CA ILE A 194 6.16 -12.84 -24.85
C ILE A 194 6.05 -13.02 -26.36
N ASP A 195 5.61 -11.96 -27.04
CA ASP A 195 5.46 -11.98 -28.48
C ASP A 195 6.74 -11.51 -29.15
N GLU A 196 7.11 -12.19 -30.24
CA GLU A 196 8.29 -11.86 -31.04
C GLU A 196 9.55 -11.84 -30.19
N ILE A 197 9.89 -13.02 -29.65
CA ILE A 197 11.05 -13.15 -28.78
C ILE A 197 12.37 -13.04 -29.51
N HIS A 198 12.38 -13.11 -30.84
CA HIS A 198 13.63 -12.91 -31.56
C HIS A 198 14.22 -11.52 -31.32
N LEU A 199 13.45 -10.61 -30.71
CA LEU A 199 14.01 -9.35 -30.23
C LEU A 199 15.22 -9.56 -29.34
N LEU A 200 15.36 -10.76 -28.73
CA LEU A 200 16.54 -11.08 -27.95
C LEU A 200 17.83 -10.81 -28.73
N HIS A 201 17.79 -10.94 -30.05
CA HIS A 201 18.97 -10.64 -30.87
C HIS A 201 19.28 -9.15 -30.90
N ASP A 202 18.28 -8.30 -30.68
CA ASP A 202 18.46 -6.86 -30.77
C ASP A 202 19.11 -6.33 -29.49
N ASP A 203 19.41 -5.04 -29.49
CA ASP A 203 19.96 -4.39 -28.30
C ASP A 203 18.91 -4.23 -27.20
N ARG A 204 17.63 -4.49 -27.48
CA ARG A 204 16.59 -4.48 -26.48
C ARG A 204 16.38 -5.84 -25.82
N GLY A 205 16.98 -6.90 -26.37
CA GLY A 205 16.88 -8.22 -25.78
C GLY A 205 17.24 -8.33 -24.32
N PRO A 206 18.28 -7.64 -23.84
CA PRO A 206 18.62 -7.73 -22.41
C PRO A 206 17.47 -7.43 -21.47
N VAL A 207 16.52 -6.57 -21.85
CA VAL A 207 15.41 -6.29 -20.94
C VAL A 207 14.48 -7.51 -20.84
N LEU A 208 14.28 -8.20 -21.96
CA LEU A 208 13.55 -9.47 -21.93
C LEU A 208 14.29 -10.51 -21.10
N GLU A 209 15.62 -10.55 -21.25
CA GLU A 209 16.40 -11.49 -20.44
C GLU A 209 16.24 -11.20 -18.96
N SER A 210 16.28 -9.92 -18.57
CA SER A 210 16.08 -9.55 -17.17
C SER A 210 14.72 -10.02 -16.67
N ILE A 211 13.65 -9.68 -17.41
CA ILE A 211 12.30 -10.07 -17.03
C ILE A 211 12.22 -11.58 -16.81
N VAL A 212 12.58 -12.34 -17.85
CA VAL A 212 12.41 -13.79 -17.82
C VAL A 212 13.27 -14.41 -16.71
N SER A 213 14.52 -13.94 -16.58
CA SER A 213 15.42 -14.51 -15.59
C SER A 213 14.88 -14.31 -14.17
N ARG A 214 14.49 -13.08 -13.84
CA ARG A 214 14.00 -12.85 -12.47
C ARG A 214 12.71 -13.63 -12.22
N THR A 215 11.81 -13.68 -13.20
CA THR A 215 10.54 -14.38 -13.01
C THR A 215 10.78 -15.88 -12.79
N ILE A 216 11.60 -16.49 -13.65
CA ILE A 216 11.83 -17.94 -13.54
C ILE A 216 12.58 -18.27 -12.26
N ARG A 217 13.53 -17.42 -11.85
CA ARG A 217 14.25 -17.68 -10.61
C ARG A 217 13.31 -17.59 -9.40
N ARG A 218 12.44 -16.58 -9.36
CA ARG A 218 11.49 -16.49 -8.26
C ARG A 218 10.57 -17.72 -8.23
N THR A 219 10.08 -18.15 -9.40
CA THR A 219 9.19 -19.31 -9.43
C THR A 219 9.90 -20.59 -9.04
N GLU A 220 11.19 -20.71 -9.34
CA GLU A 220 11.91 -21.94 -9.02
C GLU A 220 12.38 -21.97 -7.57
N GLN A 221 12.59 -20.82 -6.95
CA GLN A 221 13.04 -20.80 -5.56
C GLN A 221 11.89 -20.65 -4.57
N THR A 222 10.70 -20.24 -5.02
CA THR A 222 9.57 -20.13 -4.12
C THR A 222 8.51 -21.20 -4.34
N GLY A 223 8.45 -21.82 -5.52
CA GLY A 223 7.43 -22.78 -5.84
C GLY A 223 6.18 -22.19 -6.45
N GLU A 224 5.95 -20.90 -6.30
CA GLU A 224 4.80 -20.22 -6.88
C GLU A 224 4.92 -20.21 -8.40
N PRO A 225 4.10 -20.96 -9.13
CA PRO A 225 4.31 -21.08 -10.58
C PRO A 225 3.78 -19.88 -11.34
N VAL A 226 4.51 -19.50 -12.38
CA VAL A 226 4.09 -18.47 -13.33
C VAL A 226 4.34 -19.02 -14.72
N ARG A 227 3.26 -19.29 -15.47
CA ARG A 227 3.41 -19.88 -16.79
C ARG A 227 3.98 -18.86 -17.77
N ILE A 228 4.88 -19.31 -18.63
CA ILE A 228 5.50 -18.46 -19.63
C ILE A 228 5.25 -19.07 -21.01
N ILE A 229 4.63 -18.30 -21.89
CA ILE A 229 4.37 -18.71 -23.26
C ILE A 229 5.09 -17.74 -24.18
N GLY A 230 5.93 -18.27 -25.05
CA GLY A 230 6.64 -17.43 -26.00
C GLY A 230 6.28 -17.72 -27.45
N LEU A 231 6.04 -16.66 -28.22
CA LEU A 231 5.74 -16.76 -29.64
C LEU A 231 6.89 -16.12 -30.40
N SER A 232 7.44 -16.86 -31.37
CA SER A 232 8.64 -16.41 -32.07
C SER A 232 8.53 -16.75 -33.55
N ALA A 233 9.56 -16.37 -34.30
CA ALA A 233 9.67 -16.70 -35.70
C ALA A 233 10.60 -17.89 -35.89
N THR A 234 10.76 -18.31 -37.14
CA THR A 234 11.61 -19.46 -37.47
C THR A 234 13.03 -18.95 -37.71
N LEU A 235 13.85 -19.00 -36.67
CA LEU A 235 15.26 -18.68 -36.72
C LEU A 235 16.04 -19.74 -35.96
N PRO A 236 17.31 -19.94 -36.29
CA PRO A 236 18.12 -20.92 -35.56
C PRO A 236 18.33 -20.48 -34.11
N ASN A 237 18.91 -21.39 -33.33
CA ASN A 237 19.07 -21.24 -31.88
C ASN A 237 17.71 -21.13 -31.17
N TYR A 238 16.66 -21.73 -31.76
CA TYR A 238 15.36 -21.68 -31.12
C TYR A 238 15.27 -22.62 -29.93
N ARG A 239 15.94 -23.78 -29.99
CA ARG A 239 16.01 -24.65 -28.82
C ARG A 239 16.78 -23.99 -27.68
N ASP A 240 17.71 -23.09 -28.01
CA ASP A 240 18.41 -22.33 -26.98
C ASP A 240 17.44 -21.45 -26.20
N VAL A 241 16.61 -20.67 -26.90
CA VAL A 241 15.64 -19.84 -26.21
C VAL A 241 14.56 -20.70 -25.56
N ALA A 242 14.35 -21.92 -26.05
CA ALA A 242 13.43 -22.84 -25.39
C ALA A 242 13.95 -23.25 -24.02
N SER A 243 15.18 -23.76 -23.97
CA SER A 243 15.77 -24.14 -22.69
C SER A 243 15.94 -22.93 -21.78
N PHE A 244 16.18 -21.76 -22.36
CA PHE A 244 16.22 -20.53 -21.56
C PHE A 244 14.85 -20.23 -20.96
N LEU A 245 13.79 -20.48 -21.73
CA LEU A 245 12.43 -20.36 -21.24
C LEU A 245 12.01 -21.55 -20.36
N ARG A 246 12.92 -22.49 -20.13
CA ARG A 246 12.67 -23.65 -19.28
C ARG A 246 11.46 -24.45 -19.77
N VAL A 247 11.47 -24.78 -21.06
CA VAL A 247 10.42 -25.55 -21.70
C VAL A 247 10.89 -26.98 -21.89
N ASP A 248 9.97 -27.94 -21.68
CA ASP A 248 10.25 -29.32 -22.01
C ASP A 248 10.21 -29.50 -23.53
N PHE A 249 11.25 -30.13 -24.08
CA PHE A 249 11.34 -30.24 -25.54
C PHE A 249 10.31 -31.19 -26.12
N GLU A 250 9.97 -32.25 -25.38
CA GLU A 250 9.02 -33.25 -25.86
C GLU A 250 7.59 -32.97 -25.38
N LYS A 251 7.35 -31.83 -24.77
CA LYS A 251 6.00 -31.51 -24.29
C LYS A 251 5.48 -30.17 -24.80
N GLY A 252 6.32 -29.15 -24.87
CA GLY A 252 5.84 -27.82 -25.21
C GLY A 252 6.71 -27.03 -26.16
N LEU A 253 7.52 -27.72 -26.96
CA LEU A 253 8.33 -27.08 -27.99
C LEU A 253 7.71 -27.34 -29.35
N PHE A 254 7.58 -26.28 -30.15
CA PHE A 254 6.93 -26.37 -31.45
C PHE A 254 7.70 -25.53 -32.46
N TYR A 255 8.03 -26.14 -33.59
CA TYR A 255 8.71 -25.46 -34.69
C TYR A 255 7.99 -25.81 -35.99
N PHE A 256 7.44 -24.80 -36.66
CA PHE A 256 6.68 -24.99 -37.88
C PHE A 256 7.40 -24.29 -39.03
N ASP A 257 7.71 -25.03 -40.08
CA ASP A 257 8.38 -24.47 -41.24
C ASP A 257 7.40 -23.65 -42.08
N GLY A 258 7.89 -23.12 -43.21
CA GLY A 258 7.05 -22.34 -44.09
C GLY A 258 5.86 -23.09 -44.64
N SER A 259 5.88 -24.43 -44.56
CA SER A 259 4.77 -25.23 -45.05
C SER A 259 3.51 -25.06 -44.21
N TYR A 260 3.65 -24.62 -42.96
CA TYR A 260 2.49 -24.40 -42.09
C TYR A 260 1.93 -22.99 -42.22
N ARG A 261 2.46 -22.18 -43.13
CA ARG A 261 1.90 -20.87 -43.37
C ARG A 261 0.52 -21.00 -44.00
N PRO A 262 -0.50 -20.33 -43.46
CA PRO A 262 -1.84 -20.44 -44.07
C PRO A 262 -1.89 -19.90 -45.49
N CYS A 263 -1.00 -18.98 -45.85
CA CYS A 263 -0.93 -18.44 -47.21
C CYS A 263 0.55 -18.37 -47.61
N PRO A 264 1.04 -19.37 -48.33
CA PRO A 264 2.48 -19.44 -48.62
C PRO A 264 2.99 -18.18 -49.30
N LEU A 265 4.21 -17.80 -48.95
CA LEU A 265 4.81 -16.55 -49.40
C LEU A 265 5.92 -16.84 -50.38
N ARG A 266 5.93 -16.12 -51.51
CA ARG A 266 7.03 -16.18 -52.47
C ARG A 266 8.05 -15.11 -52.10
N GLN A 267 9.28 -15.54 -51.84
CA GLN A 267 10.36 -14.62 -51.51
C GLN A 267 11.05 -14.15 -52.78
N GLU A 268 11.42 -12.87 -52.81
CA GLU A 268 12.11 -12.30 -53.95
C GLU A 268 13.09 -11.26 -53.42
N PHE A 269 14.38 -11.48 -53.69
CA PHE A 269 15.44 -10.59 -53.22
C PHE A 269 16.09 -9.90 -54.42
N ILE A 270 16.29 -8.59 -54.30
CA ILE A 270 16.94 -7.80 -55.34
C ILE A 270 17.93 -6.84 -54.69
N GLY A 271 19.08 -6.64 -55.33
CA GLY A 271 20.10 -5.77 -54.80
C GLY A 271 20.84 -4.99 -55.86
N VAL A 272 20.85 -3.65 -55.72
CA VAL A 272 21.55 -2.82 -56.69
C VAL A 272 23.06 -3.00 -56.54
N THR A 273 23.78 -2.86 -57.65
CA THR A 273 25.22 -3.04 -57.65
C THR A 273 25.89 -2.06 -56.69
N ASP A 274 26.82 -2.59 -55.89
CA ASP A 274 27.55 -1.79 -54.91
C ASP A 274 28.34 -0.67 -55.58
N LYS A 279 26.80 7.35 -57.33
CA LYS A 279 26.15 6.72 -58.46
C LYS A 279 24.71 7.21 -58.62
N GLN A 280 23.75 6.29 -58.49
CA GLN A 280 22.34 6.63 -58.64
C GLN A 280 21.52 5.72 -57.76
N LEU A 281 20.75 6.30 -56.84
CA LEU A 281 19.82 5.56 -55.99
C LEU A 281 18.39 5.60 -56.52
N LYS A 282 18.18 6.19 -57.69
CA LYS A 282 16.88 6.13 -58.34
C LYS A 282 16.57 4.75 -58.88
N THR A 283 17.54 3.83 -58.86
CA THR A 283 17.30 2.47 -59.34
C THR A 283 16.25 1.77 -58.48
N MET A 284 16.31 1.95 -57.16
CA MET A 284 15.30 1.34 -56.30
C MET A 284 13.91 1.89 -56.60
N ASN A 285 13.81 3.19 -56.83
CA ASN A 285 12.51 3.79 -57.15
C ASN A 285 11.98 3.29 -58.49
N ASP A 286 12.86 3.16 -59.48
CA ASP A 286 12.43 2.65 -60.78
C ASP A 286 12.04 1.18 -60.68
N ILE A 287 12.73 0.40 -59.86
CA ILE A 287 12.35 -0.99 -59.67
C ILE A 287 11.00 -1.10 -58.99
N THR A 288 10.74 -0.24 -58.00
CA THR A 288 9.42 -0.23 -57.36
C THR A 288 8.34 0.16 -58.35
N TYR A 289 8.62 1.14 -59.21
CA TYR A 289 7.66 1.51 -60.25
C TYR A 289 7.39 0.36 -61.20
N GLN A 290 8.44 -0.36 -61.60
CA GLN A 290 8.27 -1.52 -62.48
C GLN A 290 7.47 -2.62 -61.80
N LYS A 291 7.76 -2.89 -60.53
CA LYS A 291 7.04 -3.94 -59.81
C LYS A 291 5.59 -3.54 -59.56
N VAL A 292 5.33 -2.25 -59.36
CA VAL A 292 3.95 -1.77 -59.27
C VAL A 292 3.23 -2.01 -60.59
N LEU A 293 3.91 -1.72 -61.71
CA LEU A 293 3.31 -2.02 -63.02
C LEU A 293 3.04 -3.50 -63.18
N GLU A 294 3.93 -4.35 -62.66
CA GLU A 294 3.80 -5.79 -62.88
C GLU A 294 2.69 -6.39 -62.00
N HIS A 295 2.63 -6.00 -60.74
CA HIS A 295 1.68 -6.60 -59.80
C HIS A 295 0.32 -5.92 -59.82
N VAL A 296 0.28 -4.60 -59.97
CA VAL A 296 -0.99 -3.88 -60.00
C VAL A 296 -1.57 -3.86 -61.42
N GLY A 297 -0.73 -3.79 -62.45
CA GLY A 297 -1.20 -3.75 -63.81
C GLY A 297 -1.60 -5.08 -64.39
N GLN A 298 -0.64 -6.01 -64.51
CA GLN A 298 -0.91 -7.31 -65.10
C GLN A 298 -1.63 -8.24 -64.13
N ASN A 299 -1.07 -8.39 -62.93
CA ASN A 299 -1.65 -9.31 -61.95
C ASN A 299 -2.87 -8.72 -61.25
N ARG A 300 -3.09 -7.41 -61.34
CA ARG A 300 -4.26 -6.75 -60.78
C ARG A 300 -4.39 -7.04 -59.28
N ASN A 301 -3.29 -6.89 -58.56
CA ASN A 301 -3.24 -7.11 -57.12
C ASN A 301 -2.86 -5.81 -56.43
N GLN A 302 -3.52 -5.53 -55.31
CA GLN A 302 -3.13 -4.41 -54.48
C GLN A 302 -1.88 -4.75 -53.69
N MET A 303 -1.09 -3.73 -53.37
CA MET A 303 0.21 -3.96 -52.77
C MET A 303 0.56 -2.83 -51.83
N LEU A 304 1.45 -3.12 -50.89
CA LEU A 304 1.95 -2.09 -49.99
C LEU A 304 3.47 -2.11 -49.92
N ILE A 305 4.04 -0.91 -49.83
CA ILE A 305 5.48 -0.68 -49.82
C ILE A 305 5.86 -0.12 -48.46
N PHE A 306 7.03 -0.52 -47.96
CA PHE A 306 7.53 -0.12 -46.66
C PHE A 306 8.79 0.71 -46.84
N VAL A 307 8.75 1.94 -46.34
CA VAL A 307 9.92 2.81 -46.22
C VAL A 307 10.06 3.14 -44.74
N HIS A 308 11.07 3.93 -44.38
CA HIS A 308 11.45 4.11 -42.98
C HIS A 308 11.58 5.59 -42.64
N SER A 309 10.58 6.39 -43.05
CA SER A 309 10.56 7.80 -42.75
C SER A 309 9.17 8.35 -43.05
N ARG A 310 8.76 9.37 -42.30
CA ARG A 310 7.46 9.98 -42.52
C ARG A 310 7.40 10.76 -43.82
N LYS A 311 8.53 11.29 -44.27
CA LYS A 311 8.56 12.07 -45.50
C LYS A 311 8.98 11.24 -46.71
N GLU A 312 9.83 10.23 -46.51
CA GLU A 312 10.30 9.43 -47.63
C GLU A 312 9.18 8.58 -48.23
N THR A 313 8.20 8.19 -47.42
CA THR A 313 7.06 7.43 -47.95
C THR A 313 6.29 8.28 -48.97
N ALA A 314 5.97 9.51 -48.61
CA ALA A 314 5.31 10.41 -49.54
C ALA A 314 6.20 10.71 -50.74
N LYS A 315 7.51 10.84 -50.52
CA LYS A 315 8.43 11.10 -51.62
C LYS A 315 8.39 9.98 -52.64
N THR A 316 8.45 8.73 -52.18
CA THR A 316 8.46 7.60 -53.11
C THR A 316 7.11 7.43 -53.79
N ALA A 317 6.01 7.63 -53.05
CA ALA A 317 4.70 7.57 -53.69
C ALA A 317 4.57 8.63 -54.78
N LYS A 318 5.04 9.85 -54.49
CA LYS A 318 5.01 10.91 -55.50
C LYS A 318 5.86 10.55 -56.70
N TYR A 319 7.04 9.97 -56.47
CA TYR A 319 7.89 9.60 -57.61
C TYR A 319 7.24 8.54 -58.48
N ILE A 320 6.65 7.51 -57.86
CA ILE A 320 5.98 6.46 -58.63
C ILE A 320 4.83 7.06 -59.43
N ARG A 321 4.02 7.91 -58.79
CA ARG A 321 2.87 8.48 -59.48
C ARG A 321 3.29 9.45 -60.56
N ASP A 322 4.43 10.13 -60.39
CA ASP A 322 4.91 11.05 -61.41
C ASP A 322 5.45 10.30 -62.61
N LYS A 323 6.25 9.26 -62.37
CA LYS A 323 6.73 8.43 -63.47
C LYS A 323 5.60 7.68 -64.16
N ALA A 324 4.49 7.44 -63.47
CA ALA A 324 3.31 6.90 -64.14
C ALA A 324 2.58 7.98 -64.92
N LEU A 325 2.58 9.22 -64.44
CA LEU A 325 1.98 10.32 -65.17
C LEU A 325 2.63 10.48 -66.54
N GLU A 326 3.93 10.68 -66.57
CA GLU A 326 4.67 10.66 -67.83
C GLU A 326 4.67 9.24 -68.39
N MET A 327 4.83 9.15 -69.71
CA MET A 327 4.82 7.90 -70.47
C MET A 327 3.45 7.24 -70.51
N ASP A 328 2.39 7.95 -70.13
CA ASP A 328 1.01 7.47 -70.25
C ASP A 328 0.85 6.11 -69.56
N THR A 329 1.47 5.96 -68.39
CA THR A 329 1.49 4.69 -67.68
C THR A 329 0.58 4.68 -66.46
N ILE A 330 -0.14 5.77 -66.19
CA ILE A 330 -1.07 5.78 -65.06
C ILE A 330 -2.13 4.71 -65.23
N ASN A 331 -2.48 4.39 -66.47
CA ASN A 331 -3.36 3.26 -66.74
C ASN A 331 -2.74 1.96 -66.21
N GLN A 332 -3.58 0.94 -66.03
CA GLN A 332 -3.25 -0.33 -65.39
C GLN A 332 -3.11 -0.16 -63.88
N ILE A 333 -3.16 1.07 -63.39
CA ILE A 333 -3.07 1.37 -61.96
C ILE A 333 -4.35 2.03 -61.46
N LEU A 334 -4.89 2.98 -62.23
CA LEU A 334 -6.09 3.70 -61.84
C LEU A 334 -7.31 2.95 -62.36
N LYS A 335 -8.11 2.40 -61.45
CA LYS A 335 -9.37 1.79 -61.84
C LYS A 335 -10.27 2.83 -62.51
N HIS A 336 -10.97 2.41 -63.56
CA HIS A 336 -11.70 3.34 -64.42
C HIS A 336 -13.21 3.23 -64.28
N ASP A 337 -13.71 2.35 -63.42
CA ASP A 337 -15.16 2.32 -63.18
C ASP A 337 -15.59 3.55 -62.39
N ALA A 338 -16.87 3.91 -62.54
CA ALA A 338 -17.36 5.15 -61.97
C ALA A 338 -17.33 5.13 -60.45
N GLY A 339 -17.67 4.00 -59.84
CA GLY A 339 -17.78 3.96 -58.39
C GLY A 339 -16.47 4.23 -57.68
N THR A 340 -15.42 3.49 -58.05
CA THR A 340 -14.13 3.65 -57.38
C THR A 340 -13.57 5.05 -57.60
N ARG A 341 -13.62 5.54 -58.83
CA ARG A 341 -13.11 6.87 -59.13
C ARG A 341 -13.84 7.93 -58.33
N GLU A 342 -15.18 7.89 -58.32
CA GLU A 342 -15.95 8.89 -57.61
C GLU A 342 -15.69 8.83 -56.11
N VAL A 343 -15.64 7.62 -55.54
CA VAL A 343 -15.39 7.48 -54.11
C VAL A 343 -14.01 8.04 -53.75
N LEU A 344 -12.99 7.66 -54.51
CA LEU A 344 -11.65 8.17 -54.25
C LEU A 344 -11.63 9.70 -54.32
N GLN A 345 -12.15 10.26 -55.40
CA GLN A 345 -12.13 11.72 -55.58
C GLN A 345 -12.83 12.43 -54.42
N GLU A 346 -14.06 12.02 -54.12
CA GLU A 346 -14.83 12.72 -53.10
C GLU A 346 -14.19 12.57 -51.72
N ALA A 347 -13.84 11.33 -51.33
CA ALA A 347 -13.26 11.11 -50.02
C ALA A 347 -11.94 11.86 -49.86
N ALA A 348 -11.11 11.89 -50.90
CA ALA A 348 -9.83 12.57 -50.80
C ALA A 348 -10.01 14.07 -50.72
N SER A 349 -10.82 14.64 -51.63
CA SER A 349 -10.92 16.09 -51.72
C SER A 349 -11.67 16.68 -50.52
N SER A 350 -12.72 16.00 -50.06
CA SER A 350 -13.60 16.60 -49.07
C SER A 350 -13.25 16.22 -47.63
N VAL A 351 -12.98 14.94 -47.38
CA VAL A 351 -12.91 14.44 -46.02
C VAL A 351 -11.50 14.56 -45.44
N ASN A 352 -10.49 14.14 -46.19
CA ASN A 352 -9.13 14.10 -45.65
C ASN A 352 -8.60 15.51 -45.40
N ASN A 353 -7.72 15.62 -44.41
CA ASN A 353 -7.17 16.90 -44.00
C ASN A 353 -5.65 16.98 -44.08
N THR A 354 -4.93 15.87 -43.89
CA THR A 354 -3.48 15.89 -43.94
C THR A 354 -2.99 16.13 -45.36
N ASP A 355 -2.07 17.08 -45.51
CA ASP A 355 -1.51 17.39 -46.81
C ASP A 355 -0.72 16.19 -47.36
N LEU A 356 -0.39 16.26 -48.65
CA LEU A 356 0.32 15.24 -49.40
C LEU A 356 -0.45 13.92 -49.49
N LYS A 357 -1.73 13.93 -49.11
CA LYS A 357 -2.59 12.75 -49.21
C LYS A 357 -3.49 12.82 -50.43
N ASP A 358 -3.28 13.79 -51.31
CA ASP A 358 -4.08 13.93 -52.53
C ASP A 358 -3.60 13.01 -53.65
N LEU A 359 -2.84 11.97 -53.31
CA LEU A 359 -2.51 10.90 -54.23
C LEU A 359 -3.64 9.88 -54.38
N LEU A 360 -4.69 10.00 -53.57
CA LEU A 360 -5.79 9.05 -53.63
C LEU A 360 -6.51 8.99 -54.97
N PRO A 361 -6.81 10.12 -55.65
CA PRO A 361 -7.47 10.01 -56.96
C PRO A 361 -6.69 9.18 -57.97
N TYR A 362 -5.39 8.97 -57.76
CA TYR A 362 -4.60 8.07 -58.58
C TYR A 362 -4.51 6.67 -58.01
N GLY A 363 -5.28 6.37 -56.96
CA GLY A 363 -5.24 5.07 -56.32
C GLY A 363 -4.09 4.86 -55.36
N PHE A 364 -3.28 5.89 -55.10
CA PHE A 364 -2.16 5.79 -54.18
C PHE A 364 -2.59 6.16 -52.77
N GLY A 365 -1.91 5.56 -51.80
CA GLY A 365 -2.19 5.83 -50.40
C GLY A 365 -0.92 5.98 -49.61
N ILE A 366 -0.97 6.86 -48.61
CA ILE A 366 0.15 7.09 -47.72
C ILE A 366 -0.29 6.75 -46.30
N HIS A 367 0.67 6.35 -45.47
CA HIS A 367 0.36 5.94 -44.10
C HIS A 367 1.61 6.08 -43.24
N HIS A 368 1.49 6.78 -42.13
CA HIS A 368 2.58 6.92 -41.17
C HIS A 368 2.00 7.52 -39.88
N ALA A 369 2.85 7.58 -38.85
CA ALA A 369 2.39 7.99 -37.53
C ALA A 369 2.12 9.49 -37.42
N GLY A 370 2.52 10.28 -38.42
CA GLY A 370 2.31 11.72 -38.37
C GLY A 370 0.96 12.18 -38.86
N MET A 371 0.10 11.27 -39.31
CA MET A 371 -1.22 11.63 -39.81
C MET A 371 -2.26 11.56 -38.70
N SER A 372 -3.46 12.04 -39.02
CA SER A 372 -4.58 11.95 -38.09
C SER A 372 -4.99 10.49 -37.91
N ARG A 373 -5.63 10.21 -36.78
CA ARG A 373 -6.20 8.88 -36.59
C ARG A 373 -7.34 8.62 -37.55
N ALA A 374 -8.15 9.65 -37.83
CA ALA A 374 -9.24 9.51 -38.79
C ALA A 374 -8.71 9.31 -40.20
N ASP A 375 -7.64 10.02 -40.57
CA ASP A 375 -7.04 9.83 -41.88
C ASP A 375 -6.51 8.41 -42.05
N ARG A 376 -5.84 7.89 -41.02
CA ARG A 376 -5.33 6.53 -41.08
C ARG A 376 -6.45 5.51 -41.18
N THR A 377 -7.53 5.71 -40.40
CA THR A 377 -8.66 4.78 -40.49
C THR A 377 -9.33 4.84 -41.86
N ASP A 378 -9.41 6.03 -42.44
CA ASP A 378 -9.96 6.16 -43.80
C ASP A 378 -9.10 5.42 -44.80
N VAL A 379 -7.77 5.58 -44.71
CA VAL A 379 -6.86 4.87 -45.61
C VAL A 379 -7.03 3.37 -45.45
N GLU A 380 -7.11 2.90 -44.20
CA GLU A 380 -7.28 1.46 -43.95
C GLU A 380 -8.57 0.94 -44.55
N ASP A 381 -9.67 1.67 -44.36
CA ASP A 381 -10.96 1.21 -44.89
C ASP A 381 -10.96 1.23 -46.41
N LEU A 382 -10.33 2.24 -47.02
CA LEU A 382 -10.29 2.30 -48.48
C LEU A 382 -9.41 1.20 -49.06
N PHE A 383 -8.31 0.87 -48.38
CA PHE A 383 -7.44 -0.20 -48.85
C PHE A 383 -8.11 -1.57 -48.70
N ALA A 384 -8.81 -1.79 -47.59
CA ALA A 384 -9.55 -3.03 -47.41
C ALA A 384 -10.70 -3.14 -48.40
N SER A 385 -11.33 -2.01 -48.74
CA SER A 385 -12.43 -2.04 -49.70
C SER A 385 -11.94 -2.25 -51.12
N GLY A 386 -10.65 -2.07 -51.38
CA GLY A 386 -10.08 -2.27 -52.70
C GLY A 386 -9.87 -1.00 -53.50
N HIS A 387 -10.21 0.16 -52.96
CA HIS A 387 -10.09 1.40 -53.71
C HIS A 387 -8.66 1.91 -53.82
N ILE A 388 -7.75 1.41 -52.98
CA ILE A 388 -6.34 1.80 -53.01
C ILE A 388 -5.55 0.58 -53.45
N GLN A 389 -4.79 0.73 -54.54
CA GLN A 389 -3.99 -0.38 -55.07
C GLN A 389 -2.57 -0.38 -54.53
N VAL A 390 -1.96 0.79 -54.36
CA VAL A 390 -0.60 0.93 -53.85
C VAL A 390 -0.64 1.75 -52.58
N LEU A 391 -0.09 1.20 -51.49
CA LEU A 391 -0.08 1.89 -50.20
C LEU A 391 1.34 1.93 -49.67
N VAL A 392 1.95 3.12 -49.69
CA VAL A 392 3.29 3.31 -49.14
C VAL A 392 3.15 3.71 -47.68
N CYS A 393 3.97 3.10 -46.81
CA CYS A 393 3.77 3.23 -45.38
C CYS A 393 5.08 3.00 -44.65
N THR A 394 5.02 3.11 -43.32
CA THR A 394 6.14 2.88 -42.41
C THR A 394 5.91 1.61 -41.60
N ALA A 395 6.87 1.28 -40.73
CA ALA A 395 6.80 0.06 -39.95
C ALA A 395 5.65 0.05 -38.97
N THR A 396 5.14 1.22 -38.59
CA THR A 396 4.03 1.28 -37.64
C THR A 396 2.79 0.58 -38.20
N LEU A 397 2.59 0.65 -39.52
CA LEU A 397 1.49 -0.09 -40.14
C LEU A 397 1.71 -1.60 -40.00
N ALA A 398 2.93 -2.07 -40.27
CA ALA A 398 3.23 -3.49 -40.13
C ALA A 398 3.05 -3.96 -38.69
N TRP A 399 3.28 -3.08 -37.72
CA TRP A 399 3.22 -3.48 -36.32
C TRP A 399 1.84 -3.34 -35.71
N GLY A 400 0.99 -2.44 -36.21
CA GLY A 400 -0.22 -2.13 -35.48
C GLY A 400 -1.56 -2.21 -36.21
N VAL A 401 -1.61 -2.80 -37.40
CA VAL A 401 -2.87 -2.95 -38.12
C VAL A 401 -2.97 -4.35 -38.71
N ASN A 402 -4.21 -4.83 -38.84
CA ASN A 402 -4.50 -6.09 -39.51
C ASN A 402 -4.98 -5.78 -40.92
N LEU A 403 -4.05 -5.41 -41.79
CA LEU A 403 -4.35 -4.98 -43.15
C LEU A 403 -3.43 -5.73 -44.11
N PRO A 404 -3.86 -6.87 -44.65
CA PRO A 404 -3.01 -7.66 -45.52
C PRO A 404 -3.16 -7.30 -46.99
N ALA A 405 -2.09 -7.56 -47.74
CA ALA A 405 -2.03 -7.30 -49.17
C ALA A 405 -1.38 -8.48 -49.86
N HIS A 406 -1.71 -8.66 -51.15
CA HIS A 406 -1.09 -9.73 -51.92
C HIS A 406 0.42 -9.56 -52.00
N THR A 407 0.87 -8.33 -52.30
CA THR A 407 2.29 -8.05 -52.48
C THR A 407 2.76 -7.04 -51.46
N VAL A 408 3.88 -7.36 -50.81
CA VAL A 408 4.54 -6.47 -49.86
C VAL A 408 5.97 -6.26 -50.34
N ILE A 409 6.35 -5.01 -50.54
CA ILE A 409 7.71 -4.66 -50.95
C ILE A 409 8.33 -3.82 -49.85
N ILE A 410 9.48 -4.26 -49.34
CA ILE A 410 10.26 -3.50 -48.37
C ILE A 410 11.35 -2.78 -49.17
N LYS A 411 11.14 -1.48 -49.42
CA LYS A 411 12.07 -0.72 -50.25
C LYS A 411 13.10 -0.04 -49.37
N GLY A 412 14.37 -0.41 -49.54
CA GLY A 412 15.44 0.18 -48.76
C GLY A 412 15.69 -0.58 -47.47
N THR A 413 16.97 -0.66 -47.08
CA THR A 413 17.36 -1.36 -45.85
C THR A 413 18.26 -0.51 -44.96
N GLN A 414 18.43 0.77 -45.27
CA GLN A 414 19.25 1.67 -44.47
C GLN A 414 18.32 2.51 -43.60
N VAL A 415 18.38 2.30 -42.29
CA VAL A 415 17.59 3.07 -41.33
C VAL A 415 18.54 3.75 -40.37
N TYR A 416 18.27 5.02 -40.07
CA TYR A 416 19.16 5.80 -39.22
C TYR A 416 18.86 5.52 -37.76
N SER A 417 19.88 5.12 -37.01
CA SER A 417 19.78 4.95 -35.57
C SER A 417 20.47 6.11 -34.89
N PRO A 418 19.73 6.99 -34.20
CA PRO A 418 20.38 8.10 -33.50
C PRO A 418 21.10 7.66 -32.24
N GLU A 419 20.64 6.60 -31.58
CA GLU A 419 21.35 6.12 -30.39
C GLU A 419 22.74 5.62 -30.74
N LYS A 420 22.90 5.02 -31.91
CA LYS A 420 24.22 4.71 -32.44
C LYS A 420 24.74 5.81 -33.35
N GLY A 421 23.90 6.77 -33.72
CA GLY A 421 24.33 7.90 -34.54
C GLY A 421 24.84 7.51 -35.90
N SER A 422 24.22 6.52 -36.54
CA SER A 422 24.72 6.04 -37.83
C SER A 422 23.62 5.28 -38.54
N TRP A 423 23.83 5.03 -39.82
CA TRP A 423 22.88 4.28 -40.64
C TRP A 423 23.15 2.79 -40.46
N VAL A 424 22.18 2.06 -39.91
CA VAL A 424 22.30 0.63 -39.67
C VAL A 424 21.29 -0.08 -40.57
N GLU A 425 21.29 -1.40 -40.53
CA GLU A 425 20.35 -2.19 -41.31
C GLU A 425 19.06 -2.40 -40.51
N LEU A 426 18.03 -2.86 -41.22
CA LEU A 426 16.75 -3.14 -40.57
C LEU A 426 16.90 -4.28 -39.57
N SER A 427 16.09 -4.22 -38.54
CA SER A 427 16.08 -5.30 -37.57
C SER A 427 15.30 -6.50 -38.12
N PRO A 428 15.63 -7.71 -37.68
CA PRO A 428 14.90 -8.89 -38.18
C PRO A 428 13.41 -8.85 -37.87
N GLN A 429 13.03 -8.42 -36.67
CA GLN A 429 11.62 -8.41 -36.32
C GLN A 429 10.83 -7.46 -37.21
N ASP A 430 11.44 -6.35 -37.64
CA ASP A 430 10.75 -5.41 -38.52
C ASP A 430 10.43 -6.06 -39.86
N VAL A 431 11.43 -6.68 -40.50
CA VAL A 431 11.19 -7.26 -41.82
C VAL A 431 10.25 -8.45 -41.72
N LEU A 432 10.33 -9.22 -40.63
CA LEU A 432 9.42 -10.35 -40.47
C LEU A 432 7.98 -9.87 -40.31
N GLN A 433 7.77 -8.85 -39.48
CA GLN A 433 6.42 -8.31 -39.31
C GLN A 433 5.91 -7.70 -40.61
N MET A 434 6.79 -7.05 -41.37
CA MET A 434 6.38 -6.46 -42.65
C MET A 434 5.94 -7.54 -43.63
N LEU A 435 6.72 -8.61 -43.75
CA LEU A 435 6.35 -9.69 -44.66
C LEU A 435 5.19 -10.53 -44.14
N GLY A 436 4.84 -10.40 -42.86
CA GLY A 436 3.63 -11.05 -42.38
C GLY A 436 2.36 -10.56 -43.02
N ARG A 437 2.37 -9.34 -43.56
CA ARG A 437 1.20 -8.78 -44.23
C ARG A 437 1.08 -9.21 -45.68
N ALA A 438 1.91 -10.15 -46.13
CA ALA A 438 1.93 -10.57 -47.54
C ALA A 438 1.10 -11.83 -47.71
N GLY A 439 0.09 -11.76 -48.56
CA GLY A 439 -0.77 -12.90 -48.81
C GLY A 439 -2.02 -12.90 -47.96
N ARG A 440 -3.18 -12.80 -48.61
CA ARG A 440 -4.44 -12.85 -47.87
C ARG A 440 -4.83 -14.31 -47.62
N PRO A 441 -5.28 -14.63 -46.40
CA PRO A 441 -5.55 -16.04 -46.08
C PRO A 441 -6.71 -16.65 -46.86
N GLN A 442 -7.74 -15.86 -47.17
CA GLN A 442 -8.94 -16.38 -47.80
C GLN A 442 -9.22 -15.85 -49.19
N TYR A 443 -8.45 -14.87 -49.68
CA TYR A 443 -8.68 -14.30 -51.00
C TYR A 443 -7.81 -14.94 -52.07
N ASP A 444 -6.49 -14.86 -51.93
CA ASP A 444 -5.57 -15.39 -52.92
C ASP A 444 -4.90 -16.67 -52.41
N THR A 445 -4.32 -17.41 -53.35
CA THR A 445 -3.71 -18.69 -53.00
C THR A 445 -2.34 -18.52 -52.35
N TYR A 446 -1.55 -17.55 -52.80
CA TYR A 446 -0.22 -17.33 -52.27
C TYR A 446 0.06 -15.84 -52.19
N GLY A 447 1.11 -15.49 -51.43
CA GLY A 447 1.51 -14.11 -51.28
C GLY A 447 2.91 -13.85 -51.81
N GLU A 448 3.22 -12.59 -52.09
CA GLU A 448 4.51 -12.21 -52.66
C GLU A 448 5.17 -11.16 -51.79
N GLY A 449 6.43 -11.40 -51.43
CA GLY A 449 7.21 -10.48 -50.63
C GLY A 449 8.56 -10.19 -51.27
N ILE A 450 8.82 -8.92 -51.54
CA ILE A 450 10.03 -8.47 -52.21
C ILE A 450 10.81 -7.59 -51.25
N ILE A 451 12.13 -7.76 -51.23
CA ILE A 451 13.03 -6.94 -50.44
C ILE A 451 14.01 -6.26 -51.39
N ILE A 452 14.13 -4.94 -51.28
CA ILE A 452 15.05 -4.16 -52.11
C ILE A 452 16.17 -3.68 -51.21
N THR A 453 17.39 -4.14 -51.51
CA THR A 453 18.55 -3.84 -50.69
C THR A 453 19.73 -3.56 -51.61
N THR A 454 20.94 -3.54 -51.04
CA THR A 454 22.16 -3.38 -51.81
C THR A 454 22.72 -4.76 -52.16
N GLN A 455 23.83 -4.76 -52.92
CA GLN A 455 24.43 -6.03 -53.33
C GLN A 455 25.16 -6.70 -52.17
N GLY A 456 25.75 -5.92 -51.28
CA GLY A 456 26.52 -6.46 -50.17
C GLY A 456 25.73 -6.85 -48.95
N GLU A 457 24.41 -6.70 -48.98
CA GLU A 457 23.57 -7.06 -47.84
C GLU A 457 22.55 -8.15 -48.17
N ILE A 458 22.60 -8.72 -49.37
CA ILE A 458 21.63 -9.75 -49.74
C ILE A 458 21.78 -11.02 -48.89
N PRO A 459 22.99 -11.56 -48.66
CA PRO A 459 23.08 -12.78 -47.84
C PRO A 459 22.49 -12.63 -46.45
N TYR A 460 22.56 -11.44 -45.87
CA TYR A 460 22.00 -11.19 -44.55
C TYR A 460 20.51 -11.50 -44.52
N TYR A 461 19.74 -10.85 -45.40
CA TYR A 461 18.30 -11.07 -45.41
C TYR A 461 17.94 -12.45 -45.98
N LEU A 462 18.78 -12.98 -46.88
CA LEU A 462 18.60 -14.36 -47.33
C LEU A 462 18.59 -15.32 -46.15
N SER A 463 19.60 -15.21 -45.28
CA SER A 463 19.65 -16.03 -44.08
C SER A 463 18.49 -15.70 -43.14
N LEU A 464 18.10 -14.42 -43.09
CA LEU A 464 17.03 -14.01 -42.19
C LEU A 464 15.72 -14.71 -42.53
N LEU A 465 15.36 -14.74 -43.82
CA LEU A 465 14.08 -15.30 -44.23
C LEU A 465 14.12 -16.80 -44.47
N ASN A 466 15.31 -17.41 -44.54
CA ASN A 466 15.44 -18.84 -44.76
C ASN A 466 15.93 -19.56 -43.51
N GLN A 467 15.66 -18.99 -42.34
CA GLN A 467 15.94 -19.64 -41.05
C GLN A 467 17.43 -19.90 -40.86
N GLN A 468 18.25 -18.90 -41.19
CA GLN A 468 19.71 -19.02 -41.07
C GLN A 468 20.32 -17.80 -40.39
N LEU A 469 19.53 -17.02 -39.66
CA LEU A 469 20.06 -15.90 -38.91
C LEU A 469 20.02 -16.23 -37.42
N PRO A 470 21.17 -16.59 -36.81
CA PRO A 470 21.15 -17.01 -35.41
C PRO A 470 20.73 -15.89 -34.47
N ILE A 471 20.11 -16.29 -33.37
CA ILE A 471 19.63 -15.36 -32.35
C ILE A 471 20.68 -15.37 -31.23
N GLU A 472 21.48 -14.31 -31.17
CA GLU A 472 22.56 -14.21 -30.20
C GLU A 472 22.19 -13.23 -29.09
N SER A 473 22.72 -13.50 -27.89
CA SER A 473 22.42 -12.68 -26.72
C SER A 473 23.27 -11.42 -26.71
N GLN A 474 22.68 -10.32 -26.26
CA GLN A 474 23.37 -9.03 -26.15
C GLN A 474 23.35 -8.52 -24.71
N LEU A 475 23.31 -9.43 -23.74
CA LEU A 475 23.16 -9.02 -22.34
C LEU A 475 24.42 -8.38 -21.80
N VAL A 476 25.60 -8.76 -22.29
CA VAL A 476 26.85 -8.25 -21.75
C VAL A 476 26.89 -6.73 -21.81
N SER A 477 26.52 -6.16 -22.96
CA SER A 477 26.54 -4.72 -23.14
C SER A 477 25.69 -3.99 -22.10
N LYS A 478 24.75 -4.68 -21.47
CA LYS A 478 23.90 -4.10 -20.43
C LYS A 478 23.96 -4.88 -19.13
N LEU A 479 25.05 -5.62 -18.90
CA LEU A 479 25.15 -6.45 -17.71
C LEU A 479 25.24 -5.61 -16.45
N VAL A 480 26.22 -4.70 -16.40
CA VAL A 480 26.44 -3.85 -15.23
C VAL A 480 25.14 -3.18 -14.80
N ASP A 481 24.38 -2.66 -15.75
CA ASP A 481 23.10 -2.06 -15.42
C ASP A 481 22.13 -3.09 -14.87
N SER A 482 21.93 -4.19 -15.59
CA SER A 482 20.90 -5.15 -15.20
C SER A 482 21.19 -5.74 -13.84
N LEU A 483 22.44 -6.14 -13.60
CA LEU A 483 22.84 -6.58 -12.26
C LEU A 483 22.43 -5.56 -11.21
N ASN A 484 22.74 -4.29 -11.45
CA ASN A 484 22.36 -3.25 -10.49
C ASN A 484 20.88 -3.31 -10.17
N ALA A 485 20.04 -3.49 -11.19
CA ALA A 485 18.61 -3.60 -10.95
C ALA A 485 18.32 -4.74 -9.99
N GLU A 486 18.89 -5.92 -10.25
CA GLU A 486 18.67 -7.07 -9.38
C GLU A 486 19.13 -6.79 -7.97
N ILE A 487 20.12 -5.92 -7.79
CA ILE A 487 20.56 -5.59 -6.43
C ILE A 487 19.57 -4.63 -5.79
N VAL A 488 19.06 -3.66 -6.55
CA VAL A 488 18.11 -2.71 -5.97
C VAL A 488 16.81 -3.41 -5.59
N LEU A 489 16.49 -4.52 -6.25
CA LEU A 489 15.34 -5.32 -5.88
C LEU A 489 15.58 -6.24 -4.70
N GLY A 490 16.84 -6.36 -4.25
CA GLY A 490 17.18 -7.30 -3.20
C GLY A 490 17.28 -8.74 -3.65
N ASN A 491 17.14 -9.02 -4.95
CA ASN A 491 17.23 -10.38 -5.45
C ASN A 491 18.67 -10.86 -5.57
N VAL A 492 19.64 -9.96 -5.55
CA VAL A 492 21.05 -10.31 -5.63
C VAL A 492 21.76 -9.55 -4.52
N ARG A 493 22.09 -10.26 -3.44
CA ARG A 493 22.77 -9.66 -2.30
C ARG A 493 24.23 -10.07 -2.18
N ASN A 494 24.68 -11.06 -2.95
CA ASN A 494 26.05 -11.56 -2.85
C ASN A 494 26.44 -12.22 -4.16
N ARG A 495 27.69 -12.65 -4.24
CA ARG A 495 28.22 -13.22 -5.48
C ARG A 495 27.45 -14.47 -5.90
N ASP A 496 27.11 -15.34 -4.93
CA ASP A 496 26.42 -16.58 -5.25
C ASP A 496 25.03 -16.30 -5.81
N GLU A 497 24.29 -15.38 -5.19
CA GLU A 497 22.98 -15.01 -5.72
C GLU A 497 23.09 -14.36 -7.10
N GLY A 498 24.15 -13.58 -7.32
CA GLY A 498 24.37 -13.02 -8.64
C GLY A 498 24.59 -14.08 -9.70
N VAL A 499 25.39 -15.10 -9.38
CA VAL A 499 25.62 -16.18 -10.32
C VAL A 499 24.34 -16.98 -10.56
N GLU A 500 23.57 -17.20 -9.50
CA GLU A 500 22.28 -17.88 -9.65
C GLU A 500 21.36 -17.10 -10.59
N TRP A 501 21.33 -15.77 -10.45
CA TRP A 501 20.54 -14.95 -11.37
C TRP A 501 21.06 -15.08 -12.80
N LEU A 502 22.37 -14.87 -12.98
CA LEU A 502 22.98 -14.93 -14.31
C LEU A 502 22.77 -16.29 -14.98
N GLY A 503 22.57 -17.34 -14.20
CA GLY A 503 22.31 -18.66 -14.76
C GLY A 503 20.93 -18.82 -15.37
N TYR A 504 20.04 -17.87 -15.17
CA TYR A 504 18.69 -17.91 -15.75
C TYR A 504 18.54 -17.01 -16.97
N THR A 505 19.64 -16.50 -17.50
CA THR A 505 19.60 -15.58 -18.63
C THR A 505 19.89 -16.31 -19.94
N TYR A 506 19.49 -15.67 -21.04
CA TYR A 506 19.79 -16.20 -22.37
C TYR A 506 21.29 -16.21 -22.64
N LEU A 507 22.02 -15.25 -22.06
CA LEU A 507 23.47 -15.22 -22.19
C LEU A 507 24.10 -16.50 -21.67
N PHE A 508 23.53 -17.06 -20.59
CA PHE A 508 24.13 -18.26 -19.99
C PHE A 508 24.03 -19.47 -20.92
N VAL A 509 22.84 -19.75 -21.46
CA VAL A 509 22.69 -20.87 -22.36
C VAL A 509 23.48 -20.63 -23.65
N ARG A 510 23.45 -19.40 -24.16
CA ARG A 510 24.18 -19.09 -25.38
C ARG A 510 25.69 -19.18 -25.19
N MET A 511 26.16 -19.00 -23.94
CA MET A 511 27.57 -19.24 -23.62
C MET A 511 27.87 -20.72 -23.50
N LEU A 512 26.93 -21.48 -22.92
CA LEU A 512 27.13 -22.93 -22.80
C LEU A 512 27.23 -23.58 -24.17
N ARG A 513 26.51 -23.06 -25.16
CA ARG A 513 26.54 -23.70 -26.48
C ARG A 513 27.76 -23.27 -27.28
N SER A 514 28.00 -21.97 -27.41
CA SER A 514 29.03 -21.42 -28.28
C SER A 514 30.05 -20.63 -27.45
N PRO A 515 30.95 -21.31 -26.75
CA PRO A 515 31.92 -20.58 -25.92
C PRO A 515 32.93 -19.80 -26.74
N GLY A 516 33.36 -20.33 -27.88
CA GLY A 516 34.31 -19.60 -28.71
C GLY A 516 33.71 -18.36 -29.35
N LEU A 517 32.42 -18.41 -29.68
CA LEU A 517 31.76 -17.26 -30.31
C LEU A 517 31.58 -16.10 -29.34
N TYR A 518 31.55 -16.37 -28.04
CA TYR A 518 31.41 -15.33 -27.03
C TYR A 518 32.73 -15.04 -26.31
N SER A 519 33.85 -15.52 -26.86
CA SER A 519 35.19 -15.27 -26.32
C SER A 519 35.23 -15.52 -24.81
N VAL A 520 34.81 -16.73 -24.42
CA VAL A 520 34.90 -17.14 -23.03
C VAL A 520 36.35 -17.15 -22.57
N GLY A 521 37.28 -17.49 -23.46
CA GLY A 521 38.70 -17.44 -23.17
C GLY A 521 39.36 -18.78 -23.05
N ALA A 522 38.60 -19.87 -23.02
CA ALA A 522 39.11 -21.24 -23.01
C ALA A 522 39.87 -21.55 -21.71
N GLU A 523 39.98 -20.57 -20.82
CA GLU A 523 40.56 -20.84 -19.50
C GLU A 523 39.61 -21.70 -18.66
N TYR A 524 38.31 -21.61 -18.93
CA TYR A 524 37.29 -22.30 -18.17
C TYR A 524 36.96 -23.65 -18.77
N GLU A 525 37.99 -24.47 -19.00
CA GLU A 525 37.79 -25.78 -19.62
C GLU A 525 37.04 -26.73 -18.69
N ASP A 526 37.55 -26.92 -17.47
CA ASP A 526 36.93 -27.78 -16.48
C ASP A 526 35.83 -27.07 -15.70
N ASP A 527 35.33 -25.94 -16.20
CA ASP A 527 34.34 -25.14 -15.49
C ASP A 527 32.96 -25.74 -15.71
N VAL A 528 32.42 -26.35 -14.66
CA VAL A 528 31.07 -26.92 -14.73
C VAL A 528 30.06 -25.79 -14.71
N ALA A 529 29.08 -25.84 -15.62
CA ALA A 529 28.02 -24.84 -15.73
C ALA A 529 28.59 -23.42 -15.79
N LEU A 530 29.83 -23.30 -16.27
CA LEU A 530 30.54 -22.02 -16.37
C LEU A 530 30.48 -21.22 -15.06
N GLU A 531 30.50 -21.94 -13.93
CA GLU A 531 30.37 -21.28 -12.63
C GLU A 531 31.47 -20.25 -12.42
N GLN A 532 32.73 -20.65 -12.59
CA GLN A 532 33.83 -19.71 -12.48
C GLN A 532 33.75 -18.60 -13.53
N LYS A 533 33.08 -18.83 -14.65
CA LYS A 533 32.89 -17.76 -15.61
C LYS A 533 31.85 -16.76 -15.14
N ARG A 534 30.88 -17.21 -14.33
CA ARG A 534 29.83 -16.32 -13.88
C ARG A 534 30.28 -15.44 -12.73
N VAL A 535 31.16 -15.92 -11.85
CA VAL A 535 31.70 -15.06 -10.81
C VAL A 535 32.63 -14.01 -11.42
N ASP A 536 33.56 -14.44 -12.28
CA ASP A 536 34.48 -13.50 -12.91
C ASP A 536 33.76 -12.47 -13.76
N LEU A 537 32.60 -12.83 -14.29
CA LEU A 537 31.79 -11.88 -15.05
C LEU A 537 30.97 -10.97 -14.16
N ILE A 538 30.70 -11.38 -12.92
CA ILE A 538 29.93 -10.56 -11.99
C ILE A 538 30.84 -9.70 -11.13
N HIS A 539 31.90 -10.30 -10.57
CA HIS A 539 32.86 -9.53 -9.78
C HIS A 539 33.34 -8.31 -10.53
N SER A 540 33.59 -8.45 -11.84
CA SER A 540 33.94 -7.29 -12.64
C SER A 540 32.81 -6.27 -12.68
N ALA A 541 31.61 -6.71 -13.06
CA ALA A 541 30.47 -5.81 -13.15
C ALA A 541 30.22 -5.10 -11.83
N ALA A 542 30.06 -5.88 -10.75
CA ALA A 542 29.93 -5.30 -9.42
C ALA A 542 31.05 -4.33 -9.12
N MET A 543 32.29 -4.68 -9.50
CA MET A 543 33.41 -3.77 -9.29
C MET A 543 33.13 -2.41 -9.90
N VAL A 544 32.68 -2.39 -11.16
CA VAL A 544 32.28 -1.14 -11.80
C VAL A 544 31.23 -0.44 -10.96
N LEU A 545 30.20 -1.18 -10.54
CA LEU A 545 29.15 -0.59 -9.71
C LEU A 545 29.70 -0.04 -8.42
N LYS A 546 30.78 -0.65 -7.89
CA LYS A 546 31.39 -0.13 -6.68
C LYS A 546 32.09 1.19 -6.94
N LYS A 547 32.73 1.32 -8.10
CA LYS A 547 33.51 2.52 -8.37
C LYS A 547 32.63 3.72 -8.71
N SER A 548 31.51 3.47 -9.38
CA SER A 548 30.54 4.53 -9.66
C SER A 548 29.68 4.88 -8.45
N ASN A 549 29.96 4.29 -7.29
CA ASN A 549 29.25 4.54 -6.04
C ASN A 549 27.78 4.15 -6.12
N LEU A 550 27.41 3.34 -7.11
CA LEU A 550 26.03 2.87 -7.22
C LEU A 550 25.77 1.69 -6.28
N ILE A 551 26.81 0.95 -5.92
CA ILE A 551 26.66 -0.26 -5.12
C ILE A 551 27.77 -0.29 -4.07
N LYS A 552 27.48 -0.90 -2.93
CA LYS A 552 28.49 -1.23 -1.93
C LYS A 552 28.81 -2.71 -2.08
N TYR A 553 30.08 -3.02 -2.34
CA TYR A 553 30.52 -4.36 -2.73
C TYR A 553 31.70 -4.78 -1.86
N ASP A 554 31.43 -5.64 -0.87
CA ASP A 554 32.47 -6.23 -0.05
C ASP A 554 33.16 -7.32 -0.86
N GLU A 555 34.39 -7.05 -1.30
CA GLU A 555 35.07 -7.98 -2.21
C GLU A 555 35.30 -9.33 -1.54
N LYS A 556 35.58 -9.34 -0.24
CA LYS A 556 35.91 -10.59 0.43
C LYS A 556 34.67 -11.43 0.71
N THR A 557 33.75 -10.92 1.53
CA THR A 557 32.55 -11.68 1.86
C THR A 557 31.57 -11.79 0.70
N GLY A 558 31.76 -10.99 -0.36
CA GLY A 558 30.88 -11.02 -1.50
C GLY A 558 29.58 -10.26 -1.34
N LYS A 559 29.27 -9.81 -0.12
CA LYS A 559 27.99 -9.13 0.11
C LYS A 559 27.91 -7.83 -0.68
N MET A 560 26.71 -7.54 -1.17
CA MET A 560 26.44 -6.35 -1.96
C MET A 560 25.16 -5.70 -1.47
N GLN A 561 25.12 -4.36 -1.53
CA GLN A 561 23.91 -3.64 -1.20
C GLN A 561 23.78 -2.41 -2.10
N ALA A 562 22.54 -2.01 -2.35
CA ALA A 562 22.25 -0.90 -3.24
C ALA A 562 22.29 0.42 -2.47
N THR A 563 22.97 1.41 -3.04
CA THR A 563 22.92 2.76 -2.54
C THR A 563 21.78 3.52 -3.23
N GLU A 564 21.48 4.72 -2.71
CA GLU A 564 20.41 5.51 -3.31
C GLU A 564 20.72 5.87 -4.77
N LEU A 565 22.00 6.06 -5.09
CA LEU A 565 22.37 6.33 -6.48
C LEU A 565 22.03 5.15 -7.37
N GLY A 566 22.34 3.93 -6.93
CA GLY A 566 21.98 2.75 -7.71
C GLY A 566 20.48 2.60 -7.85
N ARG A 567 19.73 2.91 -6.79
CA ARG A 567 18.28 2.83 -6.86
C ARG A 567 17.73 3.83 -7.88
N ILE A 568 18.27 5.05 -7.89
CA ILE A 568 17.83 6.04 -8.86
C ILE A 568 18.20 5.61 -10.28
N ALA A 569 19.40 5.05 -10.46
CA ALA A 569 19.81 4.59 -11.78
C ALA A 569 18.91 3.47 -12.28
N SER A 570 18.53 2.55 -11.41
CA SER A 570 17.65 1.46 -11.81
C SER A 570 16.25 1.96 -12.12
N HIS A 571 15.71 2.80 -11.23
CA HIS A 571 14.34 3.27 -11.39
C HIS A 571 14.15 4.07 -12.68
N TYR A 572 15.22 4.72 -13.16
CA TYR A 572 15.11 5.63 -14.30
C TYR A 572 15.93 5.19 -15.51
N TYR A 573 16.41 3.94 -15.52
CA TYR A 573 17.13 3.39 -16.67
C TYR A 573 18.30 4.29 -17.07
N ILE A 574 19.10 4.68 -16.08
CA ILE A 574 20.26 5.52 -16.29
C ILE A 574 21.50 4.64 -16.30
N SER A 575 22.35 4.83 -17.31
CA SER A 575 23.60 4.09 -17.37
C SER A 575 24.49 4.46 -16.18
N HIS A 576 25.38 3.54 -15.82
CA HIS A 576 26.30 3.80 -14.72
C HIS A 576 27.24 4.95 -15.04
N GLU A 577 27.64 5.08 -16.31
CA GLU A 577 28.50 6.20 -16.71
C GLU A 577 27.78 7.54 -16.56
N SER A 578 26.51 7.61 -16.98
CA SER A 578 25.74 8.83 -16.83
C SER A 578 25.54 9.18 -15.36
N MET A 579 25.29 8.17 -14.52
CA MET A 579 25.16 8.42 -13.09
C MET A 579 26.46 8.94 -12.50
N ASP A 580 27.60 8.39 -12.93
CA ASP A 580 28.89 8.89 -12.47
C ASP A 580 29.05 10.35 -12.84
N THR A 581 28.72 10.70 -14.09
CA THR A 581 28.86 12.09 -14.52
C THR A 581 27.95 13.02 -13.72
N TYR A 582 26.69 12.61 -13.51
CA TYR A 582 25.77 13.44 -12.73
C TYR A 582 26.30 13.66 -11.33
N ASN A 583 26.69 12.57 -10.65
CA ASN A 583 27.15 12.69 -9.27
C ASN A 583 28.39 13.56 -9.17
N LYS A 584 29.29 13.48 -10.16
CA LYS A 584 30.50 14.29 -10.10
C LYS A 584 30.29 15.74 -10.52
N LEU A 585 29.20 16.03 -11.26
CA LEU A 585 29.03 17.38 -11.81
C LEU A 585 28.03 18.25 -11.06
N ILE A 586 27.03 17.66 -10.42
CA ILE A 586 25.96 18.45 -9.80
C ILE A 586 26.48 19.09 -8.52
N HIS A 587 26.21 20.38 -8.34
CA HIS A 587 26.57 21.11 -7.13
C HIS A 587 25.41 22.01 -6.73
N PRO A 588 25.33 22.40 -5.46
CA PRO A 588 24.11 23.09 -4.98
C PRO A 588 23.85 24.44 -5.62
N ALA A 589 24.88 25.17 -6.03
CA ALA A 589 24.72 26.49 -6.62
C ALA A 589 24.48 26.42 -8.13
N MET A 590 24.15 25.24 -8.65
CA MET A 590 24.00 25.04 -10.08
C MET A 590 22.81 25.84 -10.62
N ASN A 591 23.03 26.54 -11.74
CA ASN A 591 21.98 27.28 -12.40
C ASN A 591 21.39 26.44 -13.53
N ASP A 592 20.46 27.05 -14.28
CA ASP A 592 19.83 26.32 -15.38
C ASP A 592 20.83 25.97 -16.47
N VAL A 593 21.80 26.86 -16.72
CA VAL A 593 22.79 26.63 -17.77
C VAL A 593 23.60 25.38 -17.45
N GLU A 594 24.09 25.28 -16.20
CA GLU A 594 24.91 24.13 -15.84
C GLU A 594 24.09 22.84 -15.77
N LEU A 595 22.81 22.95 -15.41
CA LEU A 595 21.97 21.75 -15.40
C LEU A 595 21.72 21.24 -16.81
N PHE A 596 21.48 22.15 -17.76
CA PHE A 596 21.38 21.75 -19.16
C PHE A 596 22.70 21.15 -19.65
N ARG A 597 23.83 21.72 -19.22
CA ARG A 597 25.12 21.17 -19.62
C ARG A 597 25.30 19.75 -19.10
N VAL A 598 24.92 19.52 -17.84
CA VAL A 598 24.98 18.17 -17.28
C VAL A 598 24.09 17.23 -18.08
N PHE A 599 22.89 17.69 -18.45
CA PHE A 599 22.04 16.89 -19.32
C PHE A 599 22.75 16.51 -20.61
N ALA A 600 23.48 17.46 -21.20
CA ALA A 600 24.12 17.24 -22.49
C ALA A 600 25.36 16.35 -22.40
N GLN A 601 25.91 16.15 -21.22
CA GLN A 601 27.08 15.28 -21.07
C GLN A 601 26.70 13.84 -20.73
N SER A 602 25.46 13.44 -21.01
CA SER A 602 25.04 12.07 -20.74
C SER A 602 25.68 11.11 -21.73
N GLY A 603 25.91 9.88 -21.27
CA GLY A 603 26.49 8.86 -22.13
C GLY A 603 25.52 8.27 -23.13
N GLU A 604 24.21 8.48 -22.93
CA GLU A 604 23.22 8.00 -23.88
C GLU A 604 23.26 8.74 -25.20
N PHE A 605 24.03 9.82 -25.30
CA PHE A 605 24.05 10.67 -26.49
C PHE A 605 25.44 10.82 -27.10
N LYS A 606 26.44 10.09 -26.59
CA LYS A 606 27.82 10.34 -27.02
C LYS A 606 28.03 9.99 -28.49
N TYR A 607 27.26 9.06 -29.03
CA TYR A 607 27.41 8.60 -30.41
C TYR A 607 26.76 9.54 -31.43
N ILE A 608 26.23 10.68 -31.00
CA ILE A 608 25.56 11.62 -31.89
C ILE A 608 26.59 12.66 -32.34
N PRO A 609 26.99 12.66 -33.61
CA PRO A 609 27.99 13.63 -34.06
C PRO A 609 27.37 14.88 -34.66
N VAL A 610 28.15 15.96 -34.62
CA VAL A 610 27.79 17.18 -35.32
C VAL A 610 28.24 17.06 -36.77
N ARG A 611 27.40 17.53 -37.69
CA ARG A 611 27.66 17.40 -39.11
C ARG A 611 27.69 18.79 -39.76
N GLN A 612 28.60 18.97 -40.72
CA GLN A 612 28.59 20.19 -41.51
C GLN A 612 27.28 20.35 -42.27
N GLU A 613 26.69 19.23 -42.69
CA GLU A 613 25.41 19.25 -43.38
C GLU A 613 24.35 20.01 -42.58
N GLU A 614 24.44 19.98 -41.26
CA GLU A 614 23.51 20.68 -40.38
C GLU A 614 24.21 21.77 -39.58
N LYS A 615 25.24 22.40 -40.16
CA LYS A 615 25.93 23.48 -39.45
C LYS A 615 25.09 24.74 -39.42
N LEU A 616 24.34 25.01 -40.48
CA LEU A 616 23.55 26.25 -40.56
C LEU A 616 22.40 26.22 -39.57
N GLU A 617 21.51 25.23 -39.71
CA GLU A 617 20.32 25.15 -38.87
C GLU A 617 20.67 25.18 -37.39
N LEU A 618 21.68 24.40 -37.00
CA LEU A 618 22.16 24.42 -35.62
C LEU A 618 22.40 25.85 -35.14
N ALA A 619 23.15 26.62 -35.91
CA ALA A 619 23.38 28.02 -35.55
C ALA A 619 22.06 28.77 -35.44
N LYS A 620 21.20 28.62 -36.45
CA LYS A 620 19.89 29.26 -36.40
C LYS A 620 19.11 28.85 -35.16
N LEU A 621 19.36 27.65 -34.64
CA LEU A 621 18.67 27.19 -33.44
C LEU A 621 19.31 27.76 -32.17
N LEU A 622 20.63 27.99 -32.19
CA LEU A 622 21.30 28.48 -31.00
C LEU A 622 20.91 29.91 -30.65
N ALA A 623 20.47 30.69 -31.63
CA ALA A 623 20.05 32.06 -31.38
C ALA A 623 18.61 32.18 -30.93
N ARG A 624 17.80 31.14 -31.10
CA ARG A 624 16.39 31.16 -30.71
C ARG A 624 16.12 30.43 -29.41
N VAL A 625 17.15 29.87 -28.77
CA VAL A 625 16.95 29.14 -27.52
C VAL A 625 17.35 30.06 -26.36
N PRO A 626 16.58 30.07 -25.26
CA PRO A 626 16.83 31.07 -24.21
C PRO A 626 18.05 30.78 -23.35
N ILE A 627 18.25 29.52 -22.97
CA ILE A 627 19.33 29.16 -22.06
C ILE A 627 20.67 29.32 -22.76
N PRO A 628 21.60 30.11 -22.22
CA PRO A 628 22.92 30.24 -22.85
C PRO A 628 23.67 28.92 -22.88
N VAL A 629 24.32 28.65 -24.00
CA VAL A 629 25.13 27.44 -24.16
C VAL A 629 26.59 27.84 -24.18
N LYS A 630 27.25 27.80 -23.02
CA LYS A 630 28.64 28.17 -22.92
C LYS A 630 29.56 27.20 -23.66
N GLU A 631 29.08 25.98 -23.94
CA GLU A 631 29.91 24.98 -24.59
C GLU A 631 30.25 25.42 -26.01
N SER A 632 31.40 24.95 -26.48
CA SER A 632 31.89 25.35 -27.80
C SER A 632 30.90 24.97 -28.88
N ILE A 633 30.73 25.87 -29.85
CA ILE A 633 29.80 25.62 -30.94
C ILE A 633 30.29 24.44 -31.77
N GLU A 634 29.34 23.71 -32.36
CA GLU A 634 29.63 22.52 -33.17
C GLU A 634 30.34 21.45 -32.35
N GLU A 635 29.87 21.26 -31.12
CA GLU A 635 30.28 20.17 -30.25
C GLU A 635 29.06 19.31 -29.94
N PRO A 636 29.18 17.98 -29.97
CA PRO A 636 28.00 17.13 -29.78
C PRO A 636 27.17 17.47 -28.54
N THR A 637 27.83 17.82 -27.43
CA THR A 637 27.09 18.20 -26.23
C THR A 637 26.28 19.47 -26.46
N ALA A 638 26.88 20.48 -27.09
CA ALA A 638 26.14 21.69 -27.42
C ALA A 638 25.00 21.38 -28.38
N LYS A 639 25.23 20.46 -29.31
CA LYS A 639 24.18 20.06 -30.26
C LYS A 639 22.97 19.49 -29.53
N ILE A 640 23.18 18.53 -28.63
CA ILE A 640 22.02 17.93 -27.99
C ILE A 640 21.41 18.90 -26.97
N ASN A 641 22.21 19.78 -26.38
CA ASN A 641 21.67 20.81 -25.50
C ASN A 641 20.67 21.69 -26.26
N VAL A 642 21.10 22.26 -27.38
CA VAL A 642 20.19 23.11 -28.14
C VAL A 642 19.06 22.29 -28.75
N LEU A 643 19.26 20.98 -28.98
CA LEU A 643 18.16 20.15 -29.45
C LEU A 643 17.06 20.06 -28.39
N LEU A 644 17.44 19.79 -27.14
CA LEU A 644 16.45 19.76 -26.07
C LEU A 644 15.75 21.11 -25.94
N GLN A 645 16.53 22.20 -25.94
CA GLN A 645 15.93 23.53 -25.82
C GLN A 645 14.94 23.81 -26.95
N ALA A 646 15.35 23.53 -28.19
CA ALA A 646 14.48 23.80 -29.33
C ALA A 646 13.24 22.93 -29.31
N TYR A 647 13.34 21.70 -28.80
CA TYR A 647 12.15 20.89 -28.60
C TYR A 647 11.21 21.56 -27.60
N ILE A 648 11.76 22.05 -26.49
CA ILE A 648 10.93 22.76 -25.51
C ILE A 648 10.31 24.00 -26.15
N SER A 649 11.08 24.71 -26.98
CA SER A 649 10.59 25.93 -27.62
C SER A 649 9.54 25.67 -28.70
N ARG A 650 9.29 24.41 -29.04
CA ARG A 650 8.33 24.04 -30.09
C ARG A 650 8.72 24.66 -31.43
N LEU A 651 9.93 24.35 -31.87
CA LEU A 651 10.47 24.84 -33.13
C LEU A 651 10.42 23.75 -34.18
N LYS A 652 9.97 24.12 -35.38
CA LYS A 652 9.96 23.18 -36.50
C LYS A 652 11.36 23.01 -37.05
N LEU A 653 11.69 21.79 -37.44
CA LEU A 653 13.01 21.46 -37.97
C LEU A 653 12.88 20.95 -39.39
N GLU A 654 13.91 21.23 -40.19
CA GLU A 654 13.96 20.80 -41.59
C GLU A 654 14.94 19.67 -41.83
N GLY A 655 15.99 19.55 -41.02
CA GLY A 655 16.91 18.44 -41.17
C GLY A 655 16.30 17.13 -40.70
N LEU A 656 16.54 16.06 -41.46
CA LEU A 656 15.94 14.77 -41.15
C LEU A 656 16.70 14.07 -40.03
N ALA A 657 18.00 13.86 -40.21
CA ALA A 657 18.81 13.26 -39.15
C ALA A 657 18.80 14.12 -37.90
N LEU A 658 18.75 15.44 -38.05
CA LEU A 658 18.62 16.32 -36.91
C LEU A 658 17.31 16.07 -36.17
N MET A 659 16.22 15.90 -36.91
CA MET A 659 14.93 15.59 -36.29
C MET A 659 14.98 14.26 -35.56
N ALA A 660 15.64 13.25 -36.13
CA ALA A 660 15.76 11.96 -35.47
C ALA A 660 16.56 12.07 -34.18
N ASP A 661 17.69 12.78 -34.24
CA ASP A 661 18.49 12.99 -33.03
C ASP A 661 17.69 13.71 -31.97
N MET A 662 16.90 14.71 -32.35
CA MET A 662 16.09 15.42 -31.38
C MET A 662 15.04 14.52 -30.76
N VAL A 663 14.38 13.68 -31.58
CA VAL A 663 13.38 12.75 -31.05
C VAL A 663 14.03 11.84 -30.01
N TYR A 664 15.23 11.33 -30.31
CA TYR A 664 15.91 10.44 -29.37
C TYR A 664 16.26 11.17 -28.07
N VAL A 665 16.85 12.36 -28.19
CA VAL A 665 17.23 13.16 -27.03
C VAL A 665 16.02 13.43 -26.15
N THR A 666 14.88 13.76 -26.77
CA THR A 666 13.69 14.10 -25.99
C THR A 666 13.04 12.87 -25.38
N GLN A 667 13.09 11.73 -26.05
CA GLN A 667 12.60 10.50 -25.43
C GLN A 667 13.43 10.13 -24.20
N SER A 668 14.72 10.44 -24.21
CA SER A 668 15.54 10.17 -23.03
C SER A 668 15.46 11.28 -21.97
N ALA A 669 15.01 12.47 -22.37
CA ALA A 669 15.08 13.64 -21.52
C ALA A 669 14.28 13.45 -20.23
N GLY A 670 13.11 12.83 -20.31
CA GLY A 670 12.28 12.68 -19.12
C GLY A 670 12.98 11.88 -18.03
N ARG A 671 13.48 10.69 -18.39
CA ARG A 671 14.17 9.86 -17.42
C ARG A 671 15.41 10.56 -16.90
N ILE A 672 16.20 11.18 -17.79
CA ILE A 672 17.45 11.81 -17.34
C ILE A 672 17.14 12.93 -16.34
N LEU A 673 16.17 13.79 -16.67
CA LEU A 673 15.86 14.92 -15.81
C LEU A 673 15.25 14.47 -14.48
N ARG A 674 14.44 13.41 -14.49
CA ARG A 674 13.90 12.90 -13.23
C ARG A 674 15.01 12.31 -12.37
N ALA A 675 15.99 11.64 -12.98
CA ALA A 675 17.13 11.14 -12.22
C ALA A 675 17.92 12.29 -11.61
N ILE A 676 18.15 13.36 -12.40
CA ILE A 676 18.82 14.55 -11.87
C ILE A 676 18.04 15.11 -10.68
N PHE A 677 16.71 15.19 -10.82
CA PHE A 677 15.88 15.73 -9.76
C PHE A 677 16.00 14.91 -8.48
N GLU A 678 15.95 13.58 -8.61
CA GLU A 678 16.02 12.75 -7.40
C GLU A 678 17.42 12.77 -6.80
N ILE A 679 18.46 12.92 -7.62
CA ILE A 679 19.81 13.10 -7.09
C ILE A 679 19.87 14.37 -6.25
N CYS A 680 19.40 15.50 -6.81
CA CYS A 680 19.40 16.75 -6.06
C CYS A 680 18.54 16.65 -4.81
N LEU A 681 17.46 15.86 -4.88
CA LEU A 681 16.55 15.74 -3.74
C LEU A 681 17.19 14.96 -2.60
N LYS A 682 17.82 13.83 -2.91
CA LYS A 682 18.39 12.98 -1.86
C LYS A 682 19.59 13.65 -1.19
N LYS A 683 20.30 14.53 -1.90
CA LYS A 683 21.40 15.27 -1.29
C LYS A 683 20.92 16.49 -0.51
N GLY A 684 19.63 16.79 -0.54
CA GLY A 684 19.07 17.87 0.27
C GLY A 684 19.41 19.27 -0.21
N TRP A 685 19.37 19.51 -1.52
CA TRP A 685 19.67 20.82 -2.09
C TRP A 685 18.38 21.39 -2.66
N ALA A 686 17.76 22.30 -1.92
CA ALA A 686 16.41 22.76 -2.25
C ALA A 686 16.37 23.49 -3.60
N SER A 687 17.32 24.39 -3.83
CA SER A 687 17.29 25.23 -5.02
C SER A 687 17.37 24.40 -6.30
N VAL A 688 18.44 23.61 -6.44
CA VAL A 688 18.61 22.84 -7.67
C VAL A 688 17.58 21.73 -7.77
N ALA A 689 17.07 21.24 -6.63
CA ALA A 689 16.00 20.25 -6.68
C ALA A 689 14.75 20.83 -7.32
N LYS A 690 14.33 22.01 -6.85
CA LYS A 690 13.16 22.65 -7.44
C LYS A 690 13.41 23.03 -8.89
N LEU A 691 14.64 23.43 -9.21
CA LEU A 691 14.97 23.76 -10.60
C LEU A 691 14.89 22.53 -11.49
N ALA A 692 15.41 21.39 -11.02
CA ALA A 692 15.37 20.17 -11.81
C ALA A 692 13.94 19.66 -11.99
N LEU A 693 13.11 19.80 -10.94
CA LEU A 693 11.70 19.43 -11.09
C LEU A 693 11.02 20.32 -12.12
N ASN A 694 11.32 21.63 -12.10
CA ASN A 694 10.74 22.51 -13.10
C ASN A 694 11.23 22.15 -14.50
N MET A 695 12.49 21.71 -14.62
CA MET A 695 13.01 21.29 -15.92
C MET A 695 12.31 20.02 -16.42
N CYS A 696 12.08 19.07 -15.51
CA CYS A 696 11.26 17.90 -15.85
C CYS A 696 9.93 18.34 -16.43
N LYS A 697 9.28 19.31 -15.78
CA LYS A 697 7.99 19.78 -16.29
C LYS A 697 8.15 20.48 -17.64
N MET A 698 9.22 21.24 -17.81
CA MET A 698 9.49 21.88 -19.10
C MET A 698 9.56 20.85 -20.22
N ALA A 699 10.28 19.75 -19.98
CA ALA A 699 10.44 18.74 -21.01
C ALA A 699 9.15 17.96 -21.24
N GLU A 700 8.45 17.57 -20.17
CA GLU A 700 7.29 16.70 -20.29
C GLU A 700 6.05 17.44 -20.79
N LYS A 701 5.96 18.75 -20.54
CA LYS A 701 4.86 19.55 -21.05
C LYS A 701 5.25 20.39 -22.25
N ARG A 702 6.54 20.41 -22.61
CA ARG A 702 7.05 21.10 -23.79
C ARG A 702 6.73 22.60 -23.73
N MET A 703 7.22 23.24 -22.67
CA MET A 703 6.99 24.66 -22.48
C MET A 703 8.01 25.22 -21.50
N TRP A 704 8.40 26.46 -21.73
CA TRP A 704 9.23 27.19 -20.79
C TRP A 704 8.36 27.78 -19.68
N PRO A 705 8.93 28.04 -18.50
CA PRO A 705 8.15 28.64 -17.42
C PRO A 705 7.66 30.04 -17.73
N THR A 706 8.25 30.70 -18.72
CA THR A 706 7.89 32.05 -19.10
C THR A 706 6.71 32.11 -20.05
N MET A 707 6.19 30.97 -20.51
CA MET A 707 5.05 30.95 -21.42
C MET A 707 3.76 30.77 -20.62
N SER A 708 2.64 30.77 -21.34
CA SER A 708 1.35 30.66 -20.67
C SER A 708 1.17 29.25 -20.10
N PRO A 709 0.80 29.12 -18.82
CA PRO A 709 0.52 27.78 -18.27
C PRO A 709 -0.62 27.08 -18.97
N LEU A 710 -1.50 27.82 -19.66
CA LEU A 710 -2.59 27.22 -20.40
C LEU A 710 -2.10 26.21 -21.43
N ARG A 711 -0.82 26.27 -21.81
CA ARG A 711 -0.26 25.29 -22.74
C ARG A 711 -0.33 23.87 -22.21
N GLN A 712 -0.51 23.70 -20.89
CA GLN A 712 -0.60 22.35 -20.33
C GLN A 712 -1.93 21.67 -20.64
N TYR A 713 -2.91 22.40 -21.16
CA TYR A 713 -4.20 21.83 -21.50
C TYR A 713 -4.23 21.50 -22.98
N PRO A 714 -4.41 20.23 -23.35
CA PRO A 714 -4.36 19.88 -24.78
C PRO A 714 -5.49 20.48 -25.59
N THR A 715 -6.70 20.55 -25.02
CA THR A 715 -7.87 21.00 -25.76
C THR A 715 -8.01 22.53 -25.76
N CYS A 716 -6.98 23.26 -25.34
CA CYS A 716 -7.06 24.72 -25.34
C CYS A 716 -6.64 25.24 -26.71
N PRO A 717 -7.50 26.01 -27.40
CA PRO A 717 -7.13 26.49 -28.74
C PRO A 717 -5.96 27.45 -28.68
N ALA A 718 -5.08 27.34 -29.69
CA ALA A 718 -3.86 28.15 -29.73
C ALA A 718 -4.16 29.65 -29.83
N GLU A 719 -5.37 30.02 -30.25
CA GLU A 719 -5.73 31.43 -30.27
C GLU A 719 -5.74 31.99 -28.85
N ILE A 720 -6.27 31.24 -27.90
CA ILE A 720 -6.31 31.69 -26.52
C ILE A 720 -4.91 31.79 -25.94
N ILE A 721 -4.05 30.79 -26.21
CA ILE A 721 -2.68 30.85 -25.73
C ILE A 721 -1.97 32.07 -26.31
N LYS A 722 -2.13 32.29 -27.62
CA LYS A 722 -1.50 33.45 -28.26
C LYS A 722 -1.97 34.75 -27.62
N LYS A 723 -3.29 34.91 -27.45
CA LYS A 723 -3.83 36.11 -26.81
C LYS A 723 -3.26 36.30 -25.42
N ALA A 724 -3.27 35.23 -24.61
CA ALA A 724 -2.80 35.34 -23.22
C ALA A 724 -1.33 35.72 -23.16
N GLU A 725 -0.50 35.11 -24.01
CA GLU A 725 0.92 35.44 -24.02
C GLU A 725 1.18 36.81 -24.61
N ARG A 726 0.21 37.39 -25.32
CA ARG A 726 0.29 38.79 -25.71
C ARG A 726 -0.15 39.72 -24.59
N MET A 727 -0.61 39.19 -23.46
CA MET A 727 -1.06 39.98 -22.32
C MET A 727 -0.03 39.93 -21.20
N ASP A 728 -0.21 40.84 -20.24
CA ASP A 728 0.67 40.95 -19.08
C ASP A 728 -0.03 40.56 -17.78
N VAL A 729 -1.18 39.90 -17.88
CA VAL A 729 -1.94 39.53 -16.68
C VAL A 729 -1.22 38.39 -15.96
N PRO A 730 -0.93 38.53 -14.67
CA PRO A 730 -0.29 37.43 -13.94
C PRO A 730 -1.19 36.20 -13.89
N TRP A 731 -0.55 35.03 -13.83
CA TRP A 731 -1.29 33.77 -13.82
C TRP A 731 -2.24 33.70 -12.64
N SER A 732 -1.79 34.13 -11.46
CA SER A 732 -2.63 34.07 -10.26
C SER A 732 -3.89 34.90 -10.40
N SER A 733 -3.93 35.87 -11.32
CA SER A 733 -5.13 36.67 -11.53
C SER A 733 -6.18 35.95 -12.35
N TYR A 734 -5.89 34.75 -12.86
CA TYR A 734 -6.88 33.98 -13.58
C TYR A 734 -7.87 33.28 -12.66
N PHE A 735 -7.55 33.16 -11.38
CA PHE A 735 -8.28 32.30 -10.46
C PHE A 735 -9.36 33.08 -9.71
N ASP A 736 -10.29 32.33 -9.12
CA ASP A 736 -11.38 32.87 -8.31
C ASP A 736 -12.24 33.86 -9.10
N LEU A 737 -12.64 33.44 -10.30
CA LEU A 737 -13.47 34.27 -11.16
C LEU A 737 -14.70 33.49 -11.64
N ASP A 738 -15.44 34.08 -12.58
CA ASP A 738 -16.55 33.45 -13.26
C ASP A 738 -16.40 33.73 -14.75
N PRO A 739 -17.10 32.98 -15.60
CA PRO A 739 -16.90 33.11 -17.06
C PRO A 739 -17.01 34.56 -17.55
N PRO A 740 -17.99 35.36 -17.07
CA PRO A 740 -18.02 36.77 -17.50
C PRO A 740 -16.74 37.53 -17.17
N ARG A 741 -16.36 37.52 -15.89
CA ARG A 741 -15.13 38.21 -15.50
C ARG A 741 -13.91 37.57 -16.13
N MET A 742 -13.97 36.27 -16.44
CA MET A 742 -12.83 35.63 -17.09
C MET A 742 -12.64 36.17 -18.50
N GLY A 743 -13.69 36.19 -19.30
CA GLY A 743 -13.61 36.79 -20.62
C GLY A 743 -13.21 38.25 -20.56
N GLU A 744 -13.73 38.98 -19.56
CA GLU A 744 -13.40 40.39 -19.43
C GLU A 744 -11.93 40.59 -19.08
N LEU A 745 -11.39 39.76 -18.19
CA LEU A 745 -9.99 39.85 -17.80
C LEU A 745 -9.07 39.46 -18.96
N LEU A 746 -9.50 38.50 -19.77
CA LEU A 746 -8.72 38.06 -20.92
C LEU A 746 -8.95 38.89 -22.17
N GLY A 747 -9.84 39.89 -22.11
CA GLY A 747 -10.16 40.67 -23.28
C GLY A 747 -10.80 39.88 -24.40
N MET A 748 -11.50 38.80 -24.06
CA MET A 748 -12.04 37.88 -25.06
C MET A 748 -13.25 37.18 -24.47
N PRO A 749 -14.43 37.78 -24.59
CA PRO A 749 -15.64 37.17 -23.98
C PRO A 749 -15.92 35.77 -24.49
N LYS A 750 -15.64 35.49 -25.76
CA LYS A 750 -15.92 34.17 -26.34
C LYS A 750 -15.26 33.06 -25.53
N ALA A 751 -14.04 33.28 -25.05
CA ALA A 751 -13.31 32.28 -24.30
C ALA A 751 -13.66 32.27 -22.82
N GLY A 752 -14.52 33.19 -22.36
CA GLY A 752 -14.76 33.34 -20.94
C GLY A 752 -15.15 32.04 -20.25
N LYS A 753 -16.11 31.32 -20.82
CA LYS A 753 -16.51 30.05 -20.22
C LYS A 753 -15.45 28.98 -20.39
N THR A 754 -14.72 29.00 -21.51
CA THR A 754 -13.75 27.94 -21.81
C THR A 754 -12.64 27.89 -20.77
N VAL A 755 -11.83 28.95 -20.70
CA VAL A 755 -10.67 28.91 -19.82
C VAL A 755 -11.08 28.92 -18.35
N CYS A 756 -12.26 29.47 -18.05
CA CYS A 756 -12.78 29.37 -16.69
C CYS A 756 -12.95 27.92 -16.26
N ALA A 757 -13.30 27.05 -17.20
CA ALA A 757 -13.39 25.62 -16.89
C ALA A 757 -12.03 24.97 -16.81
N LEU A 758 -11.00 25.56 -17.41
CA LEU A 758 -9.67 24.99 -17.37
C LEU A 758 -8.94 25.37 -16.09
N VAL A 759 -8.92 26.66 -15.75
CA VAL A 759 -8.23 27.10 -14.54
C VAL A 759 -8.93 26.55 -13.30
N SER A 760 -10.23 26.28 -13.38
CA SER A 760 -10.93 25.66 -12.26
C SER A 760 -10.46 24.23 -12.03
N LYS A 761 -9.86 23.59 -13.04
CA LYS A 761 -9.34 22.24 -12.91
C LYS A 761 -7.82 22.23 -12.77
N PHE A 762 -7.21 23.38 -12.53
CA PHE A 762 -5.77 23.46 -12.30
C PHE A 762 -5.47 23.04 -10.86
N PRO A 763 -4.59 22.06 -10.63
CA PRO A 763 -4.36 21.58 -9.27
C PRO A 763 -3.96 22.68 -8.31
N ARG A 764 -4.82 22.94 -7.34
CA ARG A 764 -4.71 24.05 -6.41
C ARG A 764 -4.92 23.53 -5.00
N VAL A 765 -4.16 24.06 -4.05
CA VAL A 765 -4.12 23.53 -2.70
C VAL A 765 -3.84 24.66 -1.73
N GLU A 766 -4.68 24.79 -0.70
CA GLU A 766 -4.39 25.69 0.41
C GLU A 766 -3.76 24.89 1.55
N ILE A 767 -2.87 25.55 2.29
CA ILE A 767 -2.14 24.87 3.36
C ILE A 767 -2.16 25.71 4.63
N GLN A 768 -2.13 25.01 5.76
CA GLN A 768 -2.05 25.63 7.08
C GLN A 768 -1.07 24.84 7.92
N GLY A 769 -0.35 25.54 8.79
CA GLY A 769 0.69 24.92 9.60
C GLY A 769 0.50 25.17 11.08
N ASN A 770 0.78 24.15 11.88
CA ASN A 770 0.79 24.25 13.33
C ASN A 770 2.11 23.68 13.84
N VAL A 771 2.85 24.49 14.59
CA VAL A 771 4.17 24.12 15.07
C VAL A 771 4.09 23.82 16.57
N GLN A 772 4.65 22.68 16.97
CA GLN A 772 4.75 22.29 18.38
C GLN A 772 6.20 21.91 18.66
N PRO A 773 6.95 22.68 19.45
CA PRO A 773 8.31 22.25 19.78
C PRO A 773 8.28 21.02 20.68
N MET A 774 9.06 20.02 20.32
CA MET A 774 9.24 18.84 21.16
C MET A 774 10.43 19.02 22.09
N THR A 775 11.58 19.37 21.53
CA THR A 775 12.77 19.72 22.29
C THR A 775 13.30 21.05 21.77
N ARG A 776 14.48 21.46 22.23
CA ARG A 776 15.10 22.66 21.71
C ARG A 776 15.70 22.46 20.32
N SER A 777 15.68 21.24 19.79
CA SER A 777 16.31 20.94 18.52
C SER A 777 15.40 20.17 17.57
N MET A 778 14.10 20.08 17.85
CA MET A 778 13.18 19.45 16.92
C MET A 778 11.76 19.96 17.15
N LEU A 779 11.13 20.37 16.05
CA LEU A 779 9.75 20.82 16.04
C LEU A 779 8.89 19.79 15.31
N ARG A 780 7.64 19.68 15.73
CA ARG A 780 6.64 18.84 15.10
C ARG A 780 5.67 19.75 14.36
N ILE A 781 5.53 19.53 13.06
CA ILE A 781 4.67 20.35 12.22
C ILE A 781 3.48 19.52 11.79
N GLU A 782 2.28 20.08 11.99
CA GLU A 782 1.04 19.52 11.48
C GLU A 782 0.57 20.41 10.34
N LEU A 783 0.50 19.84 9.14
CA LEU A 783 0.17 20.56 7.92
C LEU A 783 -1.20 20.11 7.44
N THR A 784 -2.13 21.04 7.37
CA THR A 784 -3.46 20.79 6.84
C THR A 784 -3.49 21.22 5.38
N ILE A 785 -3.81 20.28 4.50
CA ILE A 785 -3.82 20.49 3.05
C ILE A 785 -5.26 20.38 2.58
N THR A 786 -5.75 21.41 1.89
CA THR A 786 -7.12 21.45 1.42
C THR A 786 -7.15 21.59 -0.09
N PRO A 787 -7.78 20.65 -0.81
CA PRO A 787 -7.91 20.80 -2.26
C PRO A 787 -8.82 21.96 -2.62
N ASN A 788 -8.43 22.71 -3.64
CA ASN A 788 -9.22 23.85 -4.11
C ASN A 788 -9.29 23.85 -5.64
N PHE A 789 -9.63 22.69 -6.21
CA PHE A 789 -9.82 22.61 -7.65
C PHE A 789 -10.86 21.54 -7.96
N GLN A 790 -11.56 21.73 -9.08
CA GLN A 790 -12.56 20.76 -9.53
C GLN A 790 -11.87 19.62 -10.26
N TRP A 791 -12.18 18.39 -9.83
CA TRP A 791 -11.52 17.22 -10.41
C TRP A 791 -12.08 16.93 -11.79
N ASP A 792 -11.24 16.30 -12.62
CA ASP A 792 -11.65 15.89 -13.96
C ASP A 792 -10.77 14.71 -14.36
N VAL A 793 -11.39 13.55 -14.57
CA VAL A 793 -10.62 12.33 -14.82
C VAL A 793 -9.85 12.45 -16.13
N GLU A 794 -10.34 13.24 -17.08
CA GLU A 794 -9.69 13.34 -18.38
C GLU A 794 -8.29 13.93 -18.28
N LEU A 795 -8.06 14.82 -17.31
CA LEU A 795 -6.75 15.45 -17.18
C LEU A 795 -6.17 15.33 -15.77
N HIS A 796 -6.80 14.56 -14.89
CA HIS A 796 -6.26 14.28 -13.56
C HIS A 796 -6.07 12.80 -13.29
N GLY A 797 -6.98 11.96 -13.76
CA GLY A 797 -6.99 10.57 -13.38
C GLY A 797 -7.78 10.37 -12.09
N VAL A 798 -7.30 9.48 -11.22
CA VAL A 798 -7.92 9.28 -9.92
C VAL A 798 -7.07 9.83 -8.78
N THR A 799 -5.76 9.99 -8.97
CA THR A 799 -4.89 10.57 -7.95
C THR A 799 -3.98 11.61 -8.58
N GLU A 800 -3.65 12.63 -7.80
CA GLU A 800 -2.69 13.66 -8.18
C GLU A 800 -1.57 13.70 -7.14
N SER A 801 -0.34 13.64 -7.60
CA SER A 801 0.83 13.60 -6.73
C SER A 801 1.38 15.00 -6.51
N PHE A 802 1.87 15.25 -5.30
CA PHE A 802 2.50 16.51 -4.94
C PHE A 802 3.76 16.21 -4.16
N TRP A 803 4.63 17.21 -4.07
CA TRP A 803 5.82 17.17 -3.24
C TRP A 803 5.66 18.18 -2.11
N ILE A 804 5.84 17.72 -0.88
CA ILE A 804 5.96 18.58 0.28
C ILE A 804 7.43 18.78 0.54
N LEU A 805 7.87 20.05 0.48
CA LEU A 805 9.26 20.44 0.75
C LEU A 805 9.29 21.42 1.92
N VAL A 806 10.31 21.31 2.75
CA VAL A 806 10.55 22.26 3.83
C VAL A 806 11.99 22.74 3.70
N GLU A 807 12.16 24.05 3.54
CA GLU A 807 13.46 24.66 3.27
C GLU A 807 13.86 25.59 4.40
N ASP A 808 15.18 25.81 4.47
CA ASP A 808 15.78 26.78 5.38
C ASP A 808 15.25 28.19 5.12
N CYS A 809 15.58 29.09 6.04
CA CYS A 809 15.37 30.50 5.79
C CYS A 809 16.08 30.97 4.53
N ASP A 810 17.23 30.36 4.20
CA ASP A 810 18.00 30.71 3.02
C ASP A 810 17.59 29.92 1.78
N GLY A 811 16.68 28.94 1.93
CA GLY A 811 16.32 28.11 0.79
C GLY A 811 17.46 27.30 0.25
N GLU A 812 18.40 26.89 1.10
CA GLU A 812 19.61 26.20 0.65
C GLU A 812 19.55 24.69 0.85
N GLU A 813 19.00 24.20 1.96
CA GLU A 813 18.93 22.78 2.20
C GLU A 813 17.50 22.35 2.49
N ILE A 814 17.24 21.06 2.27
CA ILE A 814 15.92 20.47 2.43
C ILE A 814 15.85 19.82 3.81
N LEU A 815 14.98 20.35 4.67
CA LEU A 815 14.82 19.82 6.01
C LEU A 815 13.79 18.70 6.08
N PHE A 816 12.95 18.57 5.07
CA PHE A 816 11.95 17.51 4.99
C PHE A 816 11.38 17.51 3.58
N HIS A 817 11.18 16.33 3.02
CA HIS A 817 10.48 16.22 1.75
C HIS A 817 9.75 14.89 1.70
N ASP A 818 8.57 14.90 1.10
CA ASP A 818 7.77 13.69 0.97
C ASP A 818 6.82 13.87 -0.21
N VAL A 819 6.17 12.78 -0.59
CA VAL A 819 5.13 12.81 -1.61
C VAL A 819 3.77 12.79 -0.93
N PHE A 820 2.88 13.65 -1.39
CA PHE A 820 1.50 13.71 -0.92
C PHE A 820 0.59 13.29 -2.07
N ILE A 821 -0.10 12.17 -1.90
CA ILE A 821 -0.98 11.64 -2.94
C ILE A 821 -2.41 12.03 -2.60
N LEU A 822 -3.01 12.84 -3.47
CA LEU A 822 -4.37 13.33 -3.27
C LEU A 822 -5.30 12.49 -4.15
N ARG A 823 -6.17 11.72 -3.51
CA ARG A 823 -7.09 10.86 -4.24
C ARG A 823 -8.35 11.63 -4.63
N LYS A 824 -8.92 11.24 -5.78
CA LYS A 824 -10.13 11.88 -6.26
C LYS A 824 -11.27 11.73 -5.25
N ASP A 825 -11.47 10.52 -4.72
CA ASP A 825 -12.57 10.27 -3.80
C ASP A 825 -12.48 11.17 -2.57
N LEU A 826 -11.27 11.40 -2.06
CA LEU A 826 -11.09 12.25 -0.90
C LEU A 826 -11.03 13.72 -1.26
N ALA A 827 -10.70 14.06 -2.52
CA ALA A 827 -10.56 15.46 -2.92
C ALA A 827 -11.91 16.15 -3.05
N GLU A 828 -12.89 15.50 -3.68
CA GLU A 828 -14.21 16.08 -3.88
C GLU A 828 -15.18 15.69 -2.78
N ALA A 829 -14.69 15.16 -1.66
CA ALA A 829 -15.57 14.88 -0.54
C ALA A 829 -16.01 16.17 0.14
N GLU A 830 -17.07 16.07 0.95
CA GLU A 830 -17.57 17.22 1.68
C GLU A 830 -16.47 17.81 2.57
N GLU A 831 -15.96 17.00 3.51
CA GLU A 831 -14.80 17.36 4.31
C GLU A 831 -13.58 16.73 3.65
N ASN A 832 -12.87 17.52 2.84
CA ASN A 832 -11.75 17.03 2.04
C ASN A 832 -10.40 17.44 2.61
N GLU A 833 -10.35 17.95 3.83
CA GLU A 833 -9.08 18.37 4.41
C GLU A 833 -8.24 17.15 4.76
N HIS A 834 -6.97 17.19 4.38
CA HIS A 834 -5.99 16.16 4.70
C HIS A 834 -4.99 16.72 5.72
N THR A 835 -4.38 15.83 6.49
CA THR A 835 -3.36 16.24 7.44
C THR A 835 -2.09 15.42 7.23
N VAL A 836 -0.96 16.08 7.47
CA VAL A 836 0.36 15.45 7.40
C VAL A 836 1.16 15.90 8.63
N GLU A 837 1.72 14.96 9.36
CA GLU A 837 2.46 15.26 10.58
C GLU A 837 3.91 14.84 10.39
N PHE A 838 4.84 15.78 10.56
CA PHE A 838 6.25 15.46 10.41
C PHE A 838 7.05 16.24 11.44
N THR A 839 8.37 16.05 11.42
CA THR A 839 9.27 16.77 12.31
C THR A 839 10.40 17.39 11.50
N VAL A 840 10.89 18.53 11.98
CA VAL A 840 12.06 19.18 11.39
C VAL A 840 12.99 19.63 12.51
N PRO A 841 14.30 19.60 12.24
CA PRO A 841 15.25 20.08 13.24
C PRO A 841 15.33 21.60 13.24
N ILE A 842 16.03 22.12 14.25
CA ILE A 842 16.22 23.56 14.39
C ILE A 842 17.43 23.80 15.28
N SER A 843 18.19 24.83 14.94
CA SER A 843 19.38 25.18 15.71
C SER A 843 19.03 26.23 16.77
N GLU A 844 19.87 26.30 17.80
CA GLU A 844 19.55 27.07 18.99
C GLU A 844 19.56 28.57 18.72
N PRO A 845 20.46 29.12 17.89
CA PRO A 845 20.18 30.47 17.36
C PRO A 845 19.10 30.35 16.30
N MET A 846 17.88 30.73 16.66
CA MET A 846 16.73 30.35 15.84
C MET A 846 16.70 31.14 14.55
N PRO A 847 16.49 30.51 13.40
CA PRO A 847 16.28 31.25 12.16
C PRO A 847 14.96 32.00 12.21
N PRO A 848 14.82 33.06 11.41
CA PRO A 848 13.55 33.82 11.46
C PRO A 848 12.36 33.00 11.03
N ASN A 849 12.52 32.05 10.10
CA ASN A 849 11.40 31.26 9.62
C ASN A 849 11.92 30.12 8.76
N TYR A 850 11.08 29.12 8.58
CA TYR A 850 11.26 28.08 7.57
C TYR A 850 10.27 28.30 6.44
N PHE A 851 10.40 27.52 5.37
CA PHE A 851 9.45 27.59 4.27
C PHE A 851 8.86 26.21 3.99
N ILE A 852 7.56 26.17 3.72
CA ILE A 852 6.86 24.94 3.35
C ILE A 852 6.26 25.15 1.96
N SER A 853 6.63 24.28 1.03
CA SER A 853 6.08 24.32 -0.32
C SER A 853 5.34 23.02 -0.61
N VAL A 854 4.16 23.14 -1.23
CA VAL A 854 3.47 22.00 -1.83
C VAL A 854 3.47 22.25 -3.34
N ILE A 855 4.25 21.45 -4.06
CA ILE A 855 4.53 21.65 -5.47
C ILE A 855 4.00 20.45 -6.25
N SER A 856 3.20 20.69 -7.28
CA SER A 856 2.70 19.60 -8.09
C SER A 856 3.86 18.82 -8.69
N ASP A 857 3.63 17.52 -8.89
CA ASP A 857 4.67 16.67 -9.46
C ASP A 857 4.69 16.72 -10.99
N ARG A 858 3.58 17.11 -11.62
CA ARG A 858 3.46 17.13 -13.07
C ARG A 858 3.09 18.50 -13.62
N TRP A 859 2.23 19.24 -12.93
CA TRP A 859 1.73 20.52 -13.44
C TRP A 859 2.73 21.64 -13.14
N MET A 860 3.02 22.43 -14.17
CA MET A 860 3.87 23.59 -14.00
C MET A 860 3.07 24.75 -13.40
N HIS A 861 3.76 25.56 -12.59
CA HIS A 861 3.16 26.73 -11.93
C HIS A 861 2.05 26.33 -10.97
N SER A 862 2.12 25.12 -10.43
CA SER A 862 1.19 24.64 -9.40
C SER A 862 1.97 24.47 -8.12
N GLU A 863 2.05 25.55 -7.33
CA GLU A 863 2.83 25.56 -6.11
C GLU A 863 2.16 26.49 -5.11
N THR A 864 2.00 25.99 -3.89
CA THR A 864 1.54 26.82 -2.77
C THR A 864 2.66 26.89 -1.74
N ARG A 865 3.13 28.10 -1.47
CA ARG A 865 4.26 28.34 -0.59
C ARG A 865 3.79 29.06 0.67
N MET A 866 4.41 28.73 1.80
CA MET A 866 3.97 29.22 3.09
C MET A 866 5.16 29.49 3.99
N PRO A 867 5.28 30.69 4.55
CA PRO A 867 6.27 30.91 5.60
C PRO A 867 5.83 30.29 6.91
N VAL A 868 6.80 29.81 7.68
CA VAL A 868 6.57 29.29 9.02
C VAL A 868 7.45 30.12 9.94
N SER A 869 6.86 31.12 10.59
CA SER A 869 7.62 32.09 11.37
C SER A 869 7.88 31.57 12.77
N PHE A 870 9.06 31.88 13.29
CA PHE A 870 9.49 31.48 14.63
C PHE A 870 9.66 32.67 15.56
N GLN A 871 9.22 33.86 15.14
CA GLN A 871 9.36 35.04 15.99
C GLN A 871 8.56 34.91 17.27
N LYS A 872 7.45 34.18 17.23
CA LYS A 872 6.63 33.93 18.41
C LYS A 872 6.90 32.58 19.06
N LEU A 873 7.70 31.73 18.43
CA LEU A 873 7.98 30.41 18.98
C LEU A 873 8.79 30.52 20.26
N ILE A 874 8.45 29.67 21.23
CA ILE A 874 9.19 29.57 22.48
C ILE A 874 9.71 28.15 22.60
N LEU A 875 11.03 28.01 22.62
CA LEU A 875 11.62 26.68 22.76
C LEU A 875 11.48 26.19 24.20
N PRO A 876 11.27 24.89 24.41
CA PRO A 876 11.16 24.38 25.78
C PRO A 876 12.47 24.52 26.53
N GLU A 877 12.38 24.36 27.85
CA GLU A 877 13.55 24.54 28.69
C GLU A 877 14.60 23.48 28.40
N ARG A 878 15.87 23.86 28.57
CA ARG A 878 16.97 22.95 28.28
C ARG A 878 16.87 21.70 29.16
N PHE A 879 17.20 20.57 28.57
CA PHE A 879 17.15 19.34 29.36
C PHE A 879 18.35 19.28 30.30
N PRO A 880 18.17 18.78 31.51
CA PRO A 880 19.29 18.66 32.44
C PRO A 880 19.99 17.33 32.27
N PRO A 881 21.21 17.19 32.78
CA PRO A 881 21.90 15.91 32.68
C PRO A 881 21.14 14.80 33.39
N HIS A 882 21.25 13.59 32.85
CA HIS A 882 20.71 12.42 33.53
C HIS A 882 21.49 12.17 34.82
N THR A 883 20.83 11.52 35.77
CA THR A 883 21.52 11.12 37.00
C THR A 883 22.55 10.06 36.65
N GLU A 884 23.81 10.34 36.97
CA GLU A 884 24.89 9.46 36.55
C GLU A 884 24.80 8.11 37.26
N LEU A 885 25.24 7.07 36.56
CA LEU A 885 25.22 5.70 37.08
C LEU A 885 26.48 5.51 37.91
N LEU A 886 26.35 5.64 39.22
CA LEU A 886 27.50 5.53 40.10
C LEU A 886 28.05 4.11 40.08
N ASP A 887 29.38 4.01 40.09
CA ASP A 887 30.06 2.71 40.09
C ASP A 887 30.21 2.27 41.55
N LEU A 888 29.10 1.78 42.10
CA LEU A 888 29.02 1.38 43.49
C LEU A 888 29.25 -0.12 43.64
N GLN A 889 29.58 -0.52 44.86
CA GLN A 889 29.65 -1.95 45.17
C GLN A 889 28.28 -2.57 44.96
N PRO A 890 28.17 -3.64 44.19
CA PRO A 890 26.86 -4.28 43.99
C PRO A 890 26.25 -4.70 45.32
N LEU A 891 24.99 -4.32 45.51
CA LEU A 891 24.31 -4.56 46.76
C LEU A 891 23.89 -6.02 46.87
N PRO A 892 24.37 -6.77 47.86
CA PRO A 892 23.91 -8.15 48.04
C PRO A 892 22.46 -8.19 48.47
N VAL A 893 21.85 -9.37 48.29
CA VAL A 893 20.47 -9.54 48.71
C VAL A 893 20.36 -9.48 50.23
N SER A 894 21.44 -9.82 50.94
CA SER A 894 21.42 -9.82 52.40
C SER A 894 21.01 -8.47 52.96
N ALA A 895 21.24 -7.39 52.21
CA ALA A 895 20.86 -6.05 52.66
C ALA A 895 19.38 -5.90 52.93
N LEU A 896 18.55 -6.86 52.53
CA LEU A 896 17.13 -6.80 52.85
C LEU A 896 16.86 -6.98 54.34
N LYS A 897 17.83 -7.46 55.11
CA LYS A 897 17.76 -7.68 56.56
C LYS A 897 16.75 -8.76 56.95
N ALA A 898 16.21 -9.51 56.00
CA ALA A 898 15.21 -10.52 56.30
C ALA A 898 15.32 -11.66 55.30
N LYS A 899 15.49 -12.87 55.80
CA LYS A 899 15.50 -14.04 54.93
C LYS A 899 14.16 -14.20 54.21
N ASP A 900 13.07 -13.72 54.82
CA ASP A 900 11.77 -13.74 54.19
C ASP A 900 11.79 -13.01 52.86
N TYR A 901 12.39 -11.82 52.84
CA TYR A 901 12.47 -11.05 51.60
C TYR A 901 13.60 -11.54 50.70
N ALA A 902 14.70 -12.00 51.27
CA ALA A 902 15.83 -12.49 50.48
C ALA A 902 15.52 -13.79 49.74
N ALA A 903 14.53 -14.54 50.21
CA ALA A 903 14.13 -15.75 49.50
C ALA A 903 13.46 -15.43 48.17
N LEU A 904 12.98 -14.20 47.99
CA LEU A 904 12.28 -13.83 46.76
C LEU A 904 13.22 -13.69 45.56
N TYR A 905 14.52 -13.57 45.80
CA TYR A 905 15.50 -13.35 44.73
C TYR A 905 16.62 -14.38 44.85
N PRO A 906 16.33 -15.65 44.59
CA PRO A 906 17.36 -16.69 44.76
C PRO A 906 18.33 -16.80 43.59
N ASN A 907 17.98 -16.28 42.42
CA ASN A 907 18.82 -16.48 41.24
C ASN A 907 20.05 -15.57 41.24
N TRP A 908 19.95 -14.38 41.82
CA TRP A 908 21.06 -13.42 41.80
C TRP A 908 21.55 -13.18 43.22
N GLN A 909 22.88 -13.17 43.37
CA GLN A 909 23.49 -12.83 44.64
C GLN A 909 23.37 -11.34 44.93
N GLN A 910 23.30 -10.52 43.89
CA GLN A 910 23.34 -9.08 44.03
C GLN A 910 22.42 -8.43 43.00
N PHE A 911 22.04 -7.19 43.27
CA PHE A 911 21.19 -6.41 42.39
C PHE A 911 22.04 -5.61 41.42
N ASN A 912 21.45 -5.24 40.27
CA ASN A 912 22.17 -4.42 39.33
C ASN A 912 22.30 -2.99 39.86
N LYS A 913 23.19 -2.22 39.23
CA LYS A 913 23.57 -0.92 39.80
C LYS A 913 22.39 0.04 39.85
N ILE A 914 21.41 -0.11 38.96
CA ILE A 914 20.21 0.72 39.05
C ILE A 914 19.45 0.40 40.33
N GLN A 915 19.34 -0.88 40.67
CA GLN A 915 18.65 -1.27 41.90
C GLN A 915 19.45 -0.90 43.15
N THR A 916 20.78 -0.92 43.06
CA THR A 916 21.59 -0.56 44.22
C THR A 916 21.63 0.94 44.45
N GLN A 917 21.54 1.74 43.38
CA GLN A 917 21.57 3.19 43.53
C GLN A 917 20.22 3.76 43.98
N THR A 918 19.13 3.06 43.69
CA THR A 918 17.80 3.47 44.12
C THR A 918 17.34 2.75 45.38
N PHE A 919 18.18 1.86 45.93
CA PHE A 919 17.75 1.01 47.03
C PHE A 919 17.49 1.82 48.30
N ASN A 920 18.37 2.78 48.61
CA ASN A 920 18.26 3.48 49.88
C ASN A 920 16.98 4.29 49.96
N SER A 921 16.67 5.07 48.92
CA SER A 921 15.50 5.92 48.95
C SER A 921 14.19 5.15 48.77
N LEU A 922 14.25 3.91 48.30
CA LEU A 922 13.05 3.10 48.10
C LEU A 922 12.76 2.16 49.25
N TYR A 923 13.78 1.59 49.87
CA TYR A 923 13.63 0.58 50.90
C TYR A 923 13.87 1.10 52.32
N ASN A 924 14.64 2.18 52.46
CA ASN A 924 14.98 2.73 53.77
C ASN A 924 14.25 4.03 54.10
N THR A 925 13.53 4.62 53.14
CA THR A 925 12.77 5.84 53.40
C THR A 925 11.35 5.65 52.86
N ASP A 926 10.49 6.62 53.17
CA ASP A 926 9.11 6.63 52.70
C ASP A 926 8.82 7.81 51.78
N ASN A 927 9.86 8.45 51.26
CA ASN A 927 9.65 9.59 50.36
C ASN A 927 9.07 9.13 49.03
N ASN A 928 8.42 10.07 48.35
CA ASN A 928 8.01 9.82 46.98
C ASN A 928 9.24 9.63 46.11
N VAL A 929 9.15 8.69 45.16
CA VAL A 929 10.30 8.34 44.32
C VAL A 929 9.85 8.28 42.86
N LEU A 930 10.75 8.69 41.96
CA LEU A 930 10.57 8.50 40.53
C LEU A 930 11.84 7.88 39.97
N VAL A 931 11.72 6.73 39.33
CA VAL A 931 12.85 6.08 38.68
C VAL A 931 12.53 5.89 37.21
N ALA A 932 13.41 6.39 36.35
CA ALA A 932 13.28 6.31 34.90
C ALA A 932 14.51 5.60 34.35
N ALA A 933 14.29 4.48 33.68
CA ALA A 933 15.37 3.65 33.17
C ALA A 933 14.88 2.93 31.93
N PRO A 934 15.77 2.53 31.03
CA PRO A 934 15.35 1.80 29.83
C PRO A 934 14.59 0.53 30.17
N THR A 935 13.77 0.09 29.22
CA THR A 935 12.99 -1.13 29.37
C THR A 935 13.94 -2.33 29.56
N GLY A 936 13.61 -3.18 30.52
CA GLY A 936 14.45 -4.32 30.82
C GLY A 936 15.61 -4.02 31.75
N SER A 937 15.42 -3.14 32.72
CA SER A 937 16.50 -2.75 33.62
C SER A 937 16.29 -3.19 35.07
N GLY A 938 15.10 -3.64 35.43
CA GLY A 938 14.82 -4.11 36.77
C GLY A 938 13.89 -3.24 37.61
N LYS A 939 13.10 -2.35 37.00
CA LYS A 939 12.31 -1.40 37.77
C LYS A 939 11.22 -2.08 38.59
N THR A 940 10.77 -3.27 38.17
CA THR A 940 9.82 -4.01 38.98
C THR A 940 10.41 -4.34 40.35
N VAL A 941 11.72 -4.60 40.40
CA VAL A 941 12.38 -4.76 41.68
C VAL A 941 12.36 -3.45 42.46
N CYS A 942 12.43 -2.31 41.76
CA CYS A 942 12.32 -1.03 42.46
C CYS A 942 10.96 -0.86 43.11
N ALA A 943 9.90 -1.32 42.43
CA ALA A 943 8.58 -1.28 43.06
C ALA A 943 8.46 -2.28 44.19
N GLU A 944 9.09 -3.45 44.04
CA GLU A 944 9.04 -4.46 45.09
C GLU A 944 9.79 -4.00 46.34
N PHE A 945 10.81 -3.17 46.18
CA PHE A 945 11.47 -2.57 47.34
C PHE A 945 10.45 -1.79 48.19
N ALA A 946 9.68 -0.92 47.55
CA ALA A 946 8.67 -0.15 48.26
C ALA A 946 7.61 -1.06 48.86
N LEU A 947 7.21 -2.10 48.12
CA LEU A 947 6.24 -3.05 48.65
C LEU A 947 6.76 -3.75 49.90
N LEU A 948 8.02 -4.17 49.88
CA LEU A 948 8.60 -4.90 51.00
C LEU A 948 8.74 -4.00 52.22
N ARG A 949 9.16 -2.74 52.02
CA ARG A 949 9.18 -1.81 53.14
C ARG A 949 7.78 -1.58 53.70
N HIS A 950 6.80 -1.39 52.82
CA HIS A 950 5.42 -1.19 53.27
C HIS A 950 4.93 -2.36 54.10
N TRP A 951 5.23 -3.59 53.67
CA TRP A 951 4.77 -4.77 54.37
C TRP A 951 5.63 -5.13 55.57
N ALA A 952 6.80 -4.50 55.72
CA ALA A 952 7.57 -4.67 56.95
C ALA A 952 6.87 -3.99 58.13
N LYS A 953 6.21 -2.87 57.88
CA LYS A 953 5.43 -2.20 58.91
C LYS A 953 4.20 -3.02 59.25
N LYS A 954 3.97 -3.23 60.55
CA LYS A 954 2.86 -4.08 60.98
C LYS A 954 1.50 -3.42 60.82
N ASP A 955 1.44 -2.11 60.56
CA ASP A 955 0.18 -1.48 60.21
C ASP A 955 -0.42 -2.13 58.97
N ALA A 956 0.39 -2.26 57.91
CA ALA A 956 0.01 -2.97 56.69
C ALA A 956 -1.24 -2.37 56.05
N GLY A 957 -1.12 -1.11 55.64
CA GLY A 957 -2.19 -0.46 54.90
C GLY A 957 -2.33 -1.03 53.50
N ARG A 958 -3.32 -0.51 52.79
CA ARG A 958 -3.59 -0.97 51.43
C ARG A 958 -2.68 -0.25 50.44
N ALA A 959 -2.09 -1.03 49.53
CA ALA A 959 -1.26 -0.49 48.46
C ALA A 959 -1.95 -0.69 47.12
N VAL A 960 -1.69 0.23 46.19
CA VAL A 960 -2.34 0.23 44.89
C VAL A 960 -1.28 0.30 43.80
N TYR A 961 -1.22 -0.71 42.95
CA TYR A 961 -0.39 -0.73 41.75
C TYR A 961 -1.25 -0.40 40.54
N ILE A 962 -0.73 0.45 39.67
CA ILE A 962 -1.43 0.88 38.47
C ILE A 962 -0.54 0.61 37.27
N ALA A 963 -1.15 0.08 36.21
CA ALA A 963 -0.45 -0.05 34.94
C ALA A 963 -1.35 0.45 33.81
N PRO A 964 -0.75 0.99 32.74
CA PRO A 964 -1.56 1.69 31.73
C PRO A 964 -2.57 0.79 31.01
N PHE A 965 -2.27 -0.49 30.83
CA PHE A 965 -3.09 -1.37 30.02
C PHE A 965 -3.40 -2.64 30.80
N GLN A 966 -4.56 -3.22 30.48
CA GLN A 966 -5.02 -4.42 31.18
C GLN A 966 -4.02 -5.57 31.06
N GLU A 967 -3.33 -5.67 29.92
CA GLU A 967 -2.37 -6.75 29.74
C GLU A 967 -1.21 -6.62 30.73
N LEU A 968 -0.76 -5.40 30.98
CA LEU A 968 0.33 -5.18 31.92
C LEU A 968 -0.09 -5.52 33.35
N VAL A 969 -1.28 -5.09 33.77
CA VAL A 969 -1.75 -5.44 35.11
C VAL A 969 -1.96 -6.94 35.21
N ASP A 970 -2.32 -7.60 34.10
CA ASP A 970 -2.55 -9.04 34.16
C ASP A 970 -1.23 -9.80 34.31
N LEU A 971 -0.19 -9.39 33.56
CA LEU A 971 1.11 -10.01 33.75
C LEU A 971 1.65 -9.74 35.16
N ARG A 972 1.49 -8.50 35.65
CA ARG A 972 1.93 -8.16 36.98
C ARG A 972 1.22 -8.99 38.04
N PHE A 973 -0.10 -9.20 37.87
CA PHE A 973 -0.85 -9.99 38.82
C PHE A 973 -0.42 -11.44 38.77
N GLN A 974 -0.29 -12.01 37.57
CA GLN A 974 0.18 -13.38 37.45
C GLN A 974 1.50 -13.58 38.16
N ASP A 975 2.40 -12.60 38.06
CA ASP A 975 3.71 -12.77 38.71
C ASP A 975 3.62 -12.59 40.22
N TRP A 976 2.97 -11.52 40.68
CA TRP A 976 2.99 -11.19 42.10
C TRP A 976 2.12 -12.12 42.93
N GLN A 977 0.99 -12.59 42.38
CA GLN A 977 0.14 -13.52 43.10
C GLN A 977 0.82 -14.87 43.31
N LYS A 978 1.79 -15.21 42.47
CA LYS A 978 2.57 -16.43 42.63
C LYS A 978 3.79 -16.21 43.53
N ARG A 979 4.49 -15.09 43.36
CA ARG A 979 5.75 -14.87 44.07
C ARG A 979 5.54 -14.23 45.45
N LEU A 980 4.67 -13.24 45.55
CA LEU A 980 4.52 -12.44 46.76
C LEU A 980 3.35 -12.88 47.62
N SER A 981 2.90 -14.14 47.48
CA SER A 981 1.76 -14.61 48.26
C SER A 981 2.17 -15.00 49.67
N HIS A 982 3.06 -15.97 49.81
CA HIS A 982 3.57 -16.39 51.11
C HIS A 982 4.48 -15.30 51.65
N LEU A 983 3.97 -14.52 52.61
CA LEU A 983 4.73 -13.41 53.15
C LEU A 983 4.33 -13.20 54.61
N ARG A 984 4.62 -12.01 55.14
CA ARG A 984 4.47 -11.73 56.56
C ARG A 984 3.10 -12.13 57.09
N GLY A 985 2.05 -11.48 56.59
CA GLY A 985 0.71 -11.82 57.01
C GLY A 985 0.00 -12.70 56.01
N GLY A 986 -1.12 -12.21 55.47
CA GLY A 986 -1.81 -12.86 54.38
C GLY A 986 -1.47 -12.21 53.05
N LYS A 987 -1.74 -12.93 51.97
CA LYS A 987 -1.44 -12.39 50.64
C LYS A 987 -2.53 -11.43 50.18
N GLU A 988 -3.71 -11.97 49.90
CA GLU A 988 -4.90 -11.24 49.47
C GLU A 988 -4.56 -10.06 48.57
N ILE A 989 -3.88 -10.36 47.47
CA ILE A 989 -3.64 -9.36 46.43
C ILE A 989 -4.58 -9.66 45.26
N VAL A 990 -5.15 -8.59 44.70
CA VAL A 990 -6.28 -8.71 43.78
C VAL A 990 -6.08 -7.74 42.61
N LYS A 991 -6.90 -7.93 41.58
CA LYS A 991 -6.96 -7.03 40.44
C LYS A 991 -8.42 -6.69 40.16
N LEU A 992 -8.66 -5.44 39.80
CA LEU A 992 -10.03 -4.97 39.60
C LEU A 992 -10.62 -5.56 38.32
N THR A 993 -11.94 -5.43 38.17
CA THR A 993 -12.68 -6.04 37.07
C THR A 993 -13.26 -5.04 36.09
N GLY A 994 -13.76 -3.91 36.57
CA GLY A 994 -14.34 -2.92 35.69
C GLY A 994 -15.63 -2.30 36.19
N GLU A 995 -16.43 -3.09 36.91
CA GLU A 995 -17.66 -2.59 37.51
C GLU A 995 -17.42 -2.29 38.99
N THR A 996 -18.07 -1.22 39.48
CA THR A 996 -17.72 -0.67 40.78
C THR A 996 -18.06 -1.63 41.91
N THR A 997 -19.28 -2.19 41.90
CA THR A 997 -19.76 -2.95 43.04
C THR A 997 -18.94 -4.20 43.31
N THR A 998 -18.30 -4.76 42.28
CA THR A 998 -17.57 -6.00 42.45
C THR A 998 -16.11 -5.79 42.83
N ASP A 999 -15.45 -4.77 42.28
CA ASP A 999 -14.08 -4.50 42.66
C ASP A 999 -13.96 -3.63 43.91
N LEU A 1000 -15.05 -2.99 44.35
CA LEU A 1000 -15.04 -2.30 45.62
C LEU A 1000 -14.89 -3.29 46.78
N LYS A 1001 -15.54 -4.45 46.66
CA LYS A 1001 -15.32 -5.51 47.64
C LYS A 1001 -13.90 -6.04 47.58
N LEU A 1002 -13.29 -6.06 46.39
CA LEU A 1002 -11.90 -6.47 46.29
C LEU A 1002 -10.97 -5.45 46.94
N LEU A 1003 -11.30 -4.17 46.83
CA LEU A 1003 -10.53 -3.13 47.51
C LEU A 1003 -10.64 -3.28 49.03
N GLU A 1004 -11.87 -3.43 49.53
CA GLU A 1004 -12.05 -3.66 50.96
C GLU A 1004 -11.35 -4.94 51.43
N GLN A 1005 -11.28 -5.94 50.56
CA GLN A 1005 -10.74 -7.25 50.89
C GLN A 1005 -9.22 -7.33 50.70
N GLY A 1006 -8.69 -6.69 49.66
CA GLY A 1006 -7.31 -6.89 49.26
C GLY A 1006 -6.32 -5.98 49.97
N ASP A 1007 -5.10 -6.49 50.11
CA ASP A 1007 -3.98 -5.69 50.63
C ASP A 1007 -3.23 -4.97 49.51
N LEU A 1008 -3.14 -5.59 48.34
CA LEU A 1008 -2.46 -5.01 47.18
C LEU A 1008 -3.40 -5.08 46.00
N ILE A 1009 -3.85 -3.92 45.53
CA ILE A 1009 -4.86 -3.82 44.48
C ILE A 1009 -4.18 -3.36 43.20
N LEU A 1010 -4.19 -4.22 42.18
CA LEU A 1010 -3.69 -3.87 40.86
C LEU A 1010 -4.84 -3.36 40.00
N ALA A 1011 -4.58 -2.33 39.22
CA ALA A 1011 -5.65 -1.72 38.43
C ALA A 1011 -5.05 -0.97 37.24
N THR A 1012 -5.94 -0.59 36.33
CA THR A 1012 -5.72 0.32 35.23
C THR A 1012 -6.18 1.71 35.62
N PRO A 1013 -5.72 2.75 34.91
CA PRO A 1013 -6.19 4.11 35.25
C PRO A 1013 -7.70 4.26 35.30
N LEU A 1014 -8.43 3.65 34.36
CA LEU A 1014 -9.88 3.80 34.33
C LEU A 1014 -10.54 3.06 35.49
N GLN A 1015 -10.09 1.85 35.79
CA GLN A 1015 -10.67 1.08 36.89
C GLN A 1015 -10.52 1.80 38.21
N TRP A 1016 -9.33 2.37 38.47
CA TRP A 1016 -9.15 3.11 39.71
C TRP A 1016 -9.88 4.45 39.68
N ASP A 1017 -9.95 5.08 38.50
CA ASP A 1017 -10.71 6.32 38.36
C ASP A 1017 -12.16 6.14 38.78
N VAL A 1018 -12.78 5.04 38.35
CA VAL A 1018 -14.22 4.88 38.54
C VAL A 1018 -14.57 4.92 40.03
N LEU A 1019 -13.71 4.36 40.89
CA LEU A 1019 -14.02 4.32 42.31
C LEU A 1019 -13.32 5.41 43.12
N SER A 1020 -12.28 6.04 42.58
CA SER A 1020 -11.60 7.12 43.30
C SER A 1020 -12.30 8.46 43.14
N ARG A 1021 -13.43 8.51 42.41
CA ARG A 1021 -14.18 9.75 42.29
C ARG A 1021 -14.90 10.07 43.59
N GLN A 1022 -15.58 9.09 44.17
CA GLN A 1022 -16.23 9.26 45.48
C GLN A 1022 -15.30 8.84 46.61
N TRP A 1023 -14.10 9.41 46.62
CA TRP A 1023 -13.14 9.11 47.68
C TRP A 1023 -13.56 9.70 49.02
N LYS A 1024 -14.42 10.72 49.02
CA LYS A 1024 -14.84 11.34 50.27
C LYS A 1024 -15.74 10.40 51.06
N ARG A 1025 -16.61 9.66 50.39
CA ARG A 1025 -17.54 8.76 51.06
C ARG A 1025 -17.01 7.33 51.19
N ARG A 1026 -15.77 7.08 50.78
CA ARG A 1026 -15.19 5.74 50.81
C ARG A 1026 -13.82 5.83 51.48
N LYS A 1027 -13.77 5.51 52.77
CA LYS A 1027 -12.53 5.65 53.54
C LYS A 1027 -11.43 4.73 53.06
N ASN A 1028 -11.78 3.66 52.32
CA ASN A 1028 -10.76 2.75 51.83
C ASN A 1028 -9.91 3.35 50.73
N VAL A 1029 -10.41 4.36 50.02
CA VAL A 1029 -9.58 5.06 49.05
C VAL A 1029 -8.67 6.06 49.76
N GLN A 1030 -9.13 6.67 50.84
CA GLN A 1030 -8.29 7.62 51.58
C GLN A 1030 -7.17 6.92 52.33
N THR A 1031 -7.44 5.72 52.86
CA THR A 1031 -6.47 4.99 53.67
C THR A 1031 -5.41 4.27 52.85
N VAL A 1032 -5.33 4.54 51.55
CA VAL A 1032 -4.28 3.94 50.73
C VAL A 1032 -2.95 4.57 51.09
N GLU A 1033 -1.99 3.74 51.50
CA GLU A 1033 -0.70 4.24 51.96
C GLU A 1033 0.39 4.18 50.90
N LEU A 1034 0.30 3.27 49.94
CA LEU A 1034 1.31 3.13 48.90
C LEU A 1034 0.63 3.14 47.54
N PHE A 1035 1.21 3.89 46.59
CA PHE A 1035 0.64 4.04 45.26
C PHE A 1035 1.79 4.00 44.25
N ILE A 1036 1.87 2.90 43.50
CA ILE A 1036 2.91 2.71 42.50
C ILE A 1036 2.29 2.94 41.12
N ALA A 1037 2.77 3.95 40.42
CA ALA A 1037 2.37 4.25 39.05
C ALA A 1037 3.46 3.73 38.13
N ASP A 1038 3.26 2.55 37.57
CA ASP A 1038 4.21 1.95 36.65
C ASP A 1038 3.94 2.44 35.24
N ASP A 1039 5.02 2.51 34.45
CA ASP A 1039 4.93 2.98 33.06
C ASP A 1039 4.30 4.37 33.00
N LEU A 1040 4.69 5.23 33.94
CA LEU A 1040 4.02 6.52 34.10
C LEU A 1040 4.12 7.39 32.85
N HIS A 1041 5.19 7.23 32.07
CA HIS A 1041 5.33 8.00 30.84
C HIS A 1041 4.15 7.77 29.89
N MET A 1042 3.49 6.62 30.01
CA MET A 1042 2.34 6.31 29.15
C MET A 1042 1.18 7.25 29.39
N LEU A 1043 1.30 8.19 30.33
CA LEU A 1043 0.31 9.25 30.41
C LEU A 1043 0.26 10.04 29.10
N GLY A 1044 1.37 10.06 28.36
CA GLY A 1044 1.38 10.66 27.04
C GLY A 1044 0.79 9.79 25.95
N GLY A 1045 0.72 8.48 26.16
CA GLY A 1045 0.04 7.60 25.23
C GLY A 1045 -1.45 7.84 25.24
N GLN A 1046 -2.11 7.27 24.24
CA GLN A 1046 -3.54 7.50 24.09
C GLN A 1046 -4.32 6.81 25.21
N MET A 1047 -5.44 7.43 25.58
CA MET A 1047 -6.16 7.11 26.82
C MET A 1047 -5.25 7.24 28.04
N GLY A 1048 -4.22 8.08 27.93
CA GLY A 1048 -3.28 8.28 29.01
C GLY A 1048 -3.58 9.50 29.83
N TYR A 1049 -4.55 10.30 29.40
CA TYR A 1049 -4.94 11.46 30.18
C TYR A 1049 -5.68 11.05 31.44
N ILE A 1050 -6.38 9.92 31.42
CA ILE A 1050 -7.03 9.42 32.62
C ILE A 1050 -6.00 8.96 33.65
N TYR A 1051 -4.86 8.46 33.18
CA TYR A 1051 -3.75 8.15 34.07
C TYR A 1051 -3.27 9.40 34.79
N GLU A 1052 -3.05 10.48 34.03
CA GLU A 1052 -2.68 11.76 34.63
C GLU A 1052 -3.75 12.22 35.62
N ILE A 1053 -5.01 12.03 35.28
CA ILE A 1053 -6.11 12.44 36.15
C ILE A 1053 -6.04 11.70 37.47
N VAL A 1054 -5.88 10.38 37.43
CA VAL A 1054 -5.90 9.62 38.68
C VAL A 1054 -4.67 9.89 39.52
N VAL A 1055 -3.51 10.12 38.89
CA VAL A 1055 -2.32 10.46 39.68
C VAL A 1055 -2.50 11.81 40.37
N SER A 1056 -2.98 12.80 39.62
CA SER A 1056 -3.24 14.11 40.20
C SER A 1056 -4.28 14.03 41.30
N ARG A 1057 -5.29 13.17 41.13
CA ARG A 1057 -6.34 13.05 42.14
C ARG A 1057 -5.81 12.37 43.40
N MET A 1058 -4.91 11.39 43.25
CA MET A 1058 -4.31 10.78 44.44
C MET A 1058 -3.47 11.80 45.20
N HIS A 1059 -2.74 12.65 44.48
CA HIS A 1059 -2.02 13.72 45.17
C HIS A 1059 -2.98 14.67 45.88
N PHE A 1060 -4.09 15.03 45.22
CA PHE A 1060 -5.09 15.89 45.84
C PHE A 1060 -5.70 15.24 47.08
N ILE A 1061 -5.86 13.91 47.04
CA ILE A 1061 -6.45 13.20 48.17
C ILE A 1061 -5.51 13.22 49.35
N ARG A 1062 -4.23 12.91 49.13
CA ARG A 1062 -3.28 12.97 50.23
C ARG A 1062 -3.03 14.40 50.68
N THR A 1063 -3.37 15.40 49.86
CA THR A 1063 -3.25 16.79 50.28
C THR A 1063 -4.47 17.23 51.08
N GLN A 1064 -5.63 16.63 50.85
CA GLN A 1064 -6.82 16.97 51.62
C GLN A 1064 -6.84 16.21 52.95
N THR A 1065 -6.75 14.89 52.90
CA THR A 1065 -6.59 14.08 54.11
C THR A 1065 -5.11 14.03 54.46
N GLU A 1066 -4.77 14.49 55.67
CA GLU A 1066 -3.37 14.60 56.07
C GLU A 1066 -2.68 13.25 56.23
N LEU A 1067 -3.37 12.14 55.92
CA LEU A 1067 -2.76 10.83 56.05
C LEU A 1067 -1.56 10.71 55.11
N PRO A 1068 -0.52 9.97 55.52
CA PRO A 1068 0.63 9.78 54.65
C PRO A 1068 0.30 8.87 53.48
N MET A 1069 0.82 9.22 52.31
CA MET A 1069 0.62 8.40 51.12
C MET A 1069 1.86 8.53 50.24
N ARG A 1070 2.57 7.42 50.08
CA ARG A 1070 3.77 7.39 49.26
C ARG A 1070 3.42 7.11 47.82
N ILE A 1071 4.11 7.78 46.90
CA ILE A 1071 3.94 7.59 45.46
C ILE A 1071 5.29 7.19 44.88
N VAL A 1072 5.29 6.10 44.12
CA VAL A 1072 6.48 5.62 43.44
C VAL A 1072 6.15 5.49 41.95
N GLY A 1073 6.81 6.29 41.13
CA GLY A 1073 6.59 6.29 39.69
C GLY A 1073 7.76 5.61 38.97
N LEU A 1074 7.41 4.78 37.98
CA LEU A 1074 8.38 4.11 37.14
C LEU A 1074 8.16 4.50 35.69
N SER A 1075 9.24 4.77 34.97
CA SER A 1075 9.10 5.05 33.54
C SER A 1075 10.40 4.74 32.83
N VAL A 1076 10.36 4.87 31.50
CA VAL A 1076 11.56 4.77 30.67
C VAL A 1076 12.35 6.06 30.84
N SER A 1077 13.59 6.06 30.38
CA SER A 1077 14.43 7.25 30.49
C SER A 1077 13.74 8.48 29.92
N LEU A 1078 13.55 9.48 30.77
CA LEU A 1078 12.83 10.69 30.42
C LEU A 1078 13.78 11.81 30.04
N ALA A 1079 13.36 12.62 29.07
CA ALA A 1079 14.09 13.85 28.78
C ALA A 1079 13.80 14.93 29.79
N ASN A 1080 12.58 14.95 30.34
CA ASN A 1080 12.13 15.97 31.30
C ASN A 1080 11.53 15.27 32.51
N ALA A 1081 12.38 14.85 33.45
CA ALA A 1081 11.93 14.12 34.62
C ALA A 1081 11.66 15.02 35.82
N ARG A 1082 12.15 16.27 35.81
CA ARG A 1082 11.88 17.17 36.92
C ARG A 1082 10.38 17.42 37.06
N ASP A 1083 9.68 17.60 35.94
CA ASP A 1083 8.25 17.91 36.01
C ASP A 1083 7.44 16.70 36.47
N ILE A 1084 7.79 15.50 36.01
CA ILE A 1084 7.09 14.31 36.48
C ILE A 1084 7.41 14.04 37.95
N GLY A 1085 8.63 14.34 38.38
CA GLY A 1085 8.99 14.10 39.77
C GLY A 1085 8.31 15.07 40.71
N GLU A 1086 8.38 16.38 40.41
CA GLU A 1086 7.68 17.36 41.22
C GLU A 1086 6.16 17.20 41.13
N TRP A 1087 5.68 16.60 40.04
CA TRP A 1087 4.27 16.27 39.94
C TRP A 1087 3.83 15.34 41.06
N ILE A 1088 4.64 14.32 41.35
CA ILE A 1088 4.32 13.36 42.41
C ILE A 1088 4.99 13.79 43.71
N ASP A 1089 5.50 15.03 43.73
CA ASP A 1089 6.10 15.64 44.91
C ASP A 1089 7.26 14.79 45.43
N ALA A 1090 8.23 14.55 44.54
CA ALA A 1090 9.46 13.86 44.90
C ALA A 1090 10.59 14.88 45.06
N LYS A 1091 11.48 14.61 45.99
CA LYS A 1091 12.60 15.52 46.21
C LYS A 1091 13.66 15.32 45.13
N LYS A 1092 14.48 16.37 44.94
CA LYS A 1092 15.52 16.35 43.92
C LYS A 1092 16.37 15.10 43.97
N HIS A 1093 16.66 14.61 45.18
CA HIS A 1093 17.48 13.42 45.34
C HIS A 1093 16.69 12.12 45.20
N ASP A 1094 15.37 12.20 44.99
CA ASP A 1094 14.53 11.02 44.82
C ASP A 1094 14.08 10.84 43.38
N ILE A 1095 14.58 11.64 42.47
CA ILE A 1095 14.18 11.61 41.06
C ILE A 1095 15.33 11.01 40.29
N TYR A 1096 15.25 9.71 40.01
CA TYR A 1096 16.30 8.97 39.31
C TYR A 1096 15.93 8.90 37.83
N ASN A 1097 16.57 9.72 37.02
CA ASN A 1097 16.34 9.75 35.58
C ASN A 1097 17.64 9.30 34.89
N PHE A 1098 17.78 7.99 34.73
CA PHE A 1098 19.01 7.43 34.20
C PHE A 1098 19.08 7.58 32.68
N SER A 1099 20.31 7.57 32.18
CA SER A 1099 20.56 7.70 30.75
C SER A 1099 19.93 6.53 30.00
N PRO A 1100 19.47 6.75 28.76
CA PRO A 1100 18.91 5.64 27.97
C PRO A 1100 19.93 4.59 27.57
N HIS A 1101 21.19 4.73 27.97
CA HIS A 1101 22.26 3.79 27.63
C HIS A 1101 22.69 2.92 28.79
N VAL A 1102 21.99 2.99 29.93
CA VAL A 1102 22.40 2.26 31.13
C VAL A 1102 21.73 0.90 31.22
N ARG A 1103 21.13 0.44 30.12
CA ARG A 1103 20.48 -0.87 30.14
C ARG A 1103 21.53 -1.95 30.41
N PRO A 1104 21.28 -2.87 31.34
CA PRO A 1104 22.31 -3.87 31.69
C PRO A 1104 22.79 -4.70 30.51
N VAL A 1105 21.90 -5.06 29.59
CA VAL A 1105 22.28 -5.72 28.35
C VAL A 1105 22.28 -4.68 27.25
N PRO A 1106 23.45 -4.16 26.86
CA PRO A 1106 23.48 -3.10 25.82
C PRO A 1106 22.85 -3.57 24.52
N LEU A 1107 22.31 -2.62 23.78
CA LEU A 1107 21.50 -2.90 22.59
C LEU A 1107 22.18 -2.31 21.36
N GLU A 1108 22.64 -3.18 20.47
CA GLU A 1108 23.07 -2.76 19.14
C GLU A 1108 21.82 -2.47 18.30
N LEU A 1109 21.74 -1.26 17.74
CA LEU A 1109 20.57 -0.81 17.01
C LEU A 1109 20.98 -0.45 15.59
N HIS A 1110 20.52 -1.24 14.63
CA HIS A 1110 20.68 -0.92 13.21
C HIS A 1110 19.38 -0.35 12.66
N ILE A 1111 19.50 0.71 11.86
CA ILE A 1111 18.36 1.33 11.20
C ILE A 1111 18.49 1.10 9.69
N GLN A 1112 17.39 0.74 9.06
CA GLN A 1112 17.33 0.56 7.60
C GLN A 1112 16.24 1.46 7.03
N SER A 1113 16.61 2.28 6.05
CA SER A 1113 15.67 3.17 5.40
C SER A 1113 15.10 2.53 4.14
N TYR A 1114 13.87 2.90 3.82
CA TYR A 1114 13.18 2.41 2.63
C TYR A 1114 12.44 3.57 1.98
N THR A 1115 12.39 3.57 0.65
CA THR A 1115 11.64 4.56 -0.12
C THR A 1115 10.68 3.81 -1.05
N ILE A 1116 9.52 3.43 -0.52
CA ILE A 1116 8.49 2.74 -1.28
C ILE A 1116 7.14 3.34 -0.91
N PRO A 1117 6.51 4.11 -1.80
CA PRO A 1117 5.27 4.81 -1.43
C PRO A 1117 4.06 3.89 -1.27
N HIS A 1118 4.12 2.66 -1.77
CA HIS A 1118 3.01 1.72 -1.65
C HIS A 1118 3.23 0.83 -0.44
N PHE A 1119 2.22 0.80 0.45
CA PHE A 1119 2.42 0.16 1.76
C PHE A 1119 2.54 -1.35 1.66
N PRO A 1120 1.65 -2.08 0.96
CA PRO A 1120 1.88 -3.53 0.82
C PRO A 1120 3.19 -3.85 0.12
N SER A 1121 3.62 -3.00 -0.82
CA SER A 1121 4.89 -3.22 -1.48
C SER A 1121 6.06 -3.03 -0.52
N LEU A 1122 6.00 -1.99 0.31
CA LEU A 1122 7.05 -1.81 1.32
C LEU A 1122 7.08 -2.97 2.31
N MET A 1123 5.90 -3.45 2.71
CA MET A 1123 5.82 -4.56 3.65
C MET A 1123 6.41 -5.83 3.05
N LEU A 1124 6.15 -6.08 1.77
CA LEU A 1124 6.79 -7.21 1.10
C LEU A 1124 8.29 -6.99 0.96
N ALA A 1125 8.70 -5.75 0.68
CA ALA A 1125 10.12 -5.46 0.46
C ALA A 1125 10.93 -5.68 1.72
N MET A 1126 10.33 -5.49 2.89
CA MET A 1126 11.07 -5.69 4.13
C MET A 1126 11.22 -7.16 4.50
N ALA A 1127 10.52 -8.08 3.83
CA ALA A 1127 10.51 -9.48 4.25
C ALA A 1127 11.91 -10.10 4.21
N LYS A 1128 12.57 -10.05 3.06
CA LYS A 1128 13.88 -10.69 2.92
C LYS A 1128 14.96 -10.02 3.77
N PRO A 1129 15.00 -8.69 3.87
CA PRO A 1129 15.96 -8.08 4.81
C PRO A 1129 15.79 -8.57 6.24
N THR A 1130 14.57 -8.86 6.68
CA THR A 1130 14.39 -9.41 8.02
C THR A 1130 14.91 -10.83 8.10
N TYR A 1131 14.72 -11.64 7.04
CA TYR A 1131 15.32 -12.96 7.01
C TYR A 1131 16.84 -12.87 7.14
N LEU A 1132 17.45 -11.94 6.40
CA LEU A 1132 18.89 -11.79 6.46
C LEU A 1132 19.35 -11.31 7.83
N ALA A 1133 18.61 -10.36 8.43
CA ALA A 1133 18.96 -9.87 9.75
C ALA A 1133 18.88 -10.98 10.79
N ILE A 1134 17.83 -11.80 10.72
CA ILE A 1134 17.71 -12.91 11.66
C ILE A 1134 18.84 -13.91 11.45
N THR A 1135 19.10 -14.29 10.20
CA THR A 1135 20.09 -15.33 9.93
C THR A 1135 21.52 -14.87 10.18
N GLN A 1136 21.80 -13.57 10.14
CA GLN A 1136 23.16 -13.08 10.29
C GLN A 1136 23.44 -12.48 11.65
N LEU A 1137 22.49 -11.74 12.24
CA LEU A 1137 22.69 -11.14 13.56
C LEU A 1137 22.29 -12.07 14.69
N SER A 1138 21.30 -12.93 14.48
CA SER A 1138 20.83 -13.85 15.51
C SER A 1138 20.64 -15.25 14.92
N PRO A 1139 21.73 -15.87 14.45
CA PRO A 1139 21.58 -17.16 13.76
C PRO A 1139 21.12 -18.28 14.70
N ASP A 1140 21.72 -18.37 15.88
CA ASP A 1140 21.43 -19.43 16.83
C ASP A 1140 20.75 -18.90 18.09
N GLN A 1141 19.92 -17.87 17.93
CA GLN A 1141 19.24 -17.24 19.05
C GLN A 1141 17.86 -16.79 18.62
N PRO A 1142 16.89 -16.75 19.53
CA PRO A 1142 15.52 -16.38 19.15
C PRO A 1142 15.45 -14.96 18.59
N ALA A 1143 14.37 -14.70 17.85
CA ALA A 1143 14.16 -13.39 17.25
C ALA A 1143 12.67 -13.08 17.24
N ILE A 1144 12.34 -11.81 17.45
CA ILE A 1144 10.96 -11.33 17.45
C ILE A 1144 10.84 -10.20 16.43
N VAL A 1145 9.81 -10.26 15.60
CA VAL A 1145 9.59 -9.30 14.51
C VAL A 1145 8.20 -8.69 14.70
N PHE A 1146 8.15 -7.38 14.86
CA PHE A 1146 6.90 -6.66 15.06
C PHE A 1146 6.43 -6.07 13.73
N VAL A 1147 5.13 -6.23 13.46
CA VAL A 1147 4.52 -5.78 12.21
C VAL A 1147 3.36 -4.86 12.56
N PRO A 1148 2.88 -4.06 11.60
CA PRO A 1148 1.88 -3.03 11.93
C PRO A 1148 0.47 -3.54 12.18
N SER A 1149 0.13 -4.76 11.76
CA SER A 1149 -1.25 -5.21 11.82
C SER A 1149 -1.29 -6.67 12.20
N ARG A 1150 -2.45 -7.12 12.71
CA ARG A 1150 -2.61 -8.54 13.00
C ARG A 1150 -2.78 -9.35 11.73
N LYS A 1151 -3.46 -8.80 10.73
CA LYS A 1151 -3.52 -9.49 9.44
C LYS A 1151 -2.17 -9.47 8.74
N GLN A 1152 -1.30 -8.51 9.08
CA GLN A 1152 0.05 -8.50 8.53
C GLN A 1152 0.94 -9.58 9.15
N THR A 1153 0.60 -10.09 10.33
CA THR A 1153 1.40 -11.16 10.92
C THR A 1153 1.40 -12.40 10.03
N ARG A 1154 0.22 -12.79 9.54
CA ARG A 1154 0.14 -13.97 8.67
C ARG A 1154 0.88 -13.74 7.36
N ALA A 1155 0.69 -12.56 6.75
CA ALA A 1155 1.36 -12.25 5.49
C ALA A 1155 2.88 -12.27 5.65
N THR A 1156 3.39 -11.64 6.72
CA THR A 1156 4.83 -11.60 6.95
C THR A 1156 5.37 -12.98 7.32
N ALA A 1157 4.58 -13.80 8.00
CA ALA A 1157 4.99 -15.19 8.24
C ALA A 1157 5.15 -15.93 6.92
N ARG A 1158 4.19 -15.78 6.01
CA ARG A 1158 4.31 -16.40 4.70
C ARG A 1158 5.51 -15.86 3.93
N ASP A 1159 5.73 -14.55 3.97
CA ASP A 1159 6.84 -13.95 3.24
C ASP A 1159 8.18 -14.44 3.77
N LEU A 1160 8.33 -14.52 5.09
CA LEU A 1160 9.55 -15.01 5.69
C LEU A 1160 9.77 -16.49 5.39
N LEU A 1161 8.69 -17.29 5.43
CA LEU A 1161 8.81 -18.70 5.10
C LEU A 1161 9.22 -18.90 3.63
N THR A 1162 8.68 -18.08 2.74
CA THR A 1162 9.08 -18.15 1.34
C THR A 1162 10.51 -17.70 1.14
N ALA A 1163 10.96 -16.71 1.93
CA ALA A 1163 12.38 -16.34 1.90
C ALA A 1163 13.25 -17.51 2.35
N CYS A 1164 12.78 -18.27 3.34
CA CYS A 1164 13.48 -19.50 3.74
C CYS A 1164 13.55 -20.48 2.58
N LEU A 1165 12.42 -20.68 1.90
CA LEU A 1165 12.41 -21.58 0.74
C LEU A 1165 13.39 -21.11 -0.32
N ALA A 1166 13.48 -19.80 -0.54
CA ALA A 1166 14.40 -19.27 -1.55
C ALA A 1166 15.84 -19.60 -1.20
N ASP A 1167 16.17 -19.61 0.09
CA ASP A 1167 17.52 -19.93 0.55
C ASP A 1167 17.78 -21.43 0.63
N ASP A 1168 16.91 -22.25 0.02
CA ASP A 1168 17.06 -23.70 -0.01
C ASP A 1168 17.11 -24.31 1.38
N ASP A 1169 16.41 -23.69 2.33
CA ASP A 1169 16.28 -24.25 3.69
C ASP A 1169 14.89 -23.86 4.19
N GLU A 1170 13.93 -24.75 3.97
CA GLU A 1170 12.53 -24.44 4.29
C GLU A 1170 12.33 -24.37 5.80
N ASP A 1171 12.83 -25.37 6.53
CA ASP A 1171 12.72 -25.39 7.98
C ASP A 1171 13.96 -24.79 8.65
N ARG A 1172 14.32 -23.58 8.24
CA ARG A 1172 15.52 -22.93 8.76
C ARG A 1172 15.35 -22.52 10.22
N PHE A 1173 14.16 -22.08 10.59
CA PHE A 1173 13.88 -21.61 11.93
C PHE A 1173 13.25 -22.67 12.83
N LEU A 1174 13.19 -23.91 12.35
CA LEU A 1174 12.70 -25.04 13.14
C LEU A 1174 13.89 -25.82 13.66
N HIS A 1175 13.87 -26.15 14.96
CA HIS A 1175 14.98 -26.84 15.60
C HIS A 1175 14.55 -28.11 16.30
N VAL A 1176 13.35 -28.61 16.00
CA VAL A 1176 12.84 -29.87 16.53
C VAL A 1176 12.14 -30.60 15.40
N GLU A 1177 12.25 -31.93 15.40
CA GLU A 1177 11.54 -32.74 14.42
C GLU A 1177 10.04 -32.47 14.48
N VAL A 1178 9.41 -32.39 13.31
CA VAL A 1178 8.00 -32.02 13.23
C VAL A 1178 7.13 -33.05 13.95
N ASP A 1179 7.55 -34.31 13.97
CA ASP A 1179 6.75 -35.34 14.63
C ASP A 1179 6.67 -35.12 16.13
N GLN A 1180 7.71 -34.51 16.73
CA GLN A 1180 7.65 -34.18 18.14
C GLN A 1180 6.71 -33.04 18.44
N ILE A 1181 6.43 -32.18 17.46
CA ILE A 1181 5.58 -31.01 17.64
C ILE A 1181 4.15 -31.25 17.15
N ARG A 1182 3.91 -32.32 16.39
CA ARG A 1182 2.60 -32.53 15.78
C ARG A 1182 1.49 -32.57 16.83
N LYS A 1183 1.78 -33.12 18.01
CA LYS A 1183 0.79 -33.20 19.08
C LYS A 1183 0.18 -31.84 19.37
N LEU A 1184 1.02 -30.80 19.46
CA LEU A 1184 0.52 -29.46 19.71
C LEU A 1184 0.05 -28.79 18.42
N LEU A 1185 0.74 -29.04 17.31
CA LEU A 1185 0.35 -28.45 16.03
C LEU A 1185 -1.10 -28.76 15.68
N ASP A 1186 -1.58 -29.94 16.06
CA ASP A 1186 -2.97 -30.29 15.77
C ASP A 1186 -3.96 -29.42 16.55
N HIS A 1187 -3.56 -28.90 17.71
CA HIS A 1187 -4.46 -28.15 18.57
C HIS A 1187 -4.73 -26.74 18.08
N VAL A 1188 -3.89 -26.19 17.20
CA VAL A 1188 -3.98 -24.78 16.84
C VAL A 1188 -5.24 -24.54 16.01
N GLN A 1189 -5.92 -23.43 16.30
CA GLN A 1189 -7.17 -23.10 15.60
C GLN A 1189 -6.90 -22.50 14.23
N GLU A 1190 -6.11 -21.44 14.16
CA GLU A 1190 -5.82 -20.79 12.88
C GLU A 1190 -4.90 -21.67 12.03
N GLU A 1191 -5.35 -22.01 10.83
CA GLU A 1191 -4.58 -22.93 9.98
C GLU A 1191 -3.28 -22.31 9.52
N ALA A 1192 -3.28 -21.00 9.19
CA ALA A 1192 -2.05 -20.33 8.80
C ALA A 1192 -1.00 -20.42 9.90
N LEU A 1193 -1.42 -20.22 11.15
CA LEU A 1193 -0.51 -20.32 12.28
C LEU A 1193 0.03 -21.73 12.42
N ALA A 1194 -0.83 -22.74 12.22
CA ALA A 1194 -0.38 -24.13 12.32
C ALA A 1194 0.64 -24.46 11.23
N GLU A 1195 0.43 -23.94 10.01
CA GLU A 1195 1.40 -24.16 8.94
C GLU A 1195 2.74 -23.50 9.26
N ALA A 1196 2.70 -22.21 9.63
CA ALA A 1196 3.93 -21.50 9.97
C ALA A 1196 4.68 -22.19 11.10
N LEU A 1197 3.94 -22.68 12.12
CA LEU A 1197 4.60 -23.37 13.22
C LEU A 1197 5.16 -24.72 12.78
N SER A 1198 4.44 -25.41 11.88
CA SER A 1198 4.97 -26.66 11.32
C SER A 1198 6.28 -26.43 10.60
N HIS A 1199 6.47 -25.23 10.04
CA HIS A 1199 7.77 -24.86 9.50
C HIS A 1199 8.61 -24.04 10.48
N GLY A 1200 8.10 -23.78 11.67
CA GLY A 1200 8.90 -23.21 12.73
C GLY A 1200 8.98 -21.70 12.78
N VAL A 1201 7.86 -21.01 12.51
CA VAL A 1201 7.87 -19.56 12.65
C VAL A 1201 6.82 -19.12 13.65
N GLY A 1202 5.54 -19.31 13.33
CA GLY A 1202 4.50 -18.93 14.27
C GLY A 1202 4.38 -17.43 14.50
N TYR A 1203 3.19 -16.96 14.85
CA TYR A 1203 2.96 -15.54 15.06
C TYR A 1203 2.07 -15.33 16.28
N TYR A 1204 1.77 -14.07 16.57
CA TYR A 1204 1.08 -13.70 17.80
C TYR A 1204 0.34 -12.39 17.57
N HIS A 1205 -0.98 -12.40 17.73
CA HIS A 1205 -1.77 -11.19 17.55
C HIS A 1205 -3.04 -11.27 18.38
N GLU A 1206 -3.75 -10.14 18.44
CA GLU A 1206 -4.89 -10.00 19.34
C GLU A 1206 -6.04 -10.94 18.98
N ALA A 1207 -6.20 -11.27 17.70
CA ALA A 1207 -7.30 -12.14 17.29
C ALA A 1207 -7.02 -13.62 17.56
N LEU A 1208 -5.88 -13.93 18.16
CA LEU A 1208 -5.55 -15.31 18.48
C LEU A 1208 -6.30 -15.75 19.74
N SER A 1209 -6.80 -16.98 19.72
CA SER A 1209 -7.41 -17.54 20.92
C SER A 1209 -6.35 -17.77 21.98
N GLN A 1210 -6.81 -17.85 23.23
CA GLN A 1210 -5.88 -18.00 24.34
C GLN A 1210 -5.05 -19.27 24.23
N SER A 1211 -5.69 -20.37 23.79
CA SER A 1211 -4.97 -21.63 23.62
C SER A 1211 -3.87 -21.50 22.57
N ASP A 1212 -4.16 -20.82 21.46
CA ASP A 1212 -3.14 -20.62 20.44
C ASP A 1212 -1.96 -19.83 20.98
N LYS A 1213 -2.23 -18.79 21.77
CA LYS A 1213 -1.16 -18.03 22.40
C LYS A 1213 -0.33 -18.92 23.33
N ARG A 1214 -1.00 -19.76 24.12
CA ARG A 1214 -0.28 -20.65 25.03
C ARG A 1214 0.63 -21.61 24.26
N ILE A 1215 0.13 -22.16 23.14
CA ILE A 1215 0.93 -23.07 22.34
C ILE A 1215 2.12 -22.35 21.72
N VAL A 1216 1.90 -21.15 21.19
CA VAL A 1216 2.99 -20.38 20.60
C VAL A 1216 4.05 -20.06 21.65
N LYS A 1217 3.61 -19.68 22.86
CA LYS A 1217 4.56 -19.36 23.93
C LYS A 1217 5.35 -20.59 24.35
N HIS A 1218 4.69 -21.74 24.48
CA HIS A 1218 5.40 -22.96 24.83
C HIS A 1218 6.43 -23.32 23.77
N LEU A 1219 6.04 -23.24 22.49
CA LEU A 1219 6.96 -23.61 21.41
C LEU A 1219 8.12 -22.63 21.30
N TYR A 1220 7.89 -21.34 21.58
CA TYR A 1220 8.96 -20.36 21.47
C TYR A 1220 9.92 -20.43 22.65
N ASN A 1221 9.41 -20.61 23.86
CA ASN A 1221 10.28 -20.65 25.03
C ASN A 1221 11.15 -21.91 25.06
N ASN A 1222 10.63 -23.03 24.59
CA ASN A 1222 11.38 -24.28 24.61
C ASN A 1222 12.36 -24.40 23.44
N GLY A 1223 12.56 -23.33 22.67
CA GLY A 1223 13.51 -23.36 21.58
C GLY A 1223 13.09 -24.15 20.36
N ALA A 1224 11.85 -24.63 20.30
CA ALA A 1224 11.39 -25.38 19.14
C ALA A 1224 11.34 -24.48 17.90
N ILE A 1225 10.77 -23.29 18.04
CA ILE A 1225 10.75 -22.30 16.96
C ILE A 1225 11.66 -21.15 17.36
N GLN A 1226 12.29 -20.55 16.35
CA GLN A 1226 13.29 -19.50 16.57
C GLN A 1226 12.74 -18.10 16.36
N VAL A 1227 11.85 -17.91 15.39
CA VAL A 1227 11.32 -16.60 15.05
C VAL A 1227 9.90 -16.50 15.60
N LEU A 1228 9.49 -15.28 15.93
CA LEU A 1228 8.12 -15.01 16.37
C LEU A 1228 7.68 -13.66 15.80
N ILE A 1229 6.58 -13.65 15.07
CA ILE A 1229 6.08 -12.43 14.45
C ILE A 1229 4.87 -11.95 15.23
N ALA A 1230 4.96 -10.78 15.82
CA ALA A 1230 3.90 -10.21 16.64
C ALA A 1230 3.41 -8.91 16.03
N SER A 1231 2.13 -8.64 16.22
CA SER A 1231 1.56 -7.35 15.84
C SER A 1231 1.90 -6.30 16.89
N ARG A 1232 1.94 -5.04 16.46
CA ARG A 1232 2.24 -3.97 17.40
C ARG A 1232 1.10 -3.75 18.39
N ASP A 1233 -0.08 -4.29 18.10
CA ASP A 1233 -1.22 -4.17 19.01
C ASP A 1233 -1.04 -4.94 20.30
N VAL A 1234 -0.07 -5.86 20.37
CA VAL A 1234 0.12 -6.70 21.55
C VAL A 1234 1.55 -6.59 22.05
N CYS A 1235 2.22 -5.47 21.75
CA CYS A 1235 3.60 -5.29 22.18
C CYS A 1235 3.72 -5.19 23.69
N TRP A 1236 2.65 -4.81 24.39
CA TRP A 1236 2.68 -4.77 25.85
C TRP A 1236 2.35 -6.13 26.45
N GLU A 1237 1.35 -6.81 25.87
CA GLU A 1237 0.95 -8.13 26.34
C GLU A 1237 2.05 -9.18 26.15
N LEU A 1238 2.94 -8.98 25.20
CA LEU A 1238 3.88 -10.01 24.78
C LEU A 1238 4.84 -10.34 25.92
N ASP A 1239 4.62 -11.48 26.57
CA ASP A 1239 5.49 -11.98 27.64
C ASP A 1239 6.63 -12.81 27.08
N PHE A 1240 7.37 -12.23 26.13
CA PHE A 1240 8.40 -12.94 25.39
C PHE A 1240 9.70 -12.14 25.46
N THR A 1241 10.78 -12.80 25.04
CA THR A 1241 12.11 -12.21 25.05
C THR A 1241 12.90 -12.82 23.91
N ALA A 1242 13.72 -12.01 23.26
CA ALA A 1242 14.52 -12.47 22.13
C ALA A 1242 15.91 -11.87 22.22
N HIS A 1243 16.83 -12.47 21.48
CA HIS A 1243 18.14 -11.85 21.31
C HIS A 1243 18.09 -10.72 20.30
N LEU A 1244 17.33 -10.91 19.22
CA LEU A 1244 17.17 -9.90 18.17
C LEU A 1244 15.71 -9.49 18.08
N VAL A 1245 15.49 -8.19 17.91
CA VAL A 1245 14.15 -7.64 17.67
C VAL A 1245 14.18 -6.83 16.38
N VAL A 1246 13.34 -7.22 15.43
CA VAL A 1246 13.11 -6.48 14.20
C VAL A 1246 11.82 -5.69 14.36
N VAL A 1247 11.87 -4.40 14.06
CA VAL A 1247 10.67 -3.57 13.97
C VAL A 1247 10.45 -3.34 12.47
N MET A 1248 9.59 -4.18 11.86
CA MET A 1248 9.38 -4.13 10.41
C MET A 1248 8.26 -3.14 10.12
N GLY A 1249 8.62 -1.86 10.01
CA GLY A 1249 7.64 -0.82 9.74
C GLY A 1249 7.30 -0.01 10.97
N THR A 1250 7.13 1.30 10.80
CA THR A 1250 6.79 2.22 11.88
C THR A 1250 5.53 3.00 11.54
N GLN A 1251 4.59 2.36 10.84
CA GLN A 1251 3.37 3.02 10.42
C GLN A 1251 2.23 2.02 10.44
N PHE A 1252 1.03 2.53 10.75
CA PHE A 1252 -0.19 1.73 10.65
C PHE A 1252 -1.29 2.59 10.06
N PHE A 1253 -2.20 1.96 9.32
CA PHE A 1253 -3.26 2.69 8.64
C PHE A 1253 -4.39 3.00 9.62
N GLU A 1254 -4.82 4.26 9.64
CA GLU A 1254 -5.92 4.71 10.47
C GLU A 1254 -7.12 5.02 9.60
N GLY A 1255 -8.27 4.45 9.94
CA GLY A 1255 -9.44 4.59 9.09
C GLY A 1255 -10.01 6.00 9.08
N LYS A 1256 -9.98 6.67 10.23
CA LYS A 1256 -10.53 8.03 10.32
C LYS A 1256 -9.87 8.96 9.31
N GLU A 1257 -8.56 9.18 9.46
CA GLU A 1257 -7.85 10.17 8.66
C GLU A 1257 -7.51 9.69 7.26
N HIS A 1258 -7.82 8.43 6.92
CA HIS A 1258 -7.49 7.85 5.61
C HIS A 1258 -6.00 8.01 5.30
N ARG A 1259 -5.16 7.71 6.30
CA ARG A 1259 -3.73 7.90 6.15
C ARG A 1259 -3.00 6.99 7.13
N TYR A 1260 -1.68 6.97 7.02
CA TYR A 1260 -0.83 6.14 7.84
C TYR A 1260 -0.21 6.97 8.96
N ILE A 1261 -0.40 6.52 10.20
CA ILE A 1261 0.12 7.17 11.40
C ILE A 1261 1.41 6.48 11.82
N ASP A 1262 2.31 7.26 12.40
CA ASP A 1262 3.58 6.74 12.87
C ASP A 1262 3.43 6.03 14.21
N TYR A 1263 4.32 5.08 14.47
CA TYR A 1263 4.37 4.45 15.77
C TYR A 1263 4.69 5.48 16.85
N PRO A 1264 3.99 5.48 17.97
CA PRO A 1264 4.46 6.26 19.12
C PRO A 1264 5.83 5.77 19.57
N LEU A 1265 6.67 6.71 20.02
CA LEU A 1265 8.02 6.37 20.44
C LEU A 1265 8.00 5.39 21.62
N SER A 1266 7.03 5.54 22.51
CA SER A 1266 6.89 4.60 23.61
C SER A 1266 6.68 3.18 23.11
N GLU A 1267 6.01 3.03 21.97
CA GLU A 1267 5.78 1.70 21.40
C GLU A 1267 7.07 1.09 20.88
N VAL A 1268 7.92 1.89 20.25
CA VAL A 1268 9.20 1.38 19.76
C VAL A 1268 10.11 1.04 20.93
N LEU A 1269 10.10 1.87 21.97
CA LEU A 1269 10.87 1.55 23.17
C LEU A 1269 10.38 0.25 23.80
N GLN A 1270 9.06 0.06 23.87
CA GLN A 1270 8.51 -1.16 24.46
C GLN A 1270 8.88 -2.37 23.62
N MET A 1271 8.85 -2.24 22.30
CA MET A 1271 9.17 -3.38 21.44
C MET A 1271 10.65 -3.75 21.54
N PHE A 1272 11.53 -2.75 21.57
CA PHE A 1272 12.96 -3.05 21.70
C PHE A 1272 13.31 -3.48 23.12
N GLY A 1273 12.46 -3.22 24.10
CA GLY A 1273 12.70 -3.74 25.43
C GLY A 1273 12.56 -5.25 25.55
N LYS A 1274 12.03 -5.91 24.53
CA LYS A 1274 11.98 -7.36 24.52
C LYS A 1274 13.31 -7.99 24.13
N ALA A 1275 14.27 -7.20 23.66
CA ALA A 1275 15.58 -7.70 23.26
C ALA A 1275 16.49 -7.72 24.48
N LEU A 1276 16.46 -8.82 25.23
CA LEU A 1276 17.22 -8.95 26.45
C LEU A 1276 18.15 -10.16 26.49
N GLN A 1277 17.98 -11.13 25.61
CA GLN A 1277 18.86 -12.29 25.59
C GLN A 1277 20.21 -11.92 24.99
N PRO A 1278 21.30 -11.97 25.74
CA PRO A 1278 22.59 -11.56 25.20
C PRO A 1278 23.29 -12.69 24.45
N SER A 1279 24.13 -12.28 23.51
CA SER A 1279 25.02 -13.20 22.80
C SER A 1279 26.28 -13.41 23.62
N LYS A 1280 27.31 -14.00 23.01
CA LYS A 1280 28.61 -14.09 23.66
C LYS A 1280 29.22 -12.70 23.88
N ASP A 1281 28.84 -11.73 23.05
CA ASP A 1281 29.26 -10.35 23.24
C ASP A 1281 28.63 -9.70 24.46
N GLY A 1282 27.62 -10.33 25.07
CA GLY A 1282 26.93 -9.74 26.19
C GLY A 1282 26.00 -8.61 25.83
N ARG A 1283 25.57 -8.52 24.57
CA ARG A 1283 24.73 -7.44 24.10
C ARG A 1283 23.57 -7.99 23.28
N SER A 1284 22.49 -7.22 23.24
CA SER A 1284 21.30 -7.56 22.47
C SER A 1284 21.27 -6.73 21.18
N ARG A 1285 20.46 -7.18 20.22
CA ARG A 1285 20.47 -6.61 18.88
C ARG A 1285 19.06 -6.25 18.43
N GLY A 1286 18.94 -5.10 17.80
CA GLY A 1286 17.69 -4.70 17.17
C GLY A 1286 17.95 -4.12 15.79
N VAL A 1287 16.94 -4.23 14.94
CA VAL A 1287 16.96 -3.60 13.62
C VAL A 1287 15.62 -2.91 13.41
N LEU A 1288 15.66 -1.62 13.11
CA LEU A 1288 14.47 -0.79 12.91
C LEU A 1288 14.34 -0.45 11.43
N MET A 1289 13.27 -0.92 10.79
CA MET A 1289 13.03 -0.68 9.37
C MET A 1289 11.88 0.30 9.23
N LEU A 1290 12.21 1.49 8.75
CA LEU A 1290 11.26 2.59 8.60
C LEU A 1290 11.40 3.23 7.23
N PRO A 1291 10.43 4.05 6.83
CA PRO A 1291 10.65 4.93 5.67
C PRO A 1291 11.79 5.89 5.95
N ALA A 1292 12.45 6.33 4.88
CA ALA A 1292 13.60 7.21 5.02
C ALA A 1292 13.24 8.50 5.74
N VAL A 1293 12.09 9.10 5.38
CA VAL A 1293 11.72 10.40 5.92
C VAL A 1293 11.55 10.38 7.43
N LYS A 1294 11.41 9.19 8.04
CA LYS A 1294 11.25 9.08 9.48
C LYS A 1294 12.55 8.73 10.21
N ARG A 1295 13.60 8.33 9.48
CA ARG A 1295 14.81 7.80 10.09
C ARG A 1295 15.34 8.72 11.18
N GLU A 1296 15.76 9.94 10.81
CA GLU A 1296 16.35 10.86 11.76
C GLU A 1296 15.43 11.14 12.94
N TYR A 1297 14.12 10.98 12.76
CA TYR A 1297 13.20 11.09 13.89
C TYR A 1297 13.43 9.95 14.88
N TYR A 1298 13.23 8.71 14.43
CA TYR A 1298 13.28 7.58 15.35
C TYR A 1298 14.68 7.35 15.87
N LYS A 1299 15.71 7.68 15.08
CA LYS A 1299 17.08 7.68 15.60
C LYS A 1299 17.20 8.65 16.77
N LYS A 1300 16.70 9.88 16.57
CA LYS A 1300 16.85 10.95 17.56
C LYS A 1300 16.42 10.48 18.95
N PHE A 1301 15.23 9.90 19.03
CA PHE A 1301 14.65 9.52 20.32
C PHE A 1301 14.84 8.05 20.63
N LEU A 1302 15.84 7.41 20.01
CA LEU A 1302 16.34 6.12 20.49
C LEU A 1302 17.71 6.23 21.10
N ASN A 1303 18.50 7.22 20.70
CA ASN A 1303 19.78 7.53 21.33
C ASN A 1303 19.66 8.62 22.36
N GLU A 1304 18.50 9.29 22.45
CA GLU A 1304 18.22 10.27 23.49
C GLU A 1304 16.93 9.89 24.20
N ALA A 1305 16.77 10.44 25.40
CA ALA A 1305 15.66 10.08 26.27
C ALA A 1305 14.32 10.51 25.65
N LEU A 1306 13.23 10.03 26.26
CA LEU A 1306 11.90 10.22 25.70
C LEU A 1306 11.25 11.46 26.27
N PRO A 1307 10.87 12.43 25.44
CA PRO A 1307 10.06 13.55 25.94
C PRO A 1307 8.61 13.14 26.09
N VAL A 1308 7.99 13.61 27.18
CA VAL A 1308 6.61 13.29 27.48
C VAL A 1308 5.83 14.58 27.67
N GLU A 1309 4.71 14.70 26.99
CA GLU A 1309 3.81 15.83 27.09
C GLU A 1309 2.42 15.34 27.49
N SER A 1310 1.57 16.29 27.86
CA SER A 1310 0.20 15.97 28.25
C SER A 1310 -0.74 16.29 27.09
N HIS A 1311 -1.69 15.38 26.85
CA HIS A 1311 -2.79 15.63 25.93
C HIS A 1311 -4.11 15.76 26.68
N LEU A 1312 -4.05 16.14 27.96
CA LEU A 1312 -5.26 16.35 28.74
C LEU A 1312 -6.06 17.54 28.23
N HIS A 1313 -5.37 18.56 27.70
CA HIS A 1313 -6.06 19.73 27.17
C HIS A 1313 -6.92 19.41 25.97
N ASN A 1314 -6.65 18.30 25.28
CA ASN A 1314 -7.46 17.87 24.16
C ASN A 1314 -8.59 16.94 24.57
N PHE A 1315 -8.72 16.62 25.86
CA PHE A 1315 -9.79 15.75 26.35
C PHE A 1315 -10.43 16.32 27.60
N LEU A 1316 -10.44 17.65 27.74
CA LEU A 1316 -11.00 18.29 28.92
C LEU A 1316 -12.50 18.08 29.08
N PRO A 1317 -13.30 18.02 28.00
CA PRO A 1317 -14.73 17.70 28.20
C PRO A 1317 -14.97 16.36 28.87
N ASP A 1318 -14.29 15.31 28.41
CA ASP A 1318 -14.47 13.98 28.99
C ASP A 1318 -13.93 13.88 30.41
N ALA A 1319 -13.04 14.79 30.81
CA ALA A 1319 -12.57 14.83 32.19
C ALA A 1319 -13.53 15.62 33.07
N PHE A 1320 -13.99 16.78 32.57
CA PHE A 1320 -14.95 17.58 33.32
C PHE A 1320 -16.26 16.85 33.51
N VAL A 1321 -16.62 15.94 32.60
CA VAL A 1321 -17.82 15.12 32.82
C VAL A 1321 -17.72 14.39 34.16
N THR A 1322 -16.66 13.61 34.33
CA THR A 1322 -16.48 12.84 35.56
C THR A 1322 -16.26 13.76 36.76
N GLU A 1323 -15.60 14.91 36.58
CA GLU A 1323 -15.31 15.77 37.72
C GLU A 1323 -16.58 16.48 38.20
N ILE A 1324 -17.34 17.09 37.29
CA ILE A 1324 -18.53 17.84 37.68
C ILE A 1324 -19.64 16.89 38.12
N SER A 1325 -19.73 15.71 37.50
CA SER A 1325 -20.75 14.75 37.90
C SER A 1325 -20.64 14.38 39.37
N THR A 1326 -19.43 14.39 39.92
CA THR A 1326 -19.21 14.15 41.34
C THR A 1326 -19.15 15.42 42.16
N LYS A 1327 -19.59 16.55 41.60
CA LYS A 1327 -19.56 17.86 42.22
C LYS A 1327 -18.15 18.31 42.61
N MET A 1328 -17.12 17.61 42.12
CA MET A 1328 -15.75 18.01 42.40
C MET A 1328 -15.40 19.36 41.77
N ILE A 1329 -16.08 19.71 40.67
CA ILE A 1329 -15.89 20.98 39.99
C ILE A 1329 -17.27 21.60 39.84
N GLU A 1330 -17.62 22.51 40.75
CA GLU A 1330 -18.90 23.20 40.69
C GLU A 1330 -18.80 24.57 40.00
N SER A 1331 -17.59 25.06 39.75
CA SER A 1331 -17.41 26.36 39.13
C SER A 1331 -16.16 26.35 38.27
N GLY A 1332 -15.95 27.44 37.52
CA GLY A 1332 -14.77 27.53 36.67
C GLY A 1332 -13.49 27.71 37.46
N GLU A 1333 -13.55 28.49 38.54
CA GLU A 1333 -12.39 28.62 39.42
C GLU A 1333 -12.03 27.28 40.05
N ASP A 1334 -13.05 26.47 40.37
CA ASP A 1334 -12.78 25.09 40.79
C ASP A 1334 -12.05 24.32 39.70
N ALA A 1335 -12.42 24.55 38.44
CA ALA A 1335 -11.74 23.86 37.35
C ALA A 1335 -10.28 24.31 37.24
N ILE A 1336 -10.01 25.59 37.45
CA ILE A 1336 -8.63 26.07 37.40
C ILE A 1336 -7.82 25.48 38.55
N ASN A 1337 -8.39 25.45 39.75
CA ASN A 1337 -7.71 24.85 40.88
C ASN A 1337 -7.43 23.37 40.64
N TRP A 1338 -8.39 22.65 40.06
CA TRP A 1338 -8.18 21.25 39.72
C TRP A 1338 -7.07 21.11 38.69
N ALA A 1339 -7.06 21.97 37.67
CA ALA A 1339 -6.03 21.90 36.64
C ALA A 1339 -4.64 22.14 37.20
N THR A 1340 -4.53 22.97 38.24
CA THR A 1340 -3.22 23.23 38.84
C THR A 1340 -2.53 21.96 39.34
N PHE A 1341 -3.29 20.89 39.61
CA PHE A 1341 -2.72 19.64 40.10
C PHE A 1341 -2.27 18.70 38.98
N THR A 1342 -2.41 19.10 37.73
CA THR A 1342 -2.14 18.22 36.60
C THR A 1342 -0.73 18.40 36.07
N TYR A 1343 -0.19 17.34 35.49
CA TYR A 1343 1.10 17.41 34.80
C TYR A 1343 1.04 18.41 33.65
N PHE A 1344 -0.13 18.53 33.02
CA PHE A 1344 -0.34 19.54 31.99
C PHE A 1344 -0.01 20.95 32.50
N TYR A 1345 -0.42 21.26 33.73
CA TYR A 1345 -0.15 22.57 34.29
C TYR A 1345 1.33 22.81 34.49
N ARG A 1346 2.02 21.86 35.12
CA ARG A 1346 3.46 21.98 35.30
C ARG A 1346 4.21 22.01 33.97
N ARG A 1347 3.59 21.50 32.91
CA ARG A 1347 4.22 21.46 31.60
C ARG A 1347 3.87 22.66 30.73
N LEU A 1348 2.90 23.48 31.15
CA LEU A 1348 2.63 24.74 30.45
C LEU A 1348 3.76 25.74 30.64
N LEU A 1349 4.44 25.72 31.79
CA LEU A 1349 5.55 26.63 32.01
C LEU A 1349 6.82 26.20 31.29
N ALA A 1350 6.98 24.90 31.05
CA ALA A 1350 8.19 24.40 30.43
C ALA A 1350 8.15 24.43 28.91
N ASN A 1351 7.02 24.04 28.32
CA ASN A 1351 6.86 23.98 26.87
C ASN A 1351 5.55 24.64 26.46
N PRO A 1352 5.42 25.96 26.69
CA PRO A 1352 4.13 26.61 26.41
C PRO A 1352 3.71 26.56 24.96
N SER A 1353 4.65 26.71 24.02
CA SER A 1353 4.30 26.70 22.60
C SER A 1353 3.74 25.35 22.15
N TYR A 1354 4.06 24.27 22.86
CA TYR A 1354 3.45 22.98 22.55
C TYR A 1354 1.95 23.00 22.79
N TYR A 1355 1.48 23.85 23.70
CA TYR A 1355 0.08 23.86 24.10
C TYR A 1355 -0.67 25.10 23.62
N GLY A 1356 -0.04 25.94 22.80
CA GLY A 1356 -0.67 27.14 22.30
C GLY A 1356 -0.43 28.39 23.14
N LEU A 1357 0.10 28.24 24.35
CA LEU A 1357 0.38 29.40 25.18
C LEU A 1357 1.50 30.24 24.58
N GLN A 1358 1.34 31.57 24.64
CA GLN A 1358 2.28 32.48 24.04
C GLN A 1358 2.92 33.46 25.01
N ASP A 1359 2.35 33.66 26.20
CA ASP A 1359 2.93 34.56 27.19
C ASP A 1359 3.39 33.76 28.40
N PRO A 1360 4.69 33.62 28.64
CA PRO A 1360 5.16 32.77 29.75
C PRO A 1360 4.88 33.33 31.13
N THR A 1361 4.39 34.56 31.26
CA THR A 1361 4.15 35.14 32.56
C THR A 1361 2.89 34.55 33.19
N HIS A 1362 2.70 34.84 34.49
CA HIS A 1362 1.52 34.35 35.19
C HIS A 1362 0.23 34.95 34.63
N ASP A 1363 0.30 36.19 34.15
CA ASP A 1363 -0.88 36.79 33.51
C ASP A 1363 -1.32 35.97 32.31
N GLY A 1364 -0.40 35.69 31.39
CA GLY A 1364 -0.74 34.93 30.20
C GLY A 1364 -1.16 33.51 30.52
N LEU A 1365 -0.52 32.90 31.53
CA LEU A 1365 -0.89 31.53 31.91
C LEU A 1365 -2.30 31.48 32.48
N SER A 1366 -2.63 32.40 33.39
CA SER A 1366 -3.99 32.44 33.93
C SER A 1366 -5.01 32.75 32.86
N GLN A 1367 -4.67 33.64 31.92
CA GLN A 1367 -5.59 33.94 30.83
C GLN A 1367 -5.79 32.72 29.92
N TYR A 1368 -4.72 31.96 29.69
CA TYR A 1368 -4.82 30.75 28.90
C TYR A 1368 -5.72 29.72 29.58
N LEU A 1369 -5.52 29.51 30.88
CA LEU A 1369 -6.37 28.58 31.62
C LEU A 1369 -7.82 29.03 31.61
N SER A 1370 -8.07 30.34 31.74
CA SER A 1370 -9.43 30.85 31.70
C SER A 1370 -10.08 30.59 30.35
N ASP A 1371 -9.37 30.93 29.27
CA ASP A 1371 -9.88 30.65 27.93
C ASP A 1371 -10.17 29.16 27.75
N LEU A 1372 -9.27 28.30 28.21
CA LEU A 1372 -9.43 26.86 28.01
C LEU A 1372 -10.64 26.34 28.77
N VAL A 1373 -10.76 26.69 30.05
CA VAL A 1373 -11.89 26.18 30.83
C VAL A 1373 -13.20 26.77 30.36
N GLU A 1374 -13.19 28.03 29.90
CA GLU A 1374 -14.43 28.62 29.40
C GLU A 1374 -14.87 27.99 28.09
N THR A 1375 -13.91 27.70 27.20
CA THR A 1375 -14.26 27.04 25.95
C THR A 1375 -14.74 25.61 26.21
N THR A 1376 -14.14 24.92 27.17
CA THR A 1376 -14.59 23.56 27.49
C THR A 1376 -15.99 23.57 28.08
N LEU A 1377 -16.26 24.48 29.02
CA LEU A 1377 -17.61 24.59 29.56
C LEU A 1377 -18.61 25.06 28.51
N LYS A 1378 -18.15 25.85 27.52
CA LYS A 1378 -19.03 26.23 26.42
C LYS A 1378 -19.38 25.04 25.56
N GLN A 1379 -18.39 24.18 25.28
CA GLN A 1379 -18.65 22.94 24.54
C GLN A 1379 -19.63 22.06 25.30
N LEU A 1380 -19.47 21.96 26.62
CA LEU A 1380 -20.36 21.13 27.42
C LEU A 1380 -21.73 21.75 27.65
N SER A 1381 -21.86 23.07 27.47
CA SER A 1381 -23.14 23.75 27.64
C SER A 1381 -23.94 23.80 26.34
N ASP A 1382 -23.27 24.04 25.20
CA ASP A 1382 -23.94 23.92 23.92
C ASP A 1382 -24.46 22.50 23.71
N ALA A 1383 -23.74 21.50 24.20
CA ALA A 1383 -24.31 20.18 24.36
C ALA A 1383 -25.16 20.14 25.62
N ARG A 1384 -26.19 19.30 25.60
CA ARG A 1384 -27.17 19.27 26.69
C ARG A 1384 -26.69 18.34 27.82
N ILE A 1385 -25.50 18.67 28.34
CA ILE A 1385 -24.86 17.91 29.39
C ILE A 1385 -24.66 18.73 30.65
N ILE A 1386 -24.20 19.97 30.53
CA ILE A 1386 -23.86 20.80 31.68
C ILE A 1386 -24.78 22.03 31.69
N GLU A 1387 -24.92 22.62 32.87
CA GLU A 1387 -25.73 23.80 33.08
C GLU A 1387 -24.83 24.96 33.48
N MET A 1388 -24.66 25.91 32.56
CA MET A 1388 -23.77 27.05 32.79
C MET A 1388 -24.25 28.22 31.94
N ASP A 1389 -24.30 29.41 32.54
CA ASP A 1389 -24.81 30.59 31.86
C ASP A 1389 -23.90 31.78 32.19
N GLU A 1390 -24.31 32.96 31.71
CA GLU A 1390 -23.46 34.14 31.73
C GLU A 1390 -23.37 34.79 33.10
N ASP A 1391 -24.34 34.54 33.99
CA ASP A 1391 -24.37 35.21 35.29
C ASP A 1391 -23.07 34.97 36.06
N GLU A 1392 -22.79 33.71 36.38
CA GLU A 1392 -21.56 33.35 37.07
C GLU A 1392 -20.98 32.11 36.42
N GLY A 1393 -19.69 31.89 36.67
CA GLY A 1393 -19.02 30.71 36.15
C GLY A 1393 -19.39 29.46 36.93
N THR A 1394 -20.68 29.19 37.05
CA THR A 1394 -21.18 28.05 37.80
C THR A 1394 -21.65 26.96 36.82
N VAL A 1395 -21.34 25.71 37.17
CA VAL A 1395 -21.71 24.56 36.35
C VAL A 1395 -22.46 23.57 37.23
N ALA A 1396 -23.44 22.89 36.63
CA ALA A 1396 -24.24 21.89 37.32
C ALA A 1396 -24.44 20.71 36.38
N PRO A 1397 -24.25 19.49 36.86
CA PRO A 1397 -24.38 18.32 35.98
C PRO A 1397 -25.84 17.90 35.80
N LEU A 1398 -26.25 17.74 34.55
CA LEU A 1398 -27.59 17.27 34.25
C LEU A 1398 -27.64 15.75 34.38
N ASN A 1399 -28.83 15.18 34.16
CA ASN A 1399 -28.97 13.73 34.18
C ASN A 1399 -28.14 13.06 33.09
N ALA A 1400 -27.78 13.80 32.04
CA ALA A 1400 -26.95 13.23 30.99
C ALA A 1400 -25.54 12.93 31.50
N ALA A 1401 -24.93 13.89 32.20
CA ALA A 1401 -23.57 13.70 32.70
C ALA A 1401 -23.50 12.56 33.70
N MET A 1402 -24.57 12.32 34.46
CA MET A 1402 -24.60 11.22 35.40
C MET A 1402 -24.29 9.90 34.72
N ILE A 1403 -25.13 9.52 33.74
CA ILE A 1403 -24.92 8.24 33.06
C ILE A 1403 -23.72 8.30 32.13
N ALA A 1404 -23.33 9.48 31.65
CA ALA A 1404 -22.11 9.57 30.86
C ALA A 1404 -20.88 9.17 31.69
N ALA A 1405 -20.83 9.62 32.94
CA ALA A 1405 -19.73 9.21 33.81
C ALA A 1405 -19.93 7.80 34.36
N TYR A 1406 -21.19 7.35 34.45
CA TYR A 1406 -21.45 6.01 34.97
C TYR A 1406 -21.00 4.94 33.98
N TYR A 1407 -21.49 5.00 32.75
CA TYR A 1407 -21.16 4.00 31.75
C TYR A 1407 -19.85 4.28 31.03
N ASN A 1408 -19.18 5.38 31.36
CA ASN A 1408 -17.88 5.74 30.80
C ASN A 1408 -17.95 5.82 29.27
N ILE A 1409 -18.78 6.75 28.79
CA ILE A 1409 -18.94 6.98 27.37
C ILE A 1409 -18.50 8.40 27.06
N SER A 1410 -18.05 8.62 25.82
CA SER A 1410 -17.51 9.91 25.43
C SER A 1410 -18.60 10.97 25.37
N TYR A 1411 -18.17 12.22 25.50
CA TYR A 1411 -19.14 13.33 25.49
C TYR A 1411 -19.66 13.60 24.10
N MET A 1412 -18.88 13.33 23.05
CA MET A 1412 -19.37 13.45 21.68
C MET A 1412 -20.45 12.41 21.41
N THR A 1413 -20.19 11.17 21.80
CA THR A 1413 -21.21 10.12 21.73
C THR A 1413 -22.45 10.54 22.51
N MET A 1414 -22.28 11.13 23.69
CA MET A 1414 -23.42 11.53 24.50
C MET A 1414 -24.24 12.62 23.81
N GLU A 1415 -23.56 13.62 23.25
CA GLU A 1415 -24.27 14.71 22.56
C GLU A 1415 -25.06 14.17 21.37
N MET A 1416 -24.42 13.35 20.53
CA MET A 1416 -25.13 12.86 19.37
C MET A 1416 -26.24 11.89 19.76
N PHE A 1417 -26.05 11.13 20.83
CA PHE A 1417 -27.13 10.32 21.40
C PHE A 1417 -28.33 11.19 21.74
N LEU A 1418 -28.11 12.24 22.54
CA LEU A 1418 -29.21 13.09 22.96
C LEU A 1418 -29.87 13.79 21.77
N LEU A 1419 -29.08 14.15 20.76
CA LEU A 1419 -29.65 14.84 19.61
C LEU A 1419 -30.52 13.90 18.77
N SER A 1420 -30.01 12.71 18.47
CA SER A 1420 -30.78 11.77 17.67
C SER A 1420 -31.90 11.08 18.44
N LEU A 1421 -31.89 11.16 19.78
CA LEU A 1421 -32.92 10.54 20.60
C LEU A 1421 -33.80 11.55 21.31
N SER A 1422 -33.58 12.86 21.10
CA SER A 1422 -34.45 13.86 21.71
C SER A 1422 -35.89 13.66 21.28
N HIS A 1423 -36.11 13.10 20.09
CA HIS A 1423 -37.42 12.67 19.64
C HIS A 1423 -37.53 11.16 19.86
N LYS A 1424 -38.69 10.73 20.36
CA LYS A 1424 -38.91 9.32 20.64
C LYS A 1424 -38.82 8.50 19.35
N SER A 1425 -37.82 7.63 19.26
CA SER A 1425 -37.54 6.85 18.07
C SER A 1425 -37.90 5.39 18.29
N LYS A 1426 -37.78 4.60 17.23
CA LYS A 1426 -38.13 3.18 17.26
C LYS A 1426 -36.87 2.33 17.32
N LEU A 1427 -37.09 1.01 17.41
CA LEU A 1427 -35.97 0.08 17.58
C LEU A 1427 -35.03 0.09 16.38
N ARG A 1428 -35.59 0.10 15.17
CA ARG A 1428 -34.76 0.18 13.97
C ARG A 1428 -33.96 1.47 13.92
N THR A 1429 -34.37 2.49 14.68
CA THR A 1429 -33.61 3.72 14.78
C THR A 1429 -32.52 3.65 15.85
N ILE A 1430 -32.83 3.03 17.00
CA ILE A 1430 -31.80 2.88 18.02
C ILE A 1430 -30.68 1.97 17.51
N LEU A 1431 -31.00 1.01 16.63
CA LEU A 1431 -29.95 0.21 16.01
C LEU A 1431 -28.97 1.10 15.24
N GLU A 1432 -29.48 2.06 14.48
CA GLU A 1432 -28.60 2.96 13.75
C GLU A 1432 -27.87 3.92 14.68
N ILE A 1433 -28.50 4.31 15.78
CA ILE A 1433 -27.90 5.34 16.64
C ILE A 1433 -26.80 4.74 17.51
N VAL A 1434 -26.99 3.52 18.02
CA VAL A 1434 -25.99 2.92 18.90
C VAL A 1434 -24.67 2.75 18.18
N THR A 1435 -24.70 2.14 16.99
CA THR A 1435 -23.48 1.80 16.27
C THR A 1435 -22.73 3.02 15.76
N ALA A 1436 -23.31 4.21 15.84
CA ALA A 1436 -22.62 5.43 15.46
C ALA A 1436 -21.79 6.03 16.59
N ALA A 1437 -21.74 5.36 17.74
CA ALA A 1437 -20.99 5.89 18.88
C ALA A 1437 -19.51 6.04 18.53
N THR A 1438 -18.86 6.99 19.20
CA THR A 1438 -17.45 7.25 18.93
C THR A 1438 -16.55 6.14 19.48
N GLU A 1439 -17.00 5.41 20.49
CA GLU A 1439 -16.20 4.31 21.04
C GLU A 1439 -15.83 3.30 19.96
N PHE A 1440 -16.73 3.07 19.02
CA PHE A 1440 -16.47 2.10 17.95
C PHE A 1440 -15.54 2.64 16.88
N GLU A 1441 -15.33 3.97 16.82
CA GLU A 1441 -14.44 4.53 15.82
C GLU A 1441 -12.98 4.18 16.06
N SER A 1442 -12.64 3.66 17.23
CA SER A 1442 -11.27 3.25 17.54
C SER A 1442 -10.94 1.86 17.02
N ILE A 1443 -11.78 1.29 16.15
CA ILE A 1443 -11.58 -0.04 15.60
C ILE A 1443 -10.87 0.08 14.26
N GLN A 1444 -9.87 -0.77 14.06
CA GLN A 1444 -9.05 -0.69 12.85
C GLN A 1444 -9.87 -1.00 11.62
N THR A 1445 -9.56 -0.31 10.52
CA THR A 1445 -10.10 -0.62 9.21
C THR A 1445 -9.01 -1.30 8.39
N ARG A 1446 -9.33 -2.46 7.84
CA ARG A 1446 -8.39 -3.20 7.00
C ARG A 1446 -8.69 -2.88 5.54
N ARG A 1447 -7.65 -2.52 4.79
CA ARG A 1447 -7.82 -2.12 3.41
C ARG A 1447 -8.45 -3.25 2.60
N HIS A 1448 -9.34 -2.86 1.67
CA HIS A 1448 -9.95 -3.78 0.70
C HIS A 1448 -10.88 -4.78 1.37
N GLU A 1449 -11.47 -4.42 2.51
CA GLU A 1449 -12.54 -5.22 3.09
C GLU A 1449 -13.92 -4.73 2.66
N GLU A 1450 -14.00 -3.73 1.80
CA GLU A 1450 -15.26 -3.36 1.19
C GLU A 1450 -15.75 -4.49 0.29
N GLY A 1451 -17.05 -4.56 0.13
CA GLY A 1451 -17.65 -5.68 -0.60
C GLY A 1451 -18.08 -6.80 0.32
N ILE A 1452 -17.15 -7.31 1.13
CA ILE A 1452 -17.52 -8.28 2.16
C ILE A 1452 -18.58 -7.68 3.08
N LEU A 1453 -18.27 -6.53 3.67
CA LEU A 1453 -19.27 -5.80 4.45
C LEU A 1453 -20.50 -5.49 3.60
N LYS A 1454 -20.30 -5.16 2.32
CA LYS A 1454 -21.45 -4.88 1.45
C LYS A 1454 -22.23 -6.15 1.15
N ARG A 1455 -21.54 -7.26 0.87
CA ARG A 1455 -22.22 -8.52 0.60
C ARG A 1455 -23.09 -8.95 1.78
N ILE A 1456 -22.58 -8.76 3.01
CA ILE A 1456 -23.38 -9.13 4.17
C ILE A 1456 -24.41 -8.06 4.52
N TYR A 1457 -24.20 -6.81 4.08
CA TYR A 1457 -25.18 -5.76 4.28
C TYR A 1457 -26.38 -5.92 3.35
N ASP A 1458 -26.18 -6.52 2.19
CA ASP A 1458 -27.31 -6.80 1.31
C ASP A 1458 -28.18 -7.93 1.86
N HIS A 1459 -27.59 -8.83 2.64
CA HIS A 1459 -28.33 -9.89 3.33
C HIS A 1459 -28.71 -9.46 4.74
N VAL A 1460 -29.37 -8.31 4.85
CA VAL A 1460 -29.64 -7.72 6.17
C VAL A 1460 -30.94 -6.92 6.09
N PRO A 1461 -31.85 -7.05 7.07
CA PRO A 1461 -33.19 -6.45 6.93
C PRO A 1461 -33.22 -4.93 7.02
N VAL A 1462 -32.63 -4.36 8.08
CA VAL A 1462 -32.70 -2.93 8.34
C VAL A 1462 -31.44 -2.27 7.82
N LYS A 1463 -31.58 -1.10 7.21
CA LYS A 1463 -30.46 -0.41 6.62
C LYS A 1463 -30.64 1.10 6.77
N MET A 1464 -29.55 1.82 6.54
CA MET A 1464 -29.51 3.27 6.69
C MET A 1464 -29.69 3.96 5.34
N ASN A 1465 -30.15 5.22 5.40
CA ASN A 1465 -30.45 5.96 4.18
C ASN A 1465 -29.19 6.34 3.42
N ASN A 1466 -28.15 6.76 4.12
CA ASN A 1466 -26.90 7.17 3.49
C ASN A 1466 -25.75 6.33 4.01
N PRO A 1467 -25.33 5.29 3.28
CA PRO A 1467 -24.24 4.44 3.76
C PRO A 1467 -22.86 4.94 3.35
N VAL A 1468 -21.91 4.78 4.25
CA VAL A 1468 -20.50 5.10 4.00
C VAL A 1468 -19.73 3.80 4.18
N TRP A 1469 -19.37 3.17 3.06
CA TRP A 1469 -18.89 1.79 3.08
C TRP A 1469 -17.49 1.63 3.67
N ASP A 1470 -16.80 2.73 3.98
CA ASP A 1470 -15.48 2.66 4.61
C ASP A 1470 -15.49 3.27 6.01
N SER A 1471 -16.65 3.35 6.64
CA SER A 1471 -16.80 3.99 7.94
C SER A 1471 -16.95 2.95 9.04
N ALA A 1472 -16.43 3.29 10.23
CA ALA A 1472 -16.61 2.43 11.38
C ALA A 1472 -18.08 2.34 11.78
N HIS A 1473 -18.85 3.41 11.54
CA HIS A 1473 -20.28 3.37 11.82
C HIS A 1473 -20.97 2.30 10.99
N PHE A 1474 -20.71 2.29 9.67
CA PHE A 1474 -21.31 1.27 8.82
C PHE A 1474 -20.84 -0.12 9.20
N LYS A 1475 -19.57 -0.26 9.56
CA LYS A 1475 -19.05 -1.57 9.95
C LYS A 1475 -19.76 -2.10 11.20
N ALA A 1476 -19.91 -1.26 12.22
CA ALA A 1476 -20.61 -1.69 13.43
C ALA A 1476 -22.08 -1.97 13.13
N PHE A 1477 -22.71 -1.10 12.32
CA PHE A 1477 -24.12 -1.27 11.97
C PHE A 1477 -24.35 -2.61 11.28
N VAL A 1478 -23.43 -3.03 10.42
CA VAL A 1478 -23.59 -4.29 9.72
C VAL A 1478 -23.24 -5.47 10.63
N LEU A 1479 -22.19 -5.35 11.44
CA LEU A 1479 -21.75 -6.48 12.24
C LEU A 1479 -22.71 -6.80 13.38
N VAL A 1480 -23.40 -5.79 13.93
CA VAL A 1480 -24.41 -6.06 14.95
C VAL A 1480 -25.54 -6.90 14.36
N GLN A 1481 -25.98 -6.54 13.16
CA GLN A 1481 -27.04 -7.31 12.52
C GLN A 1481 -26.55 -8.68 12.08
N ALA A 1482 -25.26 -8.80 11.74
CA ALA A 1482 -24.69 -10.11 11.49
C ALA A 1482 -24.73 -10.99 12.74
N HIS A 1483 -24.41 -10.40 13.89
CA HIS A 1483 -24.56 -11.08 15.16
C HIS A 1483 -26.00 -11.54 15.38
N PHE A 1484 -26.96 -10.66 15.08
CA PHE A 1484 -28.36 -11.03 15.25
C PHE A 1484 -28.75 -12.18 14.34
N SER A 1485 -28.33 -12.13 13.08
CA SER A 1485 -28.68 -13.15 12.10
C SER A 1485 -27.80 -14.41 12.21
N ARG A 1486 -26.78 -14.37 13.06
CA ARG A 1486 -25.88 -15.51 13.27
C ARG A 1486 -25.20 -15.92 11.97
N MET A 1487 -24.58 -14.95 11.31
CA MET A 1487 -23.86 -15.17 10.06
C MET A 1487 -22.38 -15.39 10.33
N ASN A 1488 -21.79 -16.35 9.62
CA ASN A 1488 -20.37 -16.61 9.76
C ASN A 1488 -19.56 -15.41 9.27
N LEU A 1489 -18.46 -15.12 9.95
CA LEU A 1489 -17.59 -14.00 9.62
C LEU A 1489 -16.15 -14.46 9.59
N PRO A 1490 -15.33 -13.88 8.71
CA PRO A 1490 -13.89 -14.15 8.74
C PRO A 1490 -13.28 -13.72 10.07
N ILE A 1491 -12.01 -14.10 10.26
CA ILE A 1491 -11.38 -14.02 11.57
C ILE A 1491 -11.35 -12.59 12.08
N ASP A 1492 -10.74 -11.68 11.31
CA ASP A 1492 -10.53 -10.32 11.78
C ASP A 1492 -11.86 -9.58 11.94
N LEU A 1493 -12.80 -9.82 11.03
CA LEU A 1493 -14.12 -9.21 11.17
C LEU A 1493 -14.85 -9.75 12.40
N ALA A 1494 -14.65 -11.03 12.73
CA ALA A 1494 -15.24 -11.60 13.93
C ALA A 1494 -14.64 -10.98 15.19
N LYS A 1495 -13.33 -10.73 15.19
CA LYS A 1495 -12.72 -10.07 16.34
C LYS A 1495 -13.25 -8.64 16.49
N ASP A 1496 -13.42 -7.93 15.37
CA ASP A 1496 -14.02 -6.60 15.43
C ASP A 1496 -15.43 -6.68 16.00
N GLN A 1497 -16.20 -7.69 15.61
CA GLN A 1497 -17.54 -7.86 16.15
C GLN A 1497 -17.51 -8.12 17.66
N GLU A 1498 -16.53 -8.91 18.11
CA GLU A 1498 -16.35 -9.12 19.55
C GLU A 1498 -16.14 -7.80 20.27
N VAL A 1499 -15.21 -6.99 19.75
CA VAL A 1499 -14.94 -5.68 20.34
C VAL A 1499 -16.22 -4.84 20.38
N ILE A 1500 -17.01 -4.89 19.32
CA ILE A 1500 -18.30 -4.19 19.29
C ILE A 1500 -19.18 -4.65 20.45
N LEU A 1501 -19.40 -5.96 20.55
CA LEU A 1501 -20.31 -6.51 21.53
C LEU A 1501 -19.86 -6.20 22.96
N GLN A 1502 -18.54 -6.03 23.17
CA GLN A 1502 -18.06 -5.75 24.51
C GLN A 1502 -18.64 -4.45 25.07
N LYS A 1503 -18.81 -3.44 24.22
CA LYS A 1503 -19.27 -2.13 24.66
C LYS A 1503 -20.73 -1.85 24.33
N ILE A 1504 -21.33 -2.60 23.40
CA ILE A 1504 -22.69 -2.27 22.96
C ILE A 1504 -23.68 -2.39 24.10
N LEU A 1505 -23.46 -3.30 25.06
CA LEU A 1505 -24.39 -3.44 26.17
C LEU A 1505 -24.35 -2.21 27.07
N SER A 1506 -23.15 -1.71 27.37
CA SER A 1506 -23.03 -0.48 28.14
C SER A 1506 -23.72 0.68 27.43
N LEU A 1507 -23.48 0.80 26.12
CA LEU A 1507 -24.12 1.86 25.35
C LEU A 1507 -25.65 1.74 25.40
N LEU A 1508 -26.17 0.51 25.36
CA LEU A 1508 -27.60 0.30 25.37
C LEU A 1508 -28.22 0.64 26.71
N SER A 1509 -27.55 0.26 27.81
CA SER A 1509 -28.05 0.66 29.13
C SER A 1509 -28.03 2.17 29.28
N ALA A 1510 -26.98 2.82 28.75
CA ALA A 1510 -26.94 4.28 28.76
C ALA A 1510 -28.12 4.87 27.99
N ILE A 1511 -28.46 4.29 26.85
CA ILE A 1511 -29.58 4.81 26.06
C ILE A 1511 -30.90 4.59 26.78
N VAL A 1512 -31.05 3.45 27.44
CA VAL A 1512 -32.24 3.21 28.28
C VAL A 1512 -32.36 4.32 29.32
N ASP A 1513 -31.26 4.63 29.99
CA ASP A 1513 -31.30 5.67 31.02
C ASP A 1513 -31.59 7.04 30.41
N ILE A 1514 -31.07 7.31 29.21
CA ILE A 1514 -31.34 8.58 28.53
C ILE A 1514 -32.83 8.72 28.26
N LEU A 1515 -33.42 7.71 27.64
CA LEU A 1515 -34.84 7.76 27.30
C LEU A 1515 -35.74 7.75 28.53
N SER A 1516 -35.25 7.20 29.65
CA SER A 1516 -36.00 7.32 30.90
C SER A 1516 -35.88 8.71 31.51
N SER A 1517 -34.72 9.36 31.32
CA SER A 1517 -34.55 10.72 31.82
C SER A 1517 -35.43 11.70 31.04
N GLU A 1518 -35.49 11.54 29.72
CA GLU A 1518 -36.39 12.39 28.94
C GLU A 1518 -37.86 12.04 29.15
N GLY A 1519 -38.16 10.90 29.75
CA GLY A 1519 -39.52 10.55 30.09
C GLY A 1519 -40.33 9.93 28.97
N HIS A 1520 -39.70 9.54 27.87
CA HIS A 1520 -40.42 8.97 26.73
C HIS A 1520 -40.59 7.47 26.90
N LEU A 1521 -41.65 6.93 26.27
CA LEU A 1521 -41.97 5.52 26.43
C LEU A 1521 -40.99 4.61 25.71
N ASN A 1522 -40.45 5.05 24.57
CA ASN A 1522 -39.62 4.18 23.73
C ASN A 1522 -38.37 3.68 24.44
N ALA A 1523 -38.11 4.15 25.67
CA ALA A 1523 -37.09 3.54 26.49
C ALA A 1523 -37.28 2.03 26.57
N LEU A 1524 -38.53 1.58 26.73
CA LEU A 1524 -38.79 0.15 26.83
C LEU A 1524 -38.39 -0.60 25.56
N ASN A 1525 -38.26 0.10 24.43
CA ASN A 1525 -37.72 -0.54 23.23
C ASN A 1525 -36.25 -0.86 23.41
N ALA A 1526 -35.47 0.11 23.92
CA ALA A 1526 -34.02 -0.03 23.96
C ALA A 1526 -33.60 -1.25 24.78
N MET A 1527 -34.26 -1.48 25.91
CA MET A 1527 -33.92 -2.62 26.74
C MET A 1527 -34.14 -3.95 26.00
N GLU A 1528 -35.17 -4.01 25.15
CA GLU A 1528 -35.35 -5.20 24.32
C GLU A 1528 -34.11 -5.46 23.48
N MET A 1529 -33.49 -4.39 22.96
CA MET A 1529 -32.24 -4.52 22.21
C MET A 1529 -31.19 -5.26 23.03
N SER A 1530 -31.12 -4.99 24.34
CA SER A 1530 -30.15 -5.64 25.19
C SER A 1530 -30.32 -7.15 25.19
N GLN A 1531 -31.57 -7.63 25.08
CA GLN A 1531 -31.78 -9.06 24.93
C GLN A 1531 -31.21 -9.55 23.61
N MET A 1532 -31.52 -8.84 22.52
CA MET A 1532 -31.17 -9.28 21.19
C MET A 1532 -29.67 -9.51 21.05
N VAL A 1533 -28.85 -8.68 21.70
CA VAL A 1533 -27.41 -8.85 21.60
C VAL A 1533 -26.91 -9.98 22.49
N VAL A 1534 -27.53 -10.18 23.66
CA VAL A 1534 -27.06 -11.22 24.57
C VAL A 1534 -27.37 -12.60 23.99
N GLN A 1535 -28.54 -12.75 23.36
CA GLN A 1535 -28.97 -14.02 22.81
C GLN A 1535 -28.70 -14.15 21.32
N ALA A 1536 -28.22 -13.09 20.66
CA ALA A 1536 -27.89 -13.12 19.24
C ALA A 1536 -29.09 -13.51 18.39
N MET A 1537 -30.12 -12.65 18.43
CA MET A 1537 -31.35 -12.91 17.70
C MET A 1537 -32.09 -11.59 17.51
N TRP A 1538 -33.03 -11.61 16.56
CA TRP A 1538 -33.87 -10.45 16.32
C TRP A 1538 -35.08 -10.46 17.25
N ASP A 1539 -35.75 -9.31 17.34
CA ASP A 1539 -36.98 -9.24 18.12
C ASP A 1539 -38.11 -10.02 17.44
N ARG A 1540 -38.10 -10.10 16.11
CA ARG A 1540 -39.13 -10.85 15.40
C ARG A 1540 -38.94 -12.36 15.56
N ASP A 1541 -37.70 -12.81 15.73
CA ASP A 1541 -37.41 -14.24 15.77
C ASP A 1541 -38.15 -14.90 16.93
N SER A 1542 -38.36 -16.21 16.80
CA SER A 1542 -39.04 -16.98 17.83
C SER A 1542 -38.11 -17.23 19.00
N PRO A 1543 -38.67 -17.44 20.19
CA PRO A 1543 -37.81 -17.77 21.35
C PRO A 1543 -37.01 -19.04 21.16
N LEU A 1544 -37.52 -19.99 20.37
CA LEU A 1544 -36.92 -21.31 20.25
C LEU A 1544 -35.48 -21.26 19.74
N LYS A 1545 -35.05 -20.14 19.16
CA LYS A 1545 -33.68 -20.04 18.67
C LYS A 1545 -32.66 -19.82 19.79
N GLN A 1546 -33.10 -19.73 21.04
CA GLN A 1546 -32.15 -19.66 22.15
C GLN A 1546 -31.60 -21.03 22.51
N ILE A 1547 -32.38 -22.08 22.31
CA ILE A 1547 -31.95 -23.44 22.65
C ILE A 1547 -30.72 -23.80 21.84
N PRO A 1548 -29.72 -24.45 22.42
CA PRO A 1548 -28.55 -24.87 21.64
C PRO A 1548 -28.92 -25.87 20.55
N ASN A 1549 -28.17 -25.80 19.45
CA ASN A 1549 -28.34 -26.70 18.31
C ASN A 1549 -29.72 -26.60 17.69
N PHE A 1550 -30.39 -25.45 17.86
CA PHE A 1550 -31.73 -25.24 17.31
C PHE A 1550 -31.61 -24.39 16.04
N THR A 1551 -31.26 -25.06 14.95
CA THR A 1551 -31.25 -24.42 13.63
C THR A 1551 -32.68 -23.95 13.29
N PRO A 1552 -32.81 -22.83 12.56
CA PRO A 1552 -34.15 -22.42 12.11
C PRO A 1552 -34.93 -23.53 11.42
N GLU A 1553 -34.25 -24.51 10.82
CA GLU A 1553 -34.94 -25.69 10.32
C GLU A 1553 -35.64 -26.42 11.46
N VAL A 1554 -34.94 -26.63 12.58
CA VAL A 1554 -35.55 -27.23 13.76
C VAL A 1554 -36.64 -26.35 14.31
N VAL A 1555 -36.47 -25.02 14.22
CA VAL A 1555 -37.50 -24.10 14.69
C VAL A 1555 -38.79 -24.30 13.90
N LYS A 1556 -38.69 -24.45 12.58
CA LYS A 1556 -39.89 -24.68 11.78
C LYS A 1556 -40.45 -26.09 12.00
N VAL A 1557 -39.58 -27.08 12.21
CA VAL A 1557 -40.06 -28.43 12.52
C VAL A 1557 -40.87 -28.42 13.81
N ALA A 1558 -40.46 -27.61 14.78
CA ALA A 1558 -41.22 -27.48 16.02
C ALA A 1558 -42.48 -26.64 15.82
N ASN A 1559 -42.41 -25.59 14.99
CA ASN A 1559 -43.59 -24.79 14.68
C ASN A 1559 -44.68 -25.64 14.05
N LYS A 1560 -44.29 -26.61 13.21
CA LYS A 1560 -45.26 -27.56 12.67
C LYS A 1560 -46.00 -28.29 13.78
N TYR A 1561 -45.34 -28.52 14.92
CA TYR A 1561 -45.96 -29.15 16.08
C TYR A 1561 -46.60 -28.11 17.01
N GLY A 1562 -46.89 -26.91 16.52
CA GLY A 1562 -47.53 -25.89 17.32
C GLY A 1562 -46.74 -25.47 18.53
N ILE A 1563 -45.48 -25.09 18.32
CA ILE A 1563 -44.59 -24.65 19.40
C ILE A 1563 -44.14 -23.23 19.07
N ASN A 1564 -44.56 -22.27 19.88
CA ASN A 1564 -44.23 -20.87 19.67
C ASN A 1564 -43.30 -20.30 20.73
N ASP A 1565 -43.50 -20.66 22.00
CA ASP A 1565 -42.67 -20.20 23.09
C ASP A 1565 -41.81 -21.35 23.63
N ILE A 1566 -40.78 -20.99 24.39
CA ILE A 1566 -39.98 -22.01 25.06
C ILE A 1566 -40.77 -22.65 26.19
N PHE A 1567 -41.69 -21.89 26.81
CA PHE A 1567 -42.58 -22.48 27.80
C PHE A 1567 -43.46 -23.56 27.18
N ASP A 1568 -44.02 -23.28 26.00
CA ASP A 1568 -44.79 -24.28 25.28
C ASP A 1568 -43.92 -25.46 24.88
N PHE A 1569 -42.63 -25.23 24.66
CA PHE A 1569 -41.73 -26.32 24.30
C PHE A 1569 -41.48 -27.23 25.50
N MET A 1570 -41.14 -26.66 26.65
CA MET A 1570 -40.85 -27.48 27.82
C MET A 1570 -42.11 -28.12 28.39
N GLU A 1571 -43.27 -27.49 28.18
CA GLU A 1571 -44.52 -28.10 28.63
C GLU A 1571 -44.92 -29.28 27.76
N GLN A 1572 -44.55 -29.27 26.48
CA GLN A 1572 -44.91 -30.32 25.55
C GLN A 1572 -43.85 -31.41 25.43
N MET A 1573 -42.88 -31.44 26.33
CA MET A 1573 -42.00 -32.60 26.42
C MET A 1573 -42.80 -33.82 26.87
N ASN A 1574 -42.29 -35.00 26.54
CA ASN A 1574 -43.06 -36.24 26.64
C ASN A 1574 -42.41 -37.27 27.56
N PRO A 1575 -42.26 -36.97 28.87
CA PRO A 1575 -41.99 -38.06 29.82
C PRO A 1575 -43.24 -38.92 30.02
N GLU A 1576 -44.37 -38.26 30.26
CA GLU A 1576 -45.66 -38.90 30.33
C GLU A 1576 -46.77 -38.04 29.72
N GLU A 1577 -46.43 -36.88 29.15
CA GLU A 1577 -47.45 -35.92 28.74
C GLU A 1577 -48.18 -36.36 27.48
N ASN A 1578 -47.46 -36.51 26.38
CA ASN A 1578 -48.04 -36.84 25.08
C ASN A 1578 -47.23 -37.94 24.42
N PRO A 1579 -47.84 -38.67 23.47
CA PRO A 1579 -47.08 -39.69 22.73
C PRO A 1579 -46.28 -39.11 21.57
N ASN A 1580 -46.07 -37.79 21.58
CA ASN A 1580 -45.39 -37.11 20.49
C ASN A 1580 -43.89 -37.38 20.46
N TYR A 1581 -43.34 -38.01 21.50
CA TYR A 1581 -41.89 -38.19 21.58
C TYR A 1581 -41.34 -38.92 20.37
N ALA A 1582 -41.86 -40.13 20.10
CA ALA A 1582 -41.38 -40.94 19.00
C ALA A 1582 -41.51 -40.24 17.65
N SER A 1583 -42.37 -39.22 17.55
CA SER A 1583 -42.52 -38.45 16.33
C SER A 1583 -41.67 -37.18 16.34
N LEU A 1584 -41.80 -36.40 17.42
CA LEU A 1584 -41.11 -35.11 17.49
C LEU A 1584 -39.59 -35.30 17.46
N VAL A 1585 -39.07 -36.24 18.26
CA VAL A 1585 -37.62 -36.43 18.31
C VAL A 1585 -37.09 -36.85 16.95
N LYS A 1586 -37.78 -37.78 16.30
CA LYS A 1586 -37.34 -38.23 14.97
C LYS A 1586 -37.44 -37.11 13.94
N ASP A 1587 -38.39 -36.19 14.10
CA ASP A 1587 -38.49 -35.08 13.17
C ASP A 1587 -37.44 -34.00 13.43
N LEU A 1588 -36.97 -33.89 14.67
CA LEU A 1588 -35.98 -32.84 14.98
C LEU A 1588 -34.60 -33.17 14.44
N GLY A 1589 -34.29 -34.45 14.24
CA GLY A 1589 -33.00 -34.85 13.74
C GLY A 1589 -31.84 -34.59 14.67
N LEU A 1590 -32.10 -34.27 15.94
CA LEU A 1590 -31.05 -34.03 16.91
C LEU A 1590 -30.64 -35.33 17.59
N THR A 1591 -29.36 -35.45 17.90
CA THR A 1591 -28.85 -36.60 18.63
C THR A 1591 -29.12 -36.43 20.13
N GLN A 1592 -28.97 -37.54 20.87
CA GLN A 1592 -29.24 -37.52 22.30
C GLN A 1592 -28.36 -36.50 23.03
N ALA A 1593 -27.13 -36.30 22.55
CA ALA A 1593 -26.26 -35.28 23.13
C ALA A 1593 -26.84 -33.89 22.90
N GLN A 1594 -27.30 -33.61 21.69
CA GLN A 1594 -27.89 -32.31 21.39
C GLN A 1594 -29.19 -32.11 22.15
N LEU A 1595 -29.98 -33.17 22.30
CA LEU A 1595 -31.20 -33.07 23.09
C LEU A 1595 -30.88 -32.79 24.55
N ALA A 1596 -29.80 -33.38 25.07
CA ALA A 1596 -29.38 -33.10 26.44
C ALA A 1596 -28.93 -31.66 26.59
N GLN A 1597 -28.16 -31.15 25.63
CA GLN A 1597 -27.74 -29.75 25.69
C GLN A 1597 -28.94 -28.81 25.57
N ALA A 1598 -29.98 -29.23 24.85
CA ALA A 1598 -31.21 -28.45 24.78
C ALA A 1598 -31.91 -28.43 26.15
N ALA A 1599 -32.07 -29.61 26.75
CA ALA A 1599 -32.68 -29.70 28.08
C ALA A 1599 -31.92 -28.87 29.09
N ASN A 1600 -30.60 -28.78 28.96
CA ASN A 1600 -29.80 -27.94 29.86
C ASN A 1600 -30.33 -26.52 29.89
N PHE A 1601 -30.40 -25.87 28.73
CA PHE A 1601 -30.88 -24.49 28.68
C PHE A 1601 -32.34 -24.40 29.10
N THR A 1602 -33.18 -25.33 28.64
CA THR A 1602 -34.61 -25.19 28.90
C THR A 1602 -34.98 -25.44 30.35
N ASN A 1603 -34.16 -26.16 31.11
CA ASN A 1603 -34.50 -26.52 32.48
C ASN A 1603 -33.66 -25.85 33.54
N ASN A 1604 -32.43 -25.45 33.23
CA ASN A 1604 -31.50 -24.98 34.25
C ASN A 1604 -31.33 -23.46 34.26
N LYS A 1605 -31.44 -22.79 33.11
CA LYS A 1605 -31.12 -21.37 33.02
C LYS A 1605 -32.28 -20.48 32.62
N TYR A 1606 -33.36 -21.04 32.07
CA TYR A 1606 -34.44 -20.18 31.60
C TYR A 1606 -35.31 -19.75 32.77
N PRO A 1607 -35.72 -18.48 32.82
CA PRO A 1607 -36.53 -18.00 33.94
C PRO A 1607 -37.96 -18.51 33.88
N ASP A 1608 -38.61 -18.44 35.04
CA ASP A 1608 -40.01 -18.84 35.15
C ASP A 1608 -40.73 -17.97 36.18
N PRO A 1626 -47.87 12.14 43.53
CA PRO A 1626 -47.06 10.93 43.70
C PRO A 1626 -47.04 10.43 45.15
N ALA A 1627 -47.67 9.30 45.41
CA ALA A 1627 -47.77 8.76 46.76
C ALA A 1627 -47.01 7.46 46.93
N TYR A 1628 -47.32 6.44 46.14
CA TYR A 1628 -46.74 5.11 46.33
C TYR A 1628 -47.11 4.24 45.12
N LEU A 1629 -46.70 2.97 45.19
CA LEU A 1629 -47.11 1.95 44.24
C LEU A 1629 -46.79 0.59 44.84
N LYS A 1630 -47.80 -0.28 44.91
CA LYS A 1630 -47.63 -1.60 45.50
C LYS A 1630 -46.64 -2.43 44.68
N ILE A 1631 -46.28 -3.59 45.22
CA ILE A 1631 -45.30 -4.46 44.58
C ILE A 1631 -45.50 -5.87 45.10
N HIS A 1632 -45.30 -6.86 44.22
CA HIS A 1632 -45.50 -8.26 44.55
C HIS A 1632 -44.65 -9.09 43.60
N ILE A 1633 -43.65 -9.80 44.15
CA ILE A 1633 -42.70 -10.55 43.34
C ILE A 1633 -42.57 -11.97 43.89
N GLU A 1634 -42.21 -12.90 43.00
CA GLU A 1634 -41.92 -14.28 43.36
C GLU A 1634 -40.90 -14.82 42.37
N ARG A 1635 -40.39 -16.02 42.66
CA ARG A 1635 -39.49 -16.72 41.76
C ARG A 1635 -39.98 -18.15 41.57
N GLU A 1636 -39.36 -18.85 40.62
CA GLU A 1636 -39.73 -20.23 40.31
C GLU A 1636 -39.50 -21.17 41.50
N PHE A 1643 -31.38 -18.26 42.39
CA PHE A 1643 -30.77 -19.07 41.35
C PHE A 1643 -29.37 -18.57 41.00
N ASP A 1644 -28.74 -19.22 40.02
CA ASP A 1644 -27.44 -18.80 39.53
C ASP A 1644 -27.62 -17.61 38.59
N PRO A 1645 -27.11 -16.42 38.94
CA PRO A 1645 -27.27 -15.26 38.06
C PRO A 1645 -26.56 -15.40 36.72
N THR A 1646 -25.66 -16.37 36.58
CA THR A 1646 -24.95 -16.57 35.32
C THR A 1646 -25.93 -16.85 34.19
N VAL A 1647 -25.80 -16.08 33.11
CA VAL A 1647 -26.69 -16.19 31.96
C VAL A 1647 -26.11 -17.15 30.95
N HIS A 1648 -26.93 -18.04 30.42
CA HIS A 1648 -26.53 -18.92 29.33
C HIS A 1648 -26.62 -18.12 28.02
N ALA A 1649 -25.47 -17.73 27.49
CA ALA A 1649 -25.41 -16.94 26.26
C ALA A 1649 -24.16 -17.33 25.48
N PRO A 1650 -24.24 -18.41 24.69
CA PRO A 1650 -23.04 -18.90 24.00
C PRO A 1650 -22.45 -17.92 22.99
N PHE A 1651 -23.26 -17.00 22.46
CA PHE A 1651 -22.80 -16.09 21.42
C PHE A 1651 -22.36 -14.74 21.96
N TYR A 1652 -22.44 -14.52 23.28
CA TYR A 1652 -22.01 -13.26 23.87
C TYR A 1652 -20.70 -13.46 24.61
N PRO A 1653 -19.62 -12.77 24.22
CA PRO A 1653 -18.36 -12.90 24.94
C PRO A 1653 -18.40 -12.16 26.27
N GLY A 1654 -18.30 -12.91 27.36
CA GLY A 1654 -18.29 -12.34 28.68
C GLY A 1654 -19.29 -13.00 29.59
N LYS A 1655 -19.72 -12.27 30.61
CA LYS A 1655 -20.67 -12.77 31.60
C LYS A 1655 -21.65 -11.66 31.96
N LYS A 1656 -22.89 -12.05 32.22
CA LYS A 1656 -23.95 -11.12 32.57
C LYS A 1656 -24.80 -11.70 33.69
N SER A 1657 -25.40 -10.80 34.47
CA SER A 1657 -26.33 -11.16 35.53
C SER A 1657 -27.74 -10.77 35.11
N GLU A 1658 -28.71 -11.58 35.50
CA GLU A 1658 -30.09 -11.36 35.06
C GLU A 1658 -30.70 -10.17 35.76
N ASN A 1659 -30.53 -8.98 35.19
CA ASN A 1659 -31.19 -7.80 35.71
C ASN A 1659 -32.63 -7.73 35.18
N TRP A 1660 -33.39 -6.79 35.73
CA TRP A 1660 -34.76 -6.56 35.28
C TRP A 1660 -35.08 -5.08 35.42
N TRP A 1661 -35.83 -4.56 34.47
CA TRP A 1661 -36.35 -3.21 34.54
C TRP A 1661 -37.82 -3.24 34.94
N LEU A 1662 -38.23 -2.28 35.77
CA LEU A 1662 -39.63 -2.14 36.16
C LEU A 1662 -40.12 -0.76 35.78
N VAL A 1663 -41.17 -0.73 34.96
CA VAL A 1663 -41.82 0.52 34.58
C VAL A 1663 -43.15 0.15 33.98
N VAL A 1664 -44.12 1.04 34.07
CA VAL A 1664 -45.43 0.88 33.46
C VAL A 1664 -45.88 2.23 32.92
N GLY A 1665 -47.05 2.25 32.30
CA GLY A 1665 -47.59 3.48 31.76
C GLY A 1665 -48.73 3.20 30.79
N GLU A 1666 -49.06 4.23 30.02
CA GLU A 1666 -50.11 4.16 29.03
C GLU A 1666 -49.51 4.38 27.65
N GLU A 1667 -50.02 3.64 26.66
CA GLU A 1667 -49.41 3.66 25.33
C GLU A 1667 -49.78 4.92 24.56
N SER A 1668 -51.02 5.39 24.69
CA SER A 1668 -51.46 6.56 23.93
C SER A 1668 -50.89 7.87 24.47
N THR A 1669 -50.51 7.91 25.74
CA THR A 1669 -50.08 9.16 26.36
C THR A 1669 -48.68 9.58 25.95
N LYS A 1670 -47.85 8.65 25.49
CA LYS A 1670 -46.46 8.93 25.10
C LYS A 1670 -45.66 9.53 26.25
N THR A 1671 -45.86 8.98 27.46
CA THR A 1671 -45.10 9.40 28.63
C THR A 1671 -44.74 8.18 29.46
N LEU A 1672 -43.53 8.17 30.01
CA LEU A 1672 -42.99 7.04 30.74
C LEU A 1672 -43.00 7.31 32.24
N LEU A 1673 -42.97 6.24 33.02
CA LEU A 1673 -42.86 6.30 34.46
C LEU A 1673 -41.39 6.20 34.88
N ALA A 1674 -41.14 6.54 36.15
CA ALA A 1674 -39.82 6.33 36.72
C ALA A 1674 -39.51 4.83 36.76
N ILE A 1675 -38.25 4.50 36.46
CA ILE A 1675 -37.83 3.12 36.30
C ILE A 1675 -36.67 2.85 37.25
N LYS A 1676 -36.66 1.65 37.84
CA LYS A 1676 -35.61 1.28 38.79
C LYS A 1676 -35.04 -0.07 38.38
N ARG A 1677 -33.71 -0.14 38.28
CA ARG A 1677 -33.00 -1.29 37.76
C ARG A 1677 -32.90 -2.36 38.84
N VAL A 1678 -33.82 -3.34 38.83
CA VAL A 1678 -33.92 -4.32 39.90
C VAL A 1678 -32.93 -5.45 39.65
N THR A 1679 -32.47 -6.06 40.74
CA THR A 1679 -31.19 -6.75 40.81
C THR A 1679 -31.29 -8.24 40.48
N VAL A 1680 -32.16 -8.98 41.17
CA VAL A 1680 -32.20 -10.43 41.02
C VAL A 1680 -33.57 -11.00 41.35
N GLU A 1683 -37.40 -12.30 45.86
CA GLU A 1683 -38.00 -11.76 47.07
C GLU A 1683 -37.50 -10.34 47.36
N LEU A 1684 -37.79 -9.41 46.46
CA LEU A 1684 -37.43 -8.00 46.63
C LEU A 1684 -38.64 -7.15 46.28
N ASN A 1685 -39.17 -6.45 47.27
CA ASN A 1685 -40.36 -5.60 47.10
C ASN A 1685 -39.91 -4.14 46.99
N VAL A 1686 -40.07 -3.56 45.81
CA VAL A 1686 -39.67 -2.19 45.54
C VAL A 1686 -40.89 -1.40 45.09
N LYS A 1687 -41.15 -0.28 45.74
CA LYS A 1687 -42.28 0.58 45.41
C LYS A 1687 -41.85 1.62 44.38
N LEU A 1688 -42.74 2.56 44.07
CA LEU A 1688 -42.52 3.51 42.98
C LEU A 1688 -43.32 4.77 43.25
N GLU A 1689 -42.69 5.93 42.99
CA GLU A 1689 -43.35 7.21 43.11
C GLU A 1689 -43.94 7.60 41.75
N PHE A 1690 -45.26 7.75 41.70
CA PHE A 1690 -45.99 7.93 40.43
C PHE A 1690 -46.39 9.39 40.29
N VAL A 1691 -45.55 10.15 39.59
CA VAL A 1691 -45.79 11.58 39.39
C VAL A 1691 -46.67 11.81 38.17
N PHE A 1703 -43.96 -3.44 33.89
CA PHE A 1703 -43.43 -4.65 33.26
C PHE A 1703 -42.16 -5.11 33.94
N LEU A 1704 -41.83 -6.39 33.79
CA LEU A 1704 -40.57 -6.95 34.25
C LEU A 1704 -39.75 -7.27 33.00
N MET A 1705 -38.78 -6.41 32.71
CA MET A 1705 -38.00 -6.49 31.47
C MET A 1705 -36.66 -7.15 31.75
N SER A 1706 -36.52 -8.40 31.31
CA SER A 1706 -35.23 -9.08 31.43
C SER A 1706 -34.25 -8.53 30.39
N ASP A 1707 -32.98 -8.54 30.75
CA ASP A 1707 -31.93 -7.99 29.90
C ASP A 1707 -31.25 -9.04 29.04
N SER A 1708 -31.50 -10.33 29.29
CA SER A 1708 -30.75 -11.38 28.62
C SER A 1708 -31.60 -12.56 28.18
N TYR A 1709 -32.92 -12.44 28.21
CA TYR A 1709 -33.81 -13.53 27.80
C TYR A 1709 -35.04 -12.96 27.11
N VAL A 1710 -35.77 -13.83 26.42
CA VAL A 1710 -36.84 -13.41 25.52
C VAL A 1710 -38.20 -13.60 26.16
N GLY A 1711 -38.33 -14.56 27.06
CA GLY A 1711 -39.57 -14.72 27.80
C GLY A 1711 -39.67 -13.66 28.87
N VAL A 1712 -39.89 -12.43 28.44
CA VAL A 1712 -39.49 -11.26 29.21
C VAL A 1712 -40.58 -10.74 30.14
N ASP A 1713 -41.69 -10.27 29.58
CA ASP A 1713 -42.56 -9.36 30.31
C ASP A 1713 -44.00 -9.86 30.37
N GLN A 1714 -44.69 -9.44 31.42
CA GLN A 1714 -46.14 -9.55 31.54
C GLN A 1714 -46.76 -8.20 31.20
N ASP A 1715 -48.07 -8.21 30.98
CA ASP A 1715 -48.77 -7.00 30.57
C ASP A 1715 -49.85 -6.62 31.57
#